data_1UFZ
#
_entry.id   1UFZ
#
_entity_poly.entity_id   1
_entity_poly.type   'polypeptide(L)'
_entity_poly.pdbx_seq_one_letter_code
;GSSGSSGEYGYEDLRESSNSLLNHQLSEIDQARLYSCLDHMREVLGDAVPDDILTEAILKHKFDVQKALSVVLEQDGSGP
SSG
;
_entity_poly.pdbx_strand_id   A
#
# COMPACT_ATOMS: atom_id res chain seq x y z
N GLY A 1 -11.28 4.01 17.62
CA GLY A 1 -9.97 4.57 17.87
C GLY A 1 -9.55 4.38 19.32
N SER A 2 -9.95 5.34 20.14
CA SER A 2 -9.63 5.30 21.56
C SER A 2 -10.35 4.12 22.22
N SER A 3 -9.68 3.52 23.19
CA SER A 3 -10.25 2.39 23.91
C SER A 3 -10.87 1.40 22.92
N GLY A 4 -10.00 0.58 22.33
CA GLY A 4 -10.45 -0.41 21.37
C GLY A 4 -9.76 -1.75 21.59
N SER A 5 -8.66 -1.95 20.88
CA SER A 5 -7.89 -3.18 21.00
C SER A 5 -6.42 -2.86 21.31
N SER A 6 -6.00 -3.27 22.49
CA SER A 6 -4.64 -3.04 22.92
C SER A 6 -4.19 -4.15 23.87
N GLY A 7 -2.88 -4.22 24.07
CA GLY A 7 -2.31 -5.23 24.95
C GLY A 7 -2.22 -6.58 24.25
N GLU A 8 -1.37 -7.44 24.80
CA GLU A 8 -1.17 -8.76 24.24
C GLU A 8 -2.44 -9.62 24.45
N TYR A 9 -2.75 -9.84 25.71
CA TYR A 9 -3.92 -10.64 26.06
C TYR A 9 -5.08 -10.35 25.10
N GLY A 10 -5.47 -9.10 25.06
CA GLY A 10 -6.57 -8.68 24.19
C GLY A 10 -6.50 -9.40 22.84
N TYR A 11 -5.47 -9.08 22.09
CA TYR A 11 -5.28 -9.69 20.78
C TYR A 11 -5.64 -11.18 20.82
N GLU A 12 -5.06 -11.88 21.77
CA GLU A 12 -5.32 -13.30 21.93
C GLU A 12 -6.82 -13.59 21.84
N ASP A 13 -7.57 -12.94 22.71
CA ASP A 13 -9.01 -13.11 22.74
C ASP A 13 -9.57 -12.90 21.33
N LEU A 14 -9.27 -11.73 20.78
CA LEU A 14 -9.75 -11.40 19.45
C LEU A 14 -9.58 -12.62 18.54
N ARG A 15 -8.37 -13.17 18.54
CA ARG A 15 -8.09 -14.34 17.72
C ARG A 15 -8.21 -13.99 16.24
N GLU A 16 -7.04 -13.74 15.63
CA GLU A 16 -7.01 -13.39 14.22
C GLU A 16 -7.86 -12.15 13.95
N SER A 17 -7.59 -11.51 12.81
CA SER A 17 -8.31 -10.32 12.44
C SER A 17 -9.82 -10.55 12.57
N SER A 18 -10.40 -9.91 13.57
CA SER A 18 -11.83 -10.04 13.82
C SER A 18 -12.60 -9.87 12.51
N ASN A 19 -12.40 -8.72 11.89
CA ASN A 19 -13.07 -8.42 10.63
C ASN A 19 -12.03 -8.00 9.59
N SER A 20 -12.11 -8.65 8.44
CA SER A 20 -11.18 -8.36 7.36
C SER A 20 -11.73 -7.23 6.48
N LEU A 21 -12.94 -7.46 5.97
CA LEU A 21 -13.58 -6.47 5.12
C LEU A 21 -13.34 -5.08 5.70
N LEU A 22 -13.88 -4.86 6.89
CA LEU A 22 -13.72 -3.57 7.55
C LEU A 22 -12.30 -3.06 7.34
N ASN A 23 -11.35 -3.77 7.94
CA ASN A 23 -9.95 -3.40 7.83
C ASN A 23 -9.66 -2.95 6.40
N HIS A 24 -9.93 -3.86 5.47
CA HIS A 24 -9.71 -3.58 4.06
C HIS A 24 -10.23 -2.18 3.71
N GLN A 25 -11.52 -2.00 3.93
CA GLN A 25 -12.15 -0.72 3.66
C GLN A 25 -11.24 0.42 4.10
N LEU A 26 -10.59 0.21 5.23
CA LEU A 26 -9.70 1.22 5.78
C LEU A 26 -10.48 2.51 6.05
N SER A 27 -9.98 3.28 7.00
CA SER A 27 -10.61 4.54 7.36
C SER A 27 -10.52 5.52 6.20
N GLU A 28 -11.62 6.21 5.96
CA GLU A 28 -11.68 7.18 4.88
C GLU A 28 -10.38 7.99 4.82
N ILE A 29 -9.94 8.43 5.98
CA ILE A 29 -8.71 9.21 6.07
C ILE A 29 -7.58 8.45 5.37
N ASP A 30 -7.13 7.39 6.02
CA ASP A 30 -6.06 6.58 5.47
C ASP A 30 -6.32 6.33 3.99
N GLN A 31 -7.52 5.81 3.71
CA GLN A 31 -7.91 5.52 2.34
C GLN A 31 -7.47 6.66 1.42
N ALA A 32 -7.95 7.85 1.74
CA ALA A 32 -7.62 9.03 0.94
C ALA A 32 -6.11 9.10 0.76
N ARG A 33 -5.39 8.71 1.80
CA ARG A 33 -3.94 8.73 1.77
C ARG A 33 -3.41 7.60 0.89
N LEU A 34 -3.90 6.40 1.16
CA LEU A 34 -3.49 5.23 0.40
C LEU A 34 -3.68 5.51 -1.09
N TYR A 35 -4.92 5.84 -1.44
CA TYR A 35 -5.24 6.13 -2.83
C TYR A 35 -4.42 7.31 -3.36
N SER A 36 -4.31 8.33 -2.53
CA SER A 36 -3.56 9.52 -2.90
C SER A 36 -2.09 9.16 -3.09
N CYS A 37 -1.70 8.04 -2.51
CA CYS A 37 -0.32 7.57 -2.61
C CYS A 37 -0.24 6.59 -3.78
N LEU A 38 -1.01 5.52 -3.67
CA LEU A 38 -1.03 4.50 -4.70
C LEU A 38 -1.02 5.17 -6.08
N ASP A 39 -2.06 5.97 -6.31
CA ASP A 39 -2.19 6.67 -7.57
C ASP A 39 -0.81 7.16 -8.02
N HIS A 40 -0.15 7.89 -7.14
CA HIS A 40 1.17 8.42 -7.43
C HIS A 40 2.08 7.29 -7.92
N MET A 41 2.47 6.44 -6.98
CA MET A 41 3.33 5.32 -7.30
C MET A 41 2.79 4.54 -8.49
N ARG A 42 1.50 4.69 -8.72
CA ARG A 42 0.84 4.01 -9.83
C ARG A 42 1.37 4.54 -11.16
N GLU A 43 1.21 5.84 -11.35
CA GLU A 43 1.64 6.49 -12.57
C GLU A 43 3.12 6.19 -12.83
N VAL A 44 3.80 5.75 -11.77
CA VAL A 44 5.21 5.43 -11.87
C VAL A 44 5.36 3.93 -12.19
N LEU A 45 5.13 3.12 -11.18
CA LEU A 45 5.24 1.67 -11.34
C LEU A 45 3.89 1.11 -11.81
N GLY A 46 2.83 1.68 -11.25
CA GLY A 46 1.48 1.25 -11.60
C GLY A 46 1.40 0.88 -13.09
N ASP A 47 2.19 1.58 -13.89
CA ASP A 47 2.21 1.35 -15.32
C ASP A 47 2.12 -0.16 -15.59
N ALA A 48 3.10 -0.88 -15.04
CA ALA A 48 3.14 -2.32 -15.22
C ALA A 48 2.83 -3.00 -13.87
N VAL A 49 3.37 -2.41 -12.82
CA VAL A 49 3.18 -2.94 -11.48
C VAL A 49 1.71 -2.75 -11.08
N PRO A 50 1.19 -3.76 -10.33
CA PRO A 50 -0.19 -3.72 -9.88
C PRO A 50 -0.36 -2.73 -8.72
N ASP A 51 -1.48 -2.88 -8.02
CA ASP A 51 -1.76 -2.02 -6.89
C ASP A 51 -1.23 -2.65 -5.61
N ASP A 52 -1.61 -3.90 -5.39
CA ASP A 52 -1.18 -4.63 -4.21
C ASP A 52 0.28 -4.29 -3.92
N ILE A 53 1.13 -4.63 -4.87
CA ILE A 53 2.56 -4.37 -4.72
C ILE A 53 2.76 -2.99 -4.08
N LEU A 54 2.18 -1.98 -4.74
CA LEU A 54 2.29 -0.62 -4.24
C LEU A 54 1.65 -0.53 -2.86
N THR A 55 0.41 -1.01 -2.78
CA THR A 55 -0.31 -0.99 -1.52
C THR A 55 0.58 -1.47 -0.38
N GLU A 56 1.14 -2.65 -0.56
CA GLU A 56 2.02 -3.24 0.43
C GLU A 56 3.14 -2.26 0.80
N ALA A 57 3.91 -1.89 -0.21
CA ALA A 57 5.01 -0.97 0.00
C ALA A 57 4.57 0.14 0.96
N ILE A 58 3.40 0.71 0.66
CA ILE A 58 2.85 1.77 1.48
C ILE A 58 2.74 1.29 2.92
N LEU A 59 2.12 0.13 3.09
CA LEU A 59 1.95 -0.45 4.41
C LEU A 59 3.30 -0.91 4.94
N LYS A 60 4.27 -0.98 4.04
CA LYS A 60 5.61 -1.40 4.40
C LYS A 60 6.30 -0.27 5.18
N HIS A 61 5.79 0.94 4.99
CA HIS A 61 6.34 2.10 5.66
C HIS A 61 5.20 2.98 6.19
N LYS A 62 4.12 2.32 6.54
CA LYS A 62 2.95 3.03 7.06
C LYS A 62 2.76 4.33 6.28
N PHE A 63 2.40 4.16 5.01
CA PHE A 63 2.19 5.32 4.15
C PHE A 63 3.42 6.21 4.10
N ASP A 64 4.29 5.91 3.14
CA ASP A 64 5.52 6.68 2.97
C ASP A 64 6.03 6.49 1.54
N VAL A 65 5.26 7.00 0.60
CA VAL A 65 5.63 6.89 -0.81
C VAL A 65 7.13 7.12 -0.95
N GLN A 66 7.58 8.26 -0.45
CA GLN A 66 8.99 8.60 -0.52
C GLN A 66 9.86 7.38 -0.25
N LYS A 67 9.42 6.59 0.74
CA LYS A 67 10.15 5.39 1.10
C LYS A 67 9.68 4.23 0.21
N ALA A 68 8.37 4.02 0.21
CA ALA A 68 7.79 2.95 -0.58
C ALA A 68 8.41 2.95 -1.98
N LEU A 69 8.66 4.16 -2.48
CA LEU A 69 9.25 4.31 -3.80
C LEU A 69 10.73 3.93 -3.73
N SER A 70 11.44 4.60 -2.84
CA SER A 70 12.87 4.33 -2.66
C SER A 70 13.11 2.83 -2.51
N VAL A 71 12.10 2.16 -1.97
CA VAL A 71 12.19 0.73 -1.75
C VAL A 71 11.65 0.00 -2.99
N VAL A 72 10.51 0.46 -3.45
CA VAL A 72 9.87 -0.13 -4.62
C VAL A 72 10.82 -0.01 -5.82
N LEU A 73 11.76 0.91 -5.70
CA LEU A 73 12.73 1.13 -6.76
C LEU A 73 13.90 0.17 -6.58
N GLU A 74 14.46 0.18 -5.37
CA GLU A 74 15.59 -0.68 -5.05
C GLU A 74 15.17 -2.15 -5.16
N GLN A 75 13.86 -2.38 -5.09
CA GLN A 75 13.34 -3.72 -5.18
C GLN A 75 13.60 -4.32 -6.56
N ASP A 76 13.35 -3.50 -7.57
CA ASP A 76 13.56 -3.93 -8.95
C ASP A 76 15.05 -3.76 -9.31
N GLY A 77 15.56 -2.58 -8.99
CA GLY A 77 16.96 -2.29 -9.28
C GLY A 77 17.87 -3.41 -8.77
N SER A 78 17.38 -4.10 -7.75
CA SER A 78 18.15 -5.20 -7.17
C SER A 78 18.57 -6.19 -8.25
N GLY A 79 17.60 -6.52 -9.10
CA GLY A 79 17.85 -7.46 -10.18
C GLY A 79 19.14 -7.10 -10.93
N PRO A 80 19.07 -5.97 -11.69
CA PRO A 80 20.21 -5.51 -12.45
C PRO A 80 21.26 -4.87 -11.54
N SER A 81 22.40 -5.54 -11.45
CA SER A 81 23.49 -5.06 -10.61
C SER A 81 24.81 -5.68 -11.05
N SER A 82 25.90 -5.00 -10.73
CA SER A 82 27.22 -5.48 -11.08
C SER A 82 27.40 -5.46 -12.60
N GLY A 83 28.65 -5.56 -13.02
CA GLY A 83 28.97 -5.55 -14.43
C GLY A 83 30.46 -5.28 -14.66
N GLY A 1 -3.19 -24.32 6.30
CA GLY A 1 -3.21 -24.49 4.86
C GLY A 1 -4.44 -23.81 4.25
N SER A 2 -5.00 -24.46 3.24
CA SER A 2 -6.17 -23.94 2.56
C SER A 2 -7.40 -24.08 3.47
N SER A 3 -8.19 -23.02 3.50
CA SER A 3 -9.40 -23.01 4.32
C SER A 3 -10.41 -22.02 3.74
N GLY A 4 -11.68 -22.30 4.02
CA GLY A 4 -12.75 -21.44 3.54
C GLY A 4 -13.98 -21.53 4.46
N SER A 5 -14.51 -20.36 4.80
CA SER A 5 -15.67 -20.29 5.67
C SER A 5 -16.06 -18.84 5.90
N SER A 6 -15.10 -18.06 6.39
CA SER A 6 -15.34 -16.65 6.66
C SER A 6 -16.25 -16.50 7.87
N GLY A 7 -17.49 -16.94 7.70
CA GLY A 7 -18.47 -16.86 8.77
C GLY A 7 -18.85 -15.40 9.05
N GLU A 8 -20.14 -15.20 9.30
CA GLU A 8 -20.64 -13.87 9.59
C GLU A 8 -20.63 -13.61 11.09
N TYR A 9 -21.25 -14.52 11.83
CA TYR A 9 -21.31 -14.40 13.27
C TYR A 9 -19.94 -14.07 13.86
N GLY A 10 -18.94 -14.81 13.41
CA GLY A 10 -17.58 -14.60 13.88
C GLY A 10 -17.29 -13.11 14.05
N TYR A 11 -17.28 -12.41 12.92
CA TYR A 11 -17.01 -10.98 12.94
C TYR A 11 -17.64 -10.31 14.15
N GLU A 12 -18.94 -10.51 14.29
CA GLU A 12 -19.69 -9.93 15.39
C GLU A 12 -19.21 -10.54 16.71
N ASP A 13 -19.17 -11.87 16.73
CA ASP A 13 -18.74 -12.58 17.93
C ASP A 13 -17.51 -11.89 18.52
N LEU A 14 -16.49 -11.73 17.69
CA LEU A 14 -15.27 -11.08 18.11
C LEU A 14 -15.60 -9.77 18.82
N ARG A 15 -16.42 -8.96 18.14
CA ARG A 15 -16.82 -7.68 18.69
C ARG A 15 -15.60 -6.92 19.20
N GLU A 16 -15.03 -6.12 18.31
CA GLU A 16 -13.86 -5.33 18.65
C GLU A 16 -12.61 -6.21 18.65
N SER A 17 -11.77 -5.99 17.64
CA SER A 17 -10.54 -6.75 17.52
C SER A 17 -9.77 -6.30 16.27
N SER A 18 -8.45 -6.35 16.40
CA SER A 18 -7.59 -5.94 15.29
C SER A 18 -8.16 -6.45 13.97
N ASN A 19 -8.17 -7.77 13.85
CA ASN A 19 -8.69 -8.40 12.63
C ASN A 19 -7.98 -7.79 11.42
N SER A 20 -6.99 -8.52 10.92
CA SER A 20 -6.24 -8.08 9.77
C SER A 20 -7.19 -7.53 8.70
N LEU A 21 -8.26 -8.27 8.49
CA LEU A 21 -9.26 -7.89 7.50
C LEU A 21 -9.66 -6.43 7.73
N LEU A 22 -10.22 -6.19 8.91
CA LEU A 22 -10.66 -4.85 9.27
C LEU A 22 -9.58 -3.84 8.85
N ASN A 23 -8.41 -4.00 9.44
CA ASN A 23 -7.29 -3.12 9.14
C ASN A 23 -7.23 -2.86 7.64
N HIS A 24 -7.24 -3.96 6.88
CA HIS A 24 -7.19 -3.87 5.44
C HIS A 24 -8.09 -2.73 4.96
N GLN A 25 -9.34 -2.78 5.39
CA GLN A 25 -10.31 -1.76 5.02
C GLN A 25 -9.65 -0.38 5.04
N LEU A 26 -8.81 -0.18 6.04
CA LEU A 26 -8.11 1.09 6.19
C LEU A 26 -9.15 2.21 6.38
N SER A 27 -9.08 2.84 7.54
CA SER A 27 -9.99 3.92 7.87
C SER A 27 -10.11 4.87 6.66
N GLU A 28 -11.33 5.36 6.47
CA GLU A 28 -11.60 6.28 5.38
C GLU A 28 -10.44 7.26 5.21
N ILE A 29 -10.13 7.96 6.29
CA ILE A 29 -9.05 8.93 6.28
C ILE A 29 -7.81 8.30 5.65
N ASP A 30 -7.36 7.21 6.26
CA ASP A 30 -6.19 6.51 5.77
C ASP A 30 -6.39 6.16 4.29
N GLN A 31 -7.52 5.52 4.01
CA GLN A 31 -7.84 5.13 2.65
C GLN A 31 -7.44 6.23 1.67
N ALA A 32 -8.01 7.41 1.89
CA ALA A 32 -7.72 8.55 1.03
C ALA A 32 -6.22 8.61 0.77
N ARG A 33 -5.47 8.82 1.84
CA ARG A 33 -4.03 8.90 1.74
C ARG A 33 -3.48 7.74 0.93
N LEU A 34 -3.91 6.54 1.30
CA LEU A 34 -3.47 5.34 0.60
C LEU A 34 -3.66 5.53 -0.90
N TYR A 35 -4.90 5.82 -1.28
CA TYR A 35 -5.22 6.03 -2.68
C TYR A 35 -4.45 7.20 -3.26
N SER A 36 -4.33 8.25 -2.45
CA SER A 36 -3.62 9.45 -2.87
C SER A 36 -2.14 9.14 -3.06
N CYS A 37 -1.71 8.05 -2.44
CA CYS A 37 -0.32 7.63 -2.53
C CYS A 37 -0.21 6.59 -3.65
N LEU A 38 -1.19 5.70 -3.70
CA LEU A 38 -1.21 4.67 -4.71
C LEU A 38 -1.16 5.32 -6.10
N ASP A 39 -2.15 6.16 -6.35
CA ASP A 39 -2.25 6.86 -7.63
C ASP A 39 -0.85 7.29 -8.06
N HIS A 40 -0.16 7.94 -7.14
CA HIS A 40 1.19 8.42 -7.41
C HIS A 40 2.03 7.28 -7.97
N MET A 41 2.44 6.40 -7.07
CA MET A 41 3.26 5.25 -7.46
C MET A 41 2.60 4.47 -8.60
N ARG A 42 1.31 4.70 -8.75
CA ARG A 42 0.54 4.03 -9.79
C ARG A 42 0.86 4.62 -11.16
N GLU A 43 1.37 5.85 -11.13
CA GLU A 43 1.73 6.54 -12.36
C GLU A 43 3.20 6.32 -12.68
N VAL A 44 3.94 5.88 -11.68
CA VAL A 44 5.36 5.62 -11.84
C VAL A 44 5.57 4.17 -12.24
N LEU A 45 5.38 3.29 -11.27
CA LEU A 45 5.54 1.86 -11.50
C LEU A 45 4.21 1.27 -11.94
N GLY A 46 3.14 1.79 -11.36
CA GLY A 46 1.80 1.31 -11.68
C GLY A 46 1.68 0.97 -13.16
N ASP A 47 2.45 1.69 -13.97
CA ASP A 47 2.44 1.46 -15.40
C ASP A 47 2.35 -0.04 -15.68
N ALA A 48 3.31 -0.77 -15.13
CA ALA A 48 3.34 -2.22 -15.30
C ALA A 48 3.00 -2.90 -13.98
N VAL A 49 3.55 -2.35 -12.91
CA VAL A 49 3.32 -2.89 -11.58
C VAL A 49 1.86 -2.69 -11.20
N PRO A 50 1.30 -3.69 -10.47
CA PRO A 50 -0.09 -3.63 -10.04
C PRO A 50 -0.26 -2.65 -8.89
N ASP A 51 -1.39 -2.79 -8.20
CA ASP A 51 -1.68 -1.92 -7.06
C ASP A 51 -1.17 -2.58 -5.78
N ASP A 52 -1.60 -3.82 -5.57
CA ASP A 52 -1.19 -4.57 -4.40
C ASP A 52 0.27 -4.27 -4.09
N ILE A 53 1.14 -4.69 -5.01
CA ILE A 53 2.57 -4.48 -4.85
C ILE A 53 2.81 -3.09 -4.28
N LEU A 54 2.23 -2.10 -4.94
CA LEU A 54 2.37 -0.72 -4.51
C LEU A 54 1.79 -0.56 -3.11
N THR A 55 0.51 -0.90 -2.98
CA THR A 55 -0.17 -0.80 -1.71
C THR A 55 0.72 -1.33 -0.59
N GLU A 56 1.20 -2.56 -0.78
CA GLU A 56 2.05 -3.19 0.20
C GLU A 56 3.24 -2.28 0.55
N ALA A 57 3.81 -1.68 -0.49
CA ALA A 57 4.94 -0.78 -0.31
C ALA A 57 4.55 0.31 0.69
N ILE A 58 3.34 0.81 0.53
CA ILE A 58 2.85 1.87 1.40
C ILE A 58 2.86 1.36 2.85
N LEU A 59 2.18 0.25 3.06
CA LEU A 59 2.10 -0.34 4.39
C LEU A 59 3.51 -0.78 4.83
N LYS A 60 4.41 -0.82 3.86
CA LYS A 60 5.78 -1.21 4.13
C LYS A 60 6.48 -0.10 4.91
N HIS A 61 5.89 1.08 4.86
CA HIS A 61 6.45 2.24 5.54
C HIS A 61 5.32 3.10 6.11
N LYS A 62 4.24 2.41 6.49
CA LYS A 62 3.08 3.10 7.05
C LYS A 62 2.85 4.41 6.28
N PHE A 63 2.47 4.26 5.02
CA PHE A 63 2.22 5.41 4.18
C PHE A 63 3.44 6.32 4.10
N ASP A 64 4.28 6.05 3.12
CA ASP A 64 5.50 6.82 2.92
C ASP A 64 6.01 6.62 1.50
N VAL A 65 5.24 7.12 0.55
CA VAL A 65 5.60 7.00 -0.85
C VAL A 65 7.11 7.24 -1.01
N GLN A 66 7.55 8.38 -0.49
CA GLN A 66 8.95 8.74 -0.56
C GLN A 66 9.83 7.53 -0.26
N LYS A 67 9.38 6.73 0.69
CA LYS A 67 10.11 5.53 1.08
C LYS A 67 9.67 4.36 0.20
N ALA A 68 8.37 4.17 0.12
CA ALA A 68 7.82 3.10 -0.68
C ALA A 68 8.47 3.11 -2.06
N LEU A 69 8.67 4.32 -2.57
CA LEU A 69 9.28 4.50 -3.88
C LEU A 69 10.78 4.17 -3.79
N SER A 70 11.40 4.71 -2.76
CA SER A 70 12.82 4.47 -2.54
C SER A 70 13.10 2.98 -2.40
N VAL A 71 12.10 2.27 -1.89
CA VAL A 71 12.22 0.84 -1.70
C VAL A 71 11.71 0.11 -2.95
N VAL A 72 10.58 0.57 -3.44
CA VAL A 72 9.98 -0.02 -4.63
C VAL A 72 10.94 0.14 -5.81
N LEU A 73 11.92 1.02 -5.62
CA LEU A 73 12.90 1.27 -6.66
C LEU A 73 14.08 0.31 -6.49
N GLU A 74 14.44 0.08 -5.25
CA GLU A 74 15.54 -0.83 -4.94
C GLU A 74 15.08 -2.28 -5.07
N GLN A 75 13.78 -2.47 -4.98
CA GLN A 75 13.20 -3.80 -5.07
C GLN A 75 13.36 -4.33 -6.50
N ASP A 76 13.36 -3.40 -7.45
CA ASP A 76 13.49 -3.77 -8.85
C ASP A 76 14.91 -4.25 -9.11
N GLY A 77 15.87 -3.47 -8.63
CA GLY A 77 17.27 -3.82 -8.81
C GLY A 77 17.53 -5.28 -8.45
N SER A 78 16.70 -5.79 -7.54
CA SER A 78 16.83 -7.16 -7.10
C SER A 78 16.82 -8.10 -8.31
N GLY A 79 16.00 -7.75 -9.28
CA GLY A 79 15.89 -8.55 -10.49
C GLY A 79 17.25 -8.70 -11.17
N PRO A 80 17.73 -7.57 -11.74
CA PRO A 80 19.03 -7.56 -12.42
C PRO A 80 20.18 -7.61 -11.42
N SER A 81 20.28 -8.74 -10.73
CA SER A 81 21.33 -8.92 -9.74
C SER A 81 21.76 -10.38 -9.70
N SER A 82 20.81 -11.23 -9.36
CA SER A 82 21.08 -12.66 -9.28
C SER A 82 20.63 -13.35 -10.57
N GLY A 83 19.34 -13.24 -10.84
CA GLY A 83 18.76 -13.85 -12.03
C GLY A 83 18.45 -12.79 -13.08
N GLY A 1 -14.26 -10.46 -3.46
CA GLY A 1 -14.30 -9.48 -2.38
C GLY A 1 -15.31 -8.36 -2.68
N SER A 2 -14.86 -7.13 -2.49
CA SER A 2 -15.71 -5.98 -2.73
C SER A 2 -16.74 -5.85 -1.61
N SER A 3 -17.54 -6.89 -1.46
CA SER A 3 -18.57 -6.89 -0.44
C SER A 3 -18.50 -8.19 0.38
N GLY A 4 -19.17 -8.18 1.51
CA GLY A 4 -19.19 -9.34 2.38
C GLY A 4 -19.84 -9.01 3.73
N SER A 5 -19.07 -8.32 4.57
CA SER A 5 -19.55 -7.93 5.88
C SER A 5 -18.91 -6.61 6.31
N SER A 6 -19.63 -5.52 6.04
CA SER A 6 -19.14 -4.21 6.38
C SER A 6 -20.26 -3.18 6.21
N GLY A 7 -20.87 -2.82 7.33
CA GLY A 7 -21.95 -1.84 7.32
C GLY A 7 -21.47 -0.50 6.77
N GLU A 8 -22.43 0.40 6.59
CA GLU A 8 -22.12 1.72 6.07
C GLU A 8 -21.73 2.66 7.21
N TYR A 9 -22.64 2.81 8.16
CA TYR A 9 -22.41 3.67 9.30
C TYR A 9 -21.81 2.87 10.47
N GLY A 10 -22.47 1.77 10.79
CA GLY A 10 -22.02 0.92 11.88
C GLY A 10 -20.52 0.65 11.77
N TYR A 11 -20.14 0.01 10.67
CA TYR A 11 -18.75 -0.33 10.43
C TYR A 11 -17.83 0.80 10.89
N GLU A 12 -18.14 2.00 10.42
CA GLU A 12 -17.35 3.17 10.78
C GLU A 12 -17.20 3.27 12.30
N ASP A 13 -18.34 3.31 12.97
CA ASP A 13 -18.34 3.40 14.42
C ASP A 13 -17.40 2.34 15.01
N LEU A 14 -17.63 1.11 14.58
CA LEU A 14 -16.80 0.00 15.05
C LEU A 14 -15.33 0.39 14.96
N ARG A 15 -14.96 0.92 13.81
CA ARG A 15 -13.58 1.34 13.60
C ARG A 15 -12.62 0.30 14.16
N GLU A 16 -12.28 -0.67 13.32
CA GLU A 16 -11.37 -1.73 13.72
C GLU A 16 -10.77 -2.41 12.49
N SER A 17 -9.76 -3.22 12.72
CA SER A 17 -9.10 -3.94 11.65
C SER A 17 -8.27 -5.10 12.22
N SER A 18 -8.98 -6.17 12.55
CA SER A 18 -8.32 -7.35 13.10
C SER A 18 -7.90 -8.30 11.97
N ASN A 19 -8.89 -8.69 11.19
CA ASN A 19 -8.64 -9.59 10.07
C ASN A 19 -7.96 -8.82 8.94
N SER A 20 -7.49 -9.58 7.96
CA SER A 20 -6.81 -8.99 6.82
C SER A 20 -7.81 -8.18 5.97
N LEU A 21 -8.86 -8.87 5.54
CA LEU A 21 -9.89 -8.25 4.74
C LEU A 21 -10.23 -6.87 5.33
N LEU A 22 -10.72 -6.91 6.56
CA LEU A 22 -11.09 -5.67 7.24
C LEU A 22 -9.96 -4.66 7.10
N ASN A 23 -8.77 -5.08 7.51
CA ASN A 23 -7.61 -4.21 7.43
C ASN A 23 -7.47 -3.67 6.01
N HIS A 24 -7.42 -4.59 5.06
CA HIS A 24 -7.30 -4.22 3.66
C HIS A 24 -8.23 -3.04 3.36
N GLN A 25 -9.50 -3.24 3.69
CA GLN A 25 -10.50 -2.21 3.45
C GLN A 25 -9.92 -0.82 3.75
N LEU A 26 -9.37 -0.71 4.96
CA LEU A 26 -8.78 0.55 5.39
C LEU A 26 -9.86 1.63 5.44
N SER A 27 -9.88 2.36 6.55
CA SER A 27 -10.85 3.41 6.73
C SER A 27 -10.92 4.29 5.48
N GLU A 28 -12.11 4.83 5.23
CA GLU A 28 -12.31 5.69 4.07
C GLU A 28 -11.29 6.82 4.06
N ILE A 29 -10.79 7.13 5.25
CA ILE A 29 -9.81 8.19 5.39
C ILE A 29 -8.45 7.70 4.87
N ASP A 30 -7.89 6.74 5.60
CA ASP A 30 -6.60 6.18 5.22
C ASP A 30 -6.62 5.84 3.73
N GLN A 31 -7.74 5.28 3.29
CA GLN A 31 -7.89 4.90 1.89
C GLN A 31 -7.59 6.08 0.99
N ALA A 32 -8.37 7.14 1.15
CA ALA A 32 -8.20 8.34 0.35
C ALA A 32 -6.70 8.64 0.23
N ARG A 33 -6.02 8.58 1.36
CA ARG A 33 -4.60 8.86 1.39
C ARG A 33 -3.83 7.75 0.66
N LEU A 34 -4.13 6.52 1.04
CA LEU A 34 -3.47 5.37 0.42
C LEU A 34 -3.55 5.50 -1.10
N TYR A 35 -4.77 5.68 -1.58
CA TYR A 35 -4.99 5.82 -3.01
C TYR A 35 -4.21 7.01 -3.57
N SER A 36 -4.30 8.13 -2.86
CA SER A 36 -3.61 9.34 -3.29
C SER A 36 -2.11 9.09 -3.34
N CYS A 37 -1.67 8.05 -2.62
CA CYS A 37 -0.27 7.70 -2.59
C CYS A 37 -0.01 6.62 -3.64
N LEU A 38 -0.86 5.61 -3.63
CA LEU A 38 -0.74 4.52 -4.58
C LEU A 38 -0.70 5.09 -6.00
N ASP A 39 -1.79 5.72 -6.39
CA ASP A 39 -1.89 6.30 -7.71
C ASP A 39 -0.55 6.92 -8.09
N HIS A 40 -0.08 7.82 -7.24
CA HIS A 40 1.19 8.48 -7.47
C HIS A 40 2.21 7.47 -8.01
N MET A 41 2.65 6.60 -7.11
CA MET A 41 3.63 5.59 -7.48
C MET A 41 3.10 4.70 -8.61
N ARG A 42 1.78 4.59 -8.66
CA ARG A 42 1.13 3.78 -9.68
C ARG A 42 1.44 4.34 -11.07
N GLU A 43 1.80 5.61 -11.10
CA GLU A 43 2.12 6.27 -12.36
C GLU A 43 3.64 6.22 -12.61
N VAL A 44 4.36 5.86 -11.56
CA VAL A 44 5.81 5.77 -11.65
C VAL A 44 6.20 4.34 -12.03
N LEU A 45 6.06 3.45 -11.06
CA LEU A 45 6.39 2.05 -11.29
C LEU A 45 5.13 1.29 -11.68
N GLY A 46 4.02 1.71 -11.11
CA GLY A 46 2.75 1.08 -11.39
C GLY A 46 2.65 0.66 -12.86
N ASP A 47 3.33 1.42 -13.70
CA ASP A 47 3.33 1.14 -15.12
C ASP A 47 3.42 -0.36 -15.35
N ALA A 48 4.42 -0.98 -14.71
CA ALA A 48 4.61 -2.41 -14.83
C ALA A 48 4.28 -3.07 -13.50
N VAL A 49 4.63 -2.39 -12.41
CA VAL A 49 4.36 -2.91 -11.08
C VAL A 49 2.86 -2.81 -10.80
N PRO A 50 2.36 -3.82 -10.04
CA PRO A 50 0.95 -3.86 -9.68
C PRO A 50 0.63 -2.83 -8.59
N ASP A 51 -0.52 -3.03 -7.97
CA ASP A 51 -0.96 -2.13 -6.91
C ASP A 51 -0.49 -2.68 -5.56
N ASP A 52 -0.88 -3.92 -5.30
CA ASP A 52 -0.51 -4.57 -4.05
C ASP A 52 0.94 -4.20 -3.69
N ILE A 53 1.85 -4.63 -4.55
CA ILE A 53 3.26 -4.34 -4.33
C ILE A 53 3.41 -2.91 -3.81
N LEU A 54 3.00 -1.96 -4.62
CA LEU A 54 3.08 -0.56 -4.24
C LEU A 54 2.39 -0.36 -2.90
N THR A 55 1.15 -0.81 -2.83
CA THR A 55 0.37 -0.67 -1.61
C THR A 55 1.18 -1.17 -0.41
N GLU A 56 1.57 -2.43 -0.47
CA GLU A 56 2.34 -3.04 0.60
C GLU A 56 3.46 -2.09 1.04
N ALA A 57 4.18 -1.57 0.06
CA ALA A 57 5.27 -0.66 0.34
C ALA A 57 4.78 0.44 1.27
N ILE A 58 3.64 1.02 0.92
CA ILE A 58 3.05 2.08 1.72
C ILE A 58 2.92 1.61 3.17
N LEU A 59 2.22 0.49 3.33
CA LEU A 59 2.01 -0.07 4.65
C LEU A 59 3.35 -0.57 5.21
N LYS A 60 4.32 -0.68 4.31
CA LYS A 60 5.64 -1.13 4.70
C LYS A 60 6.35 -0.04 5.52
N HIS A 61 5.85 1.18 5.36
CA HIS A 61 6.41 2.30 6.07
C HIS A 61 5.29 3.21 6.56
N LYS A 62 4.19 2.58 6.96
CA LYS A 62 3.04 3.32 7.45
C LYS A 62 2.86 4.60 6.62
N PHE A 63 2.50 4.41 5.36
CA PHE A 63 2.30 5.52 4.46
C PHE A 63 3.55 6.41 4.39
N ASP A 64 4.41 6.07 3.45
CA ASP A 64 5.65 6.83 3.26
C ASP A 64 6.14 6.64 1.83
N VAL A 65 5.36 7.15 0.89
CA VAL A 65 5.71 7.05 -0.51
C VAL A 65 7.21 7.26 -0.68
N GLN A 66 7.67 8.40 -0.18
CA GLN A 66 9.09 8.74 -0.27
C GLN A 66 9.94 7.50 0.01
N LYS A 67 9.62 6.81 1.09
CA LYS A 67 10.35 5.61 1.46
C LYS A 67 9.89 4.45 0.58
N ALA A 68 8.60 4.18 0.65
CA ALA A 68 8.01 3.10 -0.13
C ALA A 68 8.63 3.10 -1.53
N LEU A 69 8.93 4.29 -2.01
CA LEU A 69 9.52 4.45 -3.33
C LEU A 69 10.98 3.99 -3.29
N SER A 70 11.72 4.56 -2.34
CA SER A 70 13.11 4.22 -2.18
C SER A 70 13.29 2.70 -2.15
N VAL A 71 12.26 2.04 -1.64
CA VAL A 71 12.29 0.59 -1.55
C VAL A 71 11.66 -0.02 -2.81
N VAL A 72 10.48 0.47 -3.14
CA VAL A 72 9.77 -0.01 -4.32
C VAL A 72 10.70 0.08 -5.53
N LEU A 73 11.44 1.18 -5.59
CA LEU A 73 12.37 1.39 -6.69
C LEU A 73 13.27 0.17 -6.84
N GLU A 74 14.17 0.02 -5.86
CA GLU A 74 15.10 -1.10 -5.87
C GLU A 74 14.38 -2.39 -6.25
N GLN A 75 13.41 -2.76 -5.41
CA GLN A 75 12.64 -3.98 -5.66
C GLN A 75 12.29 -4.10 -7.13
N ASP A 76 11.57 -3.10 -7.63
CA ASP A 76 11.16 -3.08 -9.02
C ASP A 76 12.36 -3.44 -9.90
N GLY A 77 13.50 -2.86 -9.55
CA GLY A 77 14.73 -3.11 -10.30
C GLY A 77 14.91 -4.60 -10.57
N SER A 78 14.34 -5.40 -9.70
CA SER A 78 14.43 -6.85 -9.83
C SER A 78 13.95 -7.27 -11.22
N GLY A 79 12.84 -6.69 -11.63
CA GLY A 79 12.26 -7.00 -12.93
C GLY A 79 13.32 -6.87 -14.04
N PRO A 80 13.72 -5.60 -14.31
CA PRO A 80 14.71 -5.34 -15.33
C PRO A 80 16.11 -5.71 -14.85
N SER A 81 16.33 -7.01 -14.73
CA SER A 81 17.62 -7.51 -14.27
C SER A 81 18.75 -6.77 -14.99
N SER A 82 19.66 -6.24 -14.19
CA SER A 82 20.79 -5.50 -14.73
C SER A 82 22.08 -5.92 -14.02
N GLY A 83 23.20 -5.59 -14.65
CA GLY A 83 24.50 -5.91 -14.09
C GLY A 83 25.29 -4.66 -13.76
N GLY A 1 2.78 0.51 33.75
CA GLY A 1 2.10 -0.77 33.65
C GLY A 1 0.92 -0.68 32.69
N SER A 2 -0.27 -0.56 33.27
CA SER A 2 -1.49 -0.46 32.48
C SER A 2 -1.61 -1.70 31.58
N SER A 3 -1.10 -1.57 30.37
CA SER A 3 -1.15 -2.66 29.40
C SER A 3 -0.37 -3.87 29.95
N GLY A 4 -1.11 -4.74 30.63
CA GLY A 4 -0.50 -5.94 31.20
C GLY A 4 -0.90 -7.18 30.41
N SER A 5 -0.63 -8.33 31.01
CA SER A 5 -0.97 -9.59 30.37
C SER A 5 -2.14 -10.26 31.10
N SER A 6 -3.33 -10.01 30.57
CA SER A 6 -4.54 -10.57 31.15
C SER A 6 -4.71 -12.02 30.71
N GLY A 7 -4.76 -12.20 29.39
CA GLY A 7 -4.93 -13.53 28.82
C GLY A 7 -4.16 -13.65 27.50
N GLU A 8 -2.90 -14.06 27.63
CA GLU A 8 -2.05 -14.24 26.47
C GLU A 8 -2.50 -15.45 25.65
N TYR A 9 -3.09 -16.41 26.35
CA TYR A 9 -3.58 -17.62 25.71
C TYR A 9 -5.06 -17.50 25.36
N GLY A 10 -5.83 -17.07 26.34
CA GLY A 10 -7.27 -16.90 26.15
C GLY A 10 -7.58 -16.32 24.78
N TYR A 11 -7.10 -15.10 24.57
CA TYR A 11 -7.32 -14.41 23.30
C TYR A 11 -7.15 -15.37 22.12
N GLU A 12 -6.01 -16.06 22.13
CA GLU A 12 -5.72 -17.01 21.06
C GLU A 12 -6.84 -18.05 20.97
N ASP A 13 -7.03 -18.78 22.06
CA ASP A 13 -8.06 -19.81 22.09
C ASP A 13 -9.36 -19.24 21.53
N LEU A 14 -9.79 -18.13 22.11
CA LEU A 14 -11.02 -17.48 21.68
C LEU A 14 -10.98 -17.30 20.16
N ARG A 15 -9.90 -16.70 19.70
CA ARG A 15 -9.72 -16.45 18.28
C ARG A 15 -8.30 -16.00 17.98
N GLU A 16 -7.88 -16.24 16.75
CA GLU A 16 -6.54 -15.86 16.33
C GLU A 16 -6.57 -14.55 15.55
N SER A 17 -7.34 -14.55 14.47
CA SER A 17 -7.47 -13.36 13.65
C SER A 17 -8.40 -12.35 14.33
N SER A 18 -7.92 -11.12 14.39
CA SER A 18 -8.69 -10.04 15.01
C SER A 18 -9.64 -9.42 13.98
N ASN A 19 -9.03 -8.89 12.92
CA ASN A 19 -9.80 -8.26 11.87
C ASN A 19 -8.88 -7.99 10.66
N SER A 20 -8.94 -8.90 9.70
CA SER A 20 -8.12 -8.77 8.51
C SER A 20 -8.88 -7.99 7.43
N LEU A 21 -10.06 -8.50 7.10
CA LEU A 21 -10.89 -7.86 6.09
C LEU A 21 -11.06 -6.39 6.44
N LEU A 22 -11.66 -6.15 7.60
CA LEU A 22 -11.88 -4.78 8.05
C LEU A 22 -10.66 -3.94 7.74
N ASN A 23 -9.56 -4.27 8.41
CA ASN A 23 -8.32 -3.53 8.21
C ASN A 23 -8.12 -3.26 6.72
N HIS A 24 -8.19 -4.34 5.94
CA HIS A 24 -8.03 -4.22 4.50
C HIS A 24 -8.80 -3.01 3.98
N GLN A 25 -10.09 -3.02 4.27
CA GLN A 25 -10.95 -1.93 3.84
C GLN A 25 -10.29 -0.58 4.13
N LEU A 26 -9.75 -0.47 5.33
CA LEU A 26 -9.08 0.76 5.75
C LEU A 26 -10.10 1.89 5.77
N SER A 27 -10.06 2.66 6.85
CA SER A 27 -10.97 3.79 7.01
C SER A 27 -10.97 4.63 5.74
N GLU A 28 -12.12 5.22 5.46
CA GLU A 28 -12.27 6.07 4.29
C GLU A 28 -11.10 7.04 4.17
N ILE A 29 -10.89 7.78 5.25
CA ILE A 29 -9.81 8.75 5.29
C ILE A 29 -8.50 8.07 4.89
N ASP A 30 -8.04 7.19 5.76
CA ASP A 30 -6.81 6.46 5.50
C ASP A 30 -6.75 6.06 4.03
N GLN A 31 -7.76 5.31 3.62
CA GLN A 31 -7.85 4.85 2.24
C GLN A 31 -7.42 5.97 1.28
N ALA A 32 -8.16 7.07 1.35
CA ALA A 32 -7.88 8.22 0.50
C ALA A 32 -6.36 8.42 0.41
N ARG A 33 -5.76 8.70 1.55
CA ARG A 33 -4.33 8.92 1.61
C ARG A 33 -3.59 7.73 0.99
N LEU A 34 -4.01 6.54 1.37
CA LEU A 34 -3.40 5.33 0.86
C LEU A 34 -3.39 5.37 -0.66
N TYR A 35 -4.60 5.47 -1.23
CA TYR A 35 -4.74 5.52 -2.67
C TYR A 35 -4.00 6.72 -3.25
N SER A 36 -3.98 7.80 -2.49
CA SER A 36 -3.32 9.01 -2.92
C SER A 36 -1.80 8.77 -3.01
N CYS A 37 -1.35 7.76 -2.29
CA CYS A 37 0.06 7.42 -2.28
C CYS A 37 0.29 6.32 -3.32
N LEU A 38 -0.80 5.66 -3.69
CA LEU A 38 -0.73 4.59 -4.67
C LEU A 38 -0.82 5.19 -6.08
N ASP A 39 -1.92 5.89 -6.31
CA ASP A 39 -2.15 6.52 -7.61
C ASP A 39 -0.83 7.09 -8.13
N HIS A 40 -0.23 7.95 -7.30
CA HIS A 40 1.02 8.58 -7.66
C HIS A 40 2.04 7.50 -8.09
N MET A 41 2.48 6.74 -7.11
CA MET A 41 3.44 5.68 -7.36
C MET A 41 2.99 4.80 -8.53
N ARG A 42 1.70 4.84 -8.79
CA ARG A 42 1.13 4.05 -9.87
C ARG A 42 1.61 4.59 -11.22
N GLU A 43 1.40 5.88 -11.42
CA GLU A 43 1.82 6.52 -12.66
C GLU A 43 3.31 6.30 -12.91
N VAL A 44 3.99 5.89 -11.86
CA VAL A 44 5.42 5.63 -11.95
C VAL A 44 5.64 4.15 -12.29
N LEU A 45 5.43 3.31 -11.29
CA LEU A 45 5.60 1.87 -11.48
C LEU A 45 4.27 1.25 -11.88
N GLY A 46 3.20 1.79 -11.30
CA GLY A 46 1.86 1.30 -11.58
C GLY A 46 1.74 0.89 -13.05
N ASP A 47 2.48 1.60 -13.90
CA ASP A 47 2.45 1.32 -15.32
C ASP A 47 2.38 -0.19 -15.55
N ALA A 48 3.36 -0.89 -14.98
CA ALA A 48 3.42 -2.33 -15.11
C ALA A 48 3.11 -2.98 -13.75
N VAL A 49 3.59 -2.33 -12.71
CA VAL A 49 3.37 -2.82 -11.36
C VAL A 49 1.90 -2.65 -10.98
N PRO A 50 1.37 -3.64 -10.23
CA PRO A 50 -0.02 -3.61 -9.80
C PRO A 50 -0.22 -2.60 -8.67
N ASP A 51 -1.35 -2.74 -7.99
CA ASP A 51 -1.67 -1.85 -6.89
C ASP A 51 -1.17 -2.46 -5.58
N ASP A 52 -1.50 -3.73 -5.39
CA ASP A 52 -1.09 -4.45 -4.20
C ASP A 52 0.37 -4.11 -3.88
N ILE A 53 1.24 -4.50 -4.79
CA ILE A 53 2.67 -4.25 -4.62
C ILE A 53 2.86 -2.85 -4.03
N LEU A 54 2.34 -1.87 -4.73
CA LEU A 54 2.46 -0.49 -4.28
C LEU A 54 1.84 -0.37 -2.88
N THR A 55 0.58 -0.76 -2.79
CA THR A 55 -0.14 -0.69 -1.53
C THR A 55 0.71 -1.27 -0.40
N GLU A 56 1.14 -2.51 -0.61
CA GLU A 56 1.97 -3.19 0.37
C GLU A 56 3.16 -2.31 0.76
N ALA A 57 3.78 -1.72 -0.25
CA ALA A 57 4.93 -0.86 -0.03
C ALA A 57 4.55 0.24 0.95
N ILE A 58 3.37 0.79 0.76
CA ILE A 58 2.89 1.86 1.63
C ILE A 58 2.85 1.36 3.07
N LEU A 59 2.12 0.26 3.26
CA LEU A 59 1.98 -0.33 4.57
C LEU A 59 3.35 -0.82 5.05
N LYS A 60 4.28 -0.89 4.11
CA LYS A 60 5.64 -1.33 4.42
C LYS A 60 6.39 -0.19 5.11
N HIS A 61 5.84 1.01 4.99
CA HIS A 61 6.46 2.18 5.58
C HIS A 61 5.38 3.08 6.19
N LYS A 62 4.30 2.43 6.63
CA LYS A 62 3.20 3.14 7.23
C LYS A 62 2.95 4.45 6.46
N PHE A 63 2.53 4.30 5.21
CA PHE A 63 2.27 5.45 4.37
C PHE A 63 3.50 6.35 4.27
N ASP A 64 4.33 6.06 3.27
CA ASP A 64 5.54 6.83 3.06
C ASP A 64 6.07 6.56 1.65
N VAL A 65 5.50 7.28 0.69
CA VAL A 65 5.90 7.13 -0.69
C VAL A 65 7.41 7.36 -0.81
N GLN A 66 7.85 8.51 -0.31
CA GLN A 66 9.26 8.86 -0.35
C GLN A 66 10.12 7.62 -0.06
N LYS A 67 9.59 6.77 0.81
CA LYS A 67 10.31 5.55 1.19
C LYS A 67 9.83 4.40 0.30
N ALA A 68 8.52 4.23 0.26
CA ALA A 68 7.93 3.17 -0.55
C ALA A 68 8.55 3.20 -1.95
N LEU A 69 8.82 4.41 -2.42
CA LEU A 69 9.41 4.59 -3.73
C LEU A 69 10.87 4.17 -3.70
N SER A 70 11.60 4.72 -2.73
CA SER A 70 13.00 4.41 -2.57
C SER A 70 13.20 2.89 -2.49
N VAL A 71 12.16 2.22 -1.99
CA VAL A 71 12.22 0.78 -1.85
C VAL A 71 11.64 0.13 -3.11
N VAL A 72 10.46 0.60 -3.48
CA VAL A 72 9.79 0.08 -4.66
C VAL A 72 10.74 0.16 -5.86
N LEU A 73 11.50 1.24 -5.89
CA LEU A 73 12.45 1.46 -6.97
C LEU A 73 13.55 0.40 -6.90
N GLU A 74 14.21 0.36 -5.76
CA GLU A 74 15.29 -0.60 -5.54
C GLU A 74 14.77 -2.03 -5.72
N GLN A 75 13.67 -2.32 -5.05
CA GLN A 75 13.06 -3.63 -5.13
C GLN A 75 12.98 -4.10 -6.59
N ASP A 76 12.76 -3.12 -7.47
CA ASP A 76 12.65 -3.42 -8.88
C ASP A 76 13.93 -4.12 -9.36
N GLY A 77 15.05 -3.63 -8.84
CA GLY A 77 16.34 -4.20 -9.18
C GLY A 77 16.76 -5.28 -8.19
N SER A 78 16.48 -5.01 -6.93
CA SER A 78 16.81 -5.95 -5.86
C SER A 78 16.31 -7.35 -6.23
N GLY A 79 14.99 -7.47 -6.34
CA GLY A 79 14.38 -8.74 -6.68
C GLY A 79 15.20 -9.47 -7.74
N PRO A 80 15.19 -8.90 -8.98
CA PRO A 80 15.93 -9.50 -10.08
C PRO A 80 17.43 -9.25 -9.93
N SER A 81 17.99 -9.79 -8.86
CA SER A 81 19.41 -9.64 -8.60
C SER A 81 19.87 -10.67 -7.57
N SER A 82 20.63 -11.64 -8.05
CA SER A 82 21.14 -12.70 -7.19
C SER A 82 22.61 -12.45 -6.87
N GLY A 83 23.05 -12.98 -5.74
CA GLY A 83 24.43 -12.83 -5.32
C GLY A 83 24.51 -12.47 -3.84
N GLY A 1 19.74 7.69 30.53
CA GLY A 1 18.58 8.56 30.61
C GLY A 1 17.33 7.85 30.07
N SER A 2 16.19 8.29 30.59
CA SER A 2 14.92 7.70 30.18
C SER A 2 14.50 8.28 28.82
N SER A 3 14.79 7.51 27.77
CA SER A 3 14.45 7.93 26.42
C SER A 3 13.78 6.79 25.68
N GLY A 4 12.48 6.96 25.43
CA GLY A 4 11.71 5.96 24.73
C GLY A 4 10.21 6.10 25.03
N SER A 5 9.50 5.00 24.87
CA SER A 5 8.07 4.98 25.12
C SER A 5 7.69 3.79 25.99
N SER A 6 7.98 2.61 25.47
CA SER A 6 7.68 1.39 26.20
C SER A 6 6.18 1.09 26.13
N GLY A 7 5.42 1.94 26.80
CA GLY A 7 3.97 1.78 26.82
C GLY A 7 3.58 0.36 27.25
N GLU A 8 3.42 0.19 28.55
CA GLU A 8 3.05 -1.11 29.10
C GLU A 8 1.53 -1.27 29.08
N TYR A 9 0.86 -0.26 29.63
CA TYR A 9 -0.60 -0.28 29.69
C TYR A 9 -1.21 -0.20 28.28
N GLY A 10 -0.72 0.76 27.51
CA GLY A 10 -1.21 0.95 26.16
C GLY A 10 -1.20 -0.37 25.38
N TYR A 11 0.00 -0.89 25.17
CA TYR A 11 0.16 -2.14 24.45
C TYR A 11 -0.95 -3.12 24.80
N GLU A 12 -1.14 -3.32 26.10
CA GLU A 12 -2.16 -4.23 26.58
C GLU A 12 -3.50 -3.93 25.90
N ASP A 13 -3.96 -2.70 26.08
CA ASP A 13 -5.22 -2.28 25.50
C ASP A 13 -5.23 -2.65 24.01
N LEU A 14 -4.20 -2.23 23.31
CA LEU A 14 -4.08 -2.51 21.89
C LEU A 14 -4.44 -3.97 21.64
N ARG A 15 -3.79 -4.85 22.39
CA ARG A 15 -4.04 -6.28 22.26
C ARG A 15 -3.57 -6.77 20.89
N GLU A 16 -3.05 -7.98 20.88
CA GLU A 16 -2.58 -8.59 19.64
C GLU A 16 -3.76 -8.93 18.73
N SER A 17 -4.20 -7.93 17.98
CA SER A 17 -5.32 -8.13 17.08
C SER A 17 -4.80 -8.27 15.65
N SER A 18 -5.52 -9.08 14.87
CA SER A 18 -5.15 -9.31 13.49
C SER A 18 -5.85 -8.30 12.58
N ASN A 19 -7.17 -8.32 12.64
CA ASN A 19 -7.98 -7.42 11.82
C ASN A 19 -7.62 -7.63 10.34
N SER A 20 -8.40 -8.49 9.70
CA SER A 20 -8.19 -8.79 8.30
C SER A 20 -9.12 -7.93 7.44
N LEU A 21 -10.41 -8.09 7.68
CA LEU A 21 -11.41 -7.34 6.94
C LEU A 21 -11.41 -5.88 7.42
N LEU A 22 -11.60 -5.73 8.72
CA LEU A 22 -11.62 -4.41 9.32
C LEU A 22 -10.46 -3.58 8.77
N ASN A 23 -9.25 -4.05 9.05
CA ASN A 23 -8.05 -3.37 8.59
C ASN A 23 -8.17 -3.10 7.09
N HIS A 24 -8.31 -4.19 6.33
CA HIS A 24 -8.43 -4.09 4.89
C HIS A 24 -9.32 -2.89 4.53
N GLN A 25 -10.45 -2.81 5.21
CA GLN A 25 -11.40 -1.74 4.98
C GLN A 25 -10.66 -0.41 4.85
N LEU A 26 -9.76 -0.17 5.79
CA LEU A 26 -8.98 1.06 5.79
C LEU A 26 -9.93 2.26 5.83
N SER A 27 -9.96 2.93 6.97
CA SER A 27 -10.81 4.08 7.15
C SER A 27 -10.64 5.04 5.97
N GLU A 28 -11.68 5.82 5.73
CA GLU A 28 -11.67 6.78 4.64
C GLU A 28 -10.42 7.65 4.72
N ILE A 29 -9.94 7.86 5.94
CA ILE A 29 -8.76 8.66 6.17
C ILE A 29 -7.55 7.98 5.52
N ASP A 30 -7.14 6.88 6.15
CA ASP A 30 -6.00 6.12 5.65
C ASP A 30 -6.15 5.92 4.14
N GLN A 31 -7.30 5.37 3.75
CA GLN A 31 -7.57 5.12 2.36
C GLN A 31 -7.12 6.31 1.50
N ALA A 32 -7.69 7.46 1.81
CA ALA A 32 -7.36 8.67 1.08
C ALA A 32 -5.84 8.74 0.88
N ARG A 33 -5.13 8.87 1.98
CA ARG A 33 -3.68 8.94 1.94
C ARG A 33 -3.13 7.87 1.00
N LEU A 34 -3.58 6.64 1.23
CA LEU A 34 -3.13 5.52 0.42
C LEU A 34 -3.30 5.87 -1.07
N TYR A 35 -4.54 6.15 -1.44
CA TYR A 35 -4.85 6.50 -2.82
C TYR A 35 -3.86 7.54 -3.35
N SER A 36 -3.67 8.59 -2.55
CA SER A 36 -2.77 9.66 -2.94
C SER A 36 -1.40 9.08 -3.29
N CYS A 37 -1.13 7.90 -2.76
CA CYS A 37 0.14 7.23 -3.02
C CYS A 37 -0.06 6.27 -4.19
N LEU A 38 -0.86 5.25 -3.94
CA LEU A 38 -1.14 4.26 -4.97
C LEU A 38 -1.29 4.96 -6.32
N ASP A 39 -2.43 5.62 -6.48
CA ASP A 39 -2.71 6.32 -7.72
C ASP A 39 -1.41 6.96 -8.25
N HIS A 40 -0.83 7.80 -7.42
CA HIS A 40 0.40 8.48 -7.79
C HIS A 40 1.44 7.45 -8.23
N MET A 41 1.99 6.76 -7.24
CA MET A 41 3.01 5.74 -7.51
C MET A 41 2.61 4.89 -8.72
N ARG A 42 1.30 4.80 -8.94
CA ARG A 42 0.78 4.02 -10.06
C ARG A 42 1.33 4.57 -11.38
N GLU A 43 1.16 5.86 -11.57
CA GLU A 43 1.63 6.51 -12.79
C GLU A 43 3.12 6.26 -12.97
N VAL A 44 3.76 5.83 -11.90
CA VAL A 44 5.19 5.55 -11.93
C VAL A 44 5.40 4.07 -12.25
N LEU A 45 5.14 3.24 -11.26
CA LEU A 45 5.30 1.81 -11.42
C LEU A 45 3.98 1.20 -11.88
N GLY A 46 2.90 1.75 -11.35
CA GLY A 46 1.57 1.27 -11.70
C GLY A 46 1.50 0.84 -13.16
N ASP A 47 2.29 1.53 -13.99
CA ASP A 47 2.33 1.22 -15.40
C ASP A 47 2.34 -0.30 -15.59
N ALA A 48 3.29 -0.94 -14.94
CA ALA A 48 3.43 -2.38 -15.03
C ALA A 48 3.04 -3.01 -13.69
N VAL A 49 3.67 -2.51 -12.63
CA VAL A 49 3.40 -3.01 -11.29
C VAL A 49 1.93 -2.77 -10.95
N PRO A 50 1.32 -3.77 -10.25
CA PRO A 50 -0.07 -3.67 -9.85
C PRO A 50 -0.25 -2.70 -8.68
N ASP A 51 -1.39 -2.83 -8.02
CA ASP A 51 -1.68 -1.98 -6.88
C ASP A 51 -1.15 -2.61 -5.61
N ASP A 52 -1.53 -3.87 -5.40
CA ASP A 52 -1.09 -4.60 -4.23
C ASP A 52 0.37 -4.27 -3.94
N ILE A 53 1.21 -4.59 -4.91
CA ILE A 53 2.64 -4.33 -4.78
C ILE A 53 2.84 -2.95 -4.14
N LEU A 54 2.28 -1.95 -4.78
CA LEU A 54 2.38 -0.58 -4.28
C LEU A 54 1.76 -0.50 -2.88
N THR A 55 0.50 -0.91 -2.81
CA THR A 55 -0.21 -0.88 -1.55
C THR A 55 0.69 -1.40 -0.42
N GLU A 56 1.25 -2.58 -0.64
CA GLU A 56 2.12 -3.19 0.35
C GLU A 56 3.21 -2.19 0.77
N ALA A 57 3.92 -1.69 -0.22
CA ALA A 57 4.99 -0.73 0.04
C ALA A 57 4.51 0.30 1.07
N ILE A 58 3.35 0.86 0.79
CA ILE A 58 2.77 1.87 1.66
C ILE A 58 2.72 1.31 3.10
N LEU A 59 1.98 0.22 3.25
CA LEU A 59 1.85 -0.41 4.55
C LEU A 59 3.22 -0.90 5.02
N LYS A 60 4.16 -0.92 4.09
CA LYS A 60 5.50 -1.36 4.40
C LYS A 60 6.24 -0.25 5.14
N HIS A 61 5.66 0.94 5.08
CA HIS A 61 6.25 2.10 5.75
C HIS A 61 5.13 2.99 6.31
N LYS A 62 4.04 2.35 6.70
CA LYS A 62 2.91 3.07 7.26
C LYS A 62 2.72 4.37 6.49
N PHE A 63 2.36 4.23 5.21
CA PHE A 63 2.14 5.39 4.36
C PHE A 63 3.40 6.26 4.29
N ASP A 64 4.14 6.08 3.21
CA ASP A 64 5.37 6.84 3.01
C ASP A 64 5.85 6.65 1.58
N VAL A 65 5.14 7.29 0.66
CA VAL A 65 5.50 7.20 -0.75
C VAL A 65 7.01 7.24 -0.90
N GLN A 66 7.61 8.29 -0.35
CA GLN A 66 9.05 8.46 -0.42
C GLN A 66 9.75 7.13 -0.17
N LYS A 67 9.46 6.53 0.98
CA LYS A 67 10.06 5.26 1.34
C LYS A 67 9.52 4.18 0.40
N ALA A 68 8.21 4.00 0.43
CA ALA A 68 7.57 3.00 -0.40
C ALA A 68 8.24 2.99 -1.78
N LEU A 69 8.48 4.18 -2.29
CA LEU A 69 9.12 4.33 -3.59
C LEU A 69 10.60 3.95 -3.48
N SER A 70 11.26 4.58 -2.53
CA SER A 70 12.67 4.32 -2.31
C SER A 70 12.93 2.81 -2.27
N VAL A 71 11.93 2.09 -1.79
CA VAL A 71 12.02 0.64 -1.69
C VAL A 71 11.46 0.01 -2.96
N VAL A 72 10.27 0.45 -3.33
CA VAL A 72 9.61 -0.06 -4.52
C VAL A 72 10.53 0.15 -5.73
N LEU A 73 11.50 1.03 -5.55
CA LEU A 73 12.44 1.34 -6.62
C LEU A 73 13.63 0.38 -6.52
N GLU A 74 14.22 0.36 -5.33
CA GLU A 74 15.37 -0.50 -5.09
C GLU A 74 14.99 -1.97 -5.25
N GLN A 75 13.68 -2.20 -5.29
CA GLN A 75 13.17 -3.55 -5.43
C GLN A 75 13.49 -4.09 -6.83
N ASP A 76 13.43 -3.19 -7.80
CA ASP A 76 13.72 -3.56 -9.17
C ASP A 76 15.18 -3.97 -9.30
N GLY A 77 16.05 -3.09 -8.83
CA GLY A 77 17.48 -3.34 -8.89
C GLY A 77 17.80 -4.76 -8.43
N SER A 78 16.93 -5.29 -7.57
CA SER A 78 17.11 -6.63 -7.06
C SER A 78 17.33 -7.61 -8.22
N GLY A 79 16.48 -7.47 -9.23
CA GLY A 79 16.57 -8.34 -10.39
C GLY A 79 18.02 -8.46 -10.87
N PRO A 80 18.52 -7.35 -11.48
CA PRO A 80 19.88 -7.32 -11.99
C PRO A 80 20.90 -7.22 -10.84
N SER A 81 21.04 -8.32 -10.12
CA SER A 81 21.97 -8.36 -9.00
C SER A 81 22.66 -9.73 -8.94
N SER A 82 23.97 -9.70 -9.12
CA SER A 82 24.75 -10.93 -9.09
C SER A 82 25.63 -10.95 -7.84
N GLY A 83 25.53 -12.05 -7.10
CA GLY A 83 26.31 -12.20 -5.88
C GLY A 83 25.93 -13.49 -5.15
N GLY A 1 -11.10 12.51 -3.40
CA GLY A 1 -12.04 13.61 -3.50
C GLY A 1 -12.39 14.17 -2.12
N SER A 2 -11.87 15.36 -1.85
CA SER A 2 -12.12 16.01 -0.57
C SER A 2 -13.11 17.15 -0.75
N SER A 3 -13.80 17.47 0.34
CA SER A 3 -14.78 18.54 0.33
C SER A 3 -14.28 19.73 1.15
N GLY A 4 -14.01 19.45 2.41
CA GLY A 4 -13.53 20.48 3.32
C GLY A 4 -14.68 21.09 4.12
N SER A 5 -15.62 21.67 3.38
CA SER A 5 -16.77 22.31 4.00
C SER A 5 -17.29 21.44 5.15
N SER A 6 -18.05 22.06 6.03
CA SER A 6 -18.61 21.36 7.17
C SER A 6 -17.49 20.79 8.03
N GLY A 7 -17.86 20.39 9.25
CA GLY A 7 -16.90 19.82 10.17
C GLY A 7 -17.37 18.46 10.68
N GLU A 8 -17.36 17.49 9.78
CA GLU A 8 -17.79 16.14 10.12
C GLU A 8 -16.60 15.33 10.64
N TYR A 9 -15.42 15.73 10.20
CA TYR A 9 -14.19 15.05 10.61
C TYR A 9 -14.13 14.89 12.13
N GLY A 10 -14.66 15.89 12.82
CA GLY A 10 -14.67 15.87 14.27
C GLY A 10 -15.11 14.50 14.80
N TYR A 11 -16.32 14.11 14.41
CA TYR A 11 -16.86 12.84 14.84
C TYR A 11 -15.78 11.75 14.85
N GLU A 12 -15.21 11.52 13.69
CA GLU A 12 -14.17 10.52 13.55
C GLU A 12 -13.16 10.65 14.69
N ASP A 13 -12.53 11.82 14.76
CA ASP A 13 -11.54 12.09 15.79
C ASP A 13 -12.10 11.64 17.15
N LEU A 14 -13.21 12.26 17.52
CA LEU A 14 -13.86 11.94 18.78
C LEU A 14 -13.96 10.42 18.93
N ARG A 15 -14.41 9.79 17.86
CA ARG A 15 -14.56 8.34 17.85
C ARG A 15 -13.30 7.68 18.41
N GLU A 16 -12.18 7.97 17.76
CA GLU A 16 -10.90 7.41 18.17
C GLU A 16 -10.92 5.88 18.00
N SER A 17 -9.78 5.28 18.29
CA SER A 17 -9.64 3.84 18.18
C SER A 17 -9.58 3.43 16.70
N SER A 18 -8.59 2.61 16.39
CA SER A 18 -8.41 2.14 15.03
C SER A 18 -9.32 0.95 14.76
N ASN A 19 -9.24 -0.03 15.65
CA ASN A 19 -10.05 -1.23 15.53
C ASN A 19 -9.71 -1.94 14.21
N SER A 20 -9.16 -3.13 14.34
CA SER A 20 -8.78 -3.91 13.18
C SER A 20 -9.95 -3.98 12.19
N LEU A 21 -11.11 -4.32 12.73
CA LEU A 21 -12.31 -4.42 11.91
C LEU A 21 -12.39 -3.21 10.98
N LEU A 22 -12.59 -2.05 11.58
CA LEU A 22 -12.68 -0.81 10.82
C LEU A 22 -11.48 -0.71 9.88
N ASN A 23 -10.30 -0.76 10.48
CA ASN A 23 -9.07 -0.67 9.72
C ASN A 23 -9.18 -1.55 8.47
N HIS A 24 -9.75 -2.74 8.66
CA HIS A 24 -9.92 -3.67 7.56
C HIS A 24 -10.39 -2.91 6.32
N GLN A 25 -11.46 -2.15 6.48
CA GLN A 25 -12.01 -1.38 5.39
C GLN A 25 -11.23 -0.07 5.22
N LEU A 26 -10.59 0.34 6.29
CA LEU A 26 -9.81 1.56 6.28
C LEU A 26 -10.74 2.76 6.03
N SER A 27 -10.76 3.67 6.99
CA SER A 27 -11.59 4.86 6.88
C SER A 27 -11.31 5.58 5.56
N GLU A 28 -12.38 6.04 4.94
CA GLU A 28 -12.27 6.76 3.68
C GLU A 28 -11.04 7.67 3.69
N ILE A 29 -10.95 8.48 4.73
CA ILE A 29 -9.83 9.39 4.87
C ILE A 29 -8.53 8.66 4.56
N ASP A 30 -8.24 7.66 5.37
CA ASP A 30 -7.02 6.88 5.18
C ASP A 30 -6.97 6.37 3.73
N GLN A 31 -8.00 5.63 3.37
CA GLN A 31 -8.10 5.08 2.02
C GLN A 31 -7.63 6.12 1.00
N ALA A 32 -8.33 7.25 0.98
CA ALA A 32 -7.99 8.31 0.06
C ALA A 32 -6.48 8.48 -0.01
N ARG A 33 -5.87 8.51 1.16
CA ARG A 33 -4.42 8.65 1.26
C ARG A 33 -3.72 7.45 0.62
N LEU A 34 -4.02 6.28 1.18
CA LEU A 34 -3.43 5.05 0.68
C LEU A 34 -3.39 5.08 -0.86
N TYR A 35 -4.55 5.34 -1.43
CA TYR A 35 -4.67 5.41 -2.88
C TYR A 35 -3.87 6.59 -3.43
N SER A 36 -3.92 7.69 -2.72
CA SER A 36 -3.21 8.89 -3.12
C SER A 36 -1.70 8.62 -3.12
N CYS A 37 -1.30 7.64 -2.34
CA CYS A 37 0.09 7.28 -2.24
C CYS A 37 0.38 6.14 -3.22
N LEU A 38 -0.70 5.53 -3.69
CA LEU A 38 -0.59 4.43 -4.64
C LEU A 38 -0.68 4.99 -6.07
N ASP A 39 -1.81 5.63 -6.35
CA ASP A 39 -2.04 6.20 -7.66
C ASP A 39 -0.79 6.98 -8.10
N HIS A 40 -0.21 7.69 -7.14
CA HIS A 40 0.98 8.48 -7.41
C HIS A 40 2.12 7.55 -7.83
N MET A 41 2.38 6.56 -7.00
CA MET A 41 3.43 5.60 -7.26
C MET A 41 3.06 4.70 -8.45
N ARG A 42 1.79 4.74 -8.80
CA ARG A 42 1.29 3.93 -9.90
C ARG A 42 1.74 4.51 -11.24
N GLU A 43 1.49 5.81 -11.40
CA GLU A 43 1.86 6.49 -12.62
C GLU A 43 3.36 6.35 -12.87
N VAL A 44 4.07 5.93 -11.83
CA VAL A 44 5.51 5.74 -11.93
C VAL A 44 5.81 4.30 -12.32
N LEU A 45 5.63 3.41 -11.35
CA LEU A 45 5.88 1.99 -11.58
C LEU A 45 4.56 1.31 -11.94
N GLY A 46 3.48 1.81 -11.36
CA GLY A 46 2.17 1.25 -11.61
C GLY A 46 2.03 0.82 -13.07
N ASP A 47 2.73 1.53 -13.94
CA ASP A 47 2.69 1.22 -15.36
C ASP A 47 2.68 -0.29 -15.55
N ALA A 48 3.66 -0.94 -14.94
CA ALA A 48 3.78 -2.39 -15.03
C ALA A 48 3.45 -3.01 -13.67
N VAL A 49 3.98 -2.40 -12.63
CA VAL A 49 3.76 -2.87 -11.28
C VAL A 49 2.29 -2.70 -10.92
N PRO A 50 1.76 -3.69 -10.15
CA PRO A 50 0.37 -3.66 -9.73
C PRO A 50 0.15 -2.63 -8.62
N ASP A 51 -0.96 -2.77 -7.93
CA ASP A 51 -1.31 -1.87 -6.84
C ASP A 51 -0.80 -2.46 -5.52
N ASP A 52 -1.19 -3.70 -5.29
CA ASP A 52 -0.79 -4.39 -4.07
C ASP A 52 0.68 -4.05 -3.76
N ILE A 53 1.56 -4.47 -4.65
CA ILE A 53 2.98 -4.22 -4.49
C ILE A 53 3.18 -2.81 -3.93
N LEU A 54 2.78 -1.83 -4.73
CA LEU A 54 2.90 -0.43 -4.33
C LEU A 54 2.26 -0.24 -2.96
N THR A 55 1.04 -0.72 -2.83
CA THR A 55 0.32 -0.60 -1.58
C THR A 55 1.18 -1.10 -0.42
N GLU A 56 1.51 -2.38 -0.48
CA GLU A 56 2.32 -3.00 0.55
C GLU A 56 3.42 -2.04 1.01
N ALA A 57 4.17 -1.53 0.04
CA ALA A 57 5.25 -0.60 0.33
C ALA A 57 4.76 0.44 1.33
N ILE A 58 3.61 1.04 1.01
CA ILE A 58 3.03 2.05 1.87
C ILE A 58 2.94 1.52 3.30
N LEU A 59 2.17 0.44 3.45
CA LEU A 59 2.01 -0.18 4.75
C LEU A 59 3.36 -0.69 5.26
N LYS A 60 4.31 -0.75 4.33
CA LYS A 60 5.65 -1.22 4.66
C LYS A 60 6.40 -0.11 5.42
N HIS A 61 5.92 1.11 5.24
CA HIS A 61 6.53 2.26 5.89
C HIS A 61 5.44 3.19 6.43
N LYS A 62 4.35 2.57 6.86
CA LYS A 62 3.24 3.32 7.40
C LYS A 62 3.05 4.61 6.59
N PHE A 63 2.54 4.44 5.38
CA PHE A 63 2.32 5.58 4.51
C PHE A 63 3.57 6.45 4.39
N ASP A 64 4.41 6.09 3.45
CA ASP A 64 5.65 6.82 3.22
C ASP A 64 6.13 6.58 1.79
N VAL A 65 5.43 7.20 0.85
CA VAL A 65 5.78 7.06 -0.55
C VAL A 65 7.29 7.23 -0.72
N GLN A 66 7.79 8.35 -0.22
CA GLN A 66 9.20 8.63 -0.31
C GLN A 66 10.03 7.37 -0.06
N LYS A 67 9.67 6.67 1.01
CA LYS A 67 10.35 5.43 1.37
C LYS A 67 9.86 4.31 0.46
N ALA A 68 8.56 4.07 0.51
CA ALA A 68 7.95 3.03 -0.29
C ALA A 68 8.57 3.03 -1.69
N LEU A 69 8.84 4.23 -2.17
CA LEU A 69 9.44 4.40 -3.49
C LEU A 69 10.91 3.99 -3.42
N SER A 70 11.62 4.60 -2.48
CA SER A 70 13.03 4.32 -2.32
C SER A 70 13.26 2.80 -2.20
N VAL A 71 12.23 2.12 -1.70
CA VAL A 71 12.31 0.69 -1.53
C VAL A 71 11.74 0.01 -2.79
N VAL A 72 10.57 0.46 -3.19
CA VAL A 72 9.92 -0.10 -4.37
C VAL A 72 10.87 -0.01 -5.57
N LEU A 73 11.51 1.14 -5.69
CA LEU A 73 12.45 1.37 -6.77
C LEU A 73 13.41 0.18 -6.87
N GLU A 74 14.18 -0.01 -5.80
CA GLU A 74 15.12 -1.10 -5.76
C GLU A 74 14.43 -2.43 -6.04
N GLN A 75 13.47 -2.75 -5.20
CA GLN A 75 12.72 -3.99 -5.34
C GLN A 75 12.40 -4.23 -6.82
N ASP A 76 11.89 -3.19 -7.47
CA ASP A 76 11.54 -3.28 -8.87
C ASP A 76 12.81 -3.41 -9.71
N GLY A 77 13.71 -2.48 -9.50
CA GLY A 77 14.98 -2.49 -10.23
C GLY A 77 15.55 -3.91 -10.30
N SER A 78 15.21 -4.71 -9.31
CA SER A 78 15.69 -6.08 -9.26
C SER A 78 15.29 -6.82 -10.54
N GLY A 79 14.03 -6.63 -10.92
CA GLY A 79 13.51 -7.27 -12.11
C GLY A 79 14.51 -7.17 -13.28
N PRO A 80 14.67 -5.91 -13.78
CA PRO A 80 15.58 -5.67 -14.88
C PRO A 80 17.03 -5.70 -14.40
N SER A 81 17.51 -6.90 -14.11
CA SER A 81 18.87 -7.08 -13.64
C SER A 81 19.85 -6.73 -14.76
N SER A 82 20.80 -5.87 -14.44
CA SER A 82 21.80 -5.45 -15.40
C SER A 82 23.14 -6.11 -15.08
N GLY A 83 23.62 -6.91 -16.01
CA GLY A 83 24.88 -7.61 -15.84
C GLY A 83 24.81 -9.02 -16.42
N GLY A 1 -10.56 -13.50 -5.35
CA GLY A 1 -11.87 -13.88 -4.81
C GLY A 1 -12.55 -12.67 -4.16
N SER A 2 -12.58 -12.69 -2.84
CA SER A 2 -13.20 -11.61 -2.09
C SER A 2 -14.71 -11.62 -2.32
N SER A 3 -15.45 -11.82 -1.25
CA SER A 3 -16.90 -11.85 -1.32
C SER A 3 -17.51 -11.38 0.00
N GLY A 4 -17.15 -12.10 1.06
CA GLY A 4 -17.65 -11.77 2.39
C GLY A 4 -19.14 -11.41 2.34
N SER A 5 -19.42 -10.14 2.60
CA SER A 5 -20.79 -9.67 2.59
C SER A 5 -21.58 -10.30 3.74
N SER A 6 -22.56 -9.55 4.22
CA SER A 6 -23.39 -10.02 5.32
C SER A 6 -22.56 -10.12 6.60
N GLY A 7 -23.22 -9.85 7.71
CA GLY A 7 -22.56 -9.90 9.01
C GLY A 7 -22.94 -8.70 9.87
N GLU A 8 -23.81 -8.94 10.83
CA GLU A 8 -24.27 -7.89 11.71
C GLU A 8 -23.43 -7.88 13.00
N TYR A 9 -23.46 -9.01 13.70
CA TYR A 9 -22.72 -9.13 14.94
C TYR A 9 -21.27 -9.56 14.66
N GLY A 10 -21.13 -10.60 13.87
CA GLY A 10 -19.82 -11.12 13.52
C GLY A 10 -18.84 -9.97 13.29
N TYR A 11 -19.19 -9.12 12.34
CA TYR A 11 -18.34 -7.98 12.00
C TYR A 11 -17.74 -7.35 13.26
N GLU A 12 -18.63 -6.96 14.17
CA GLU A 12 -18.19 -6.35 15.41
C GLU A 12 -17.03 -7.14 16.02
N ASP A 13 -17.28 -8.42 16.25
CA ASP A 13 -16.26 -9.29 16.82
C ASP A 13 -15.03 -9.29 15.92
N LEU A 14 -15.27 -9.56 14.65
CA LEU A 14 -14.18 -9.58 13.68
C LEU A 14 -13.25 -8.39 13.92
N ARG A 15 -13.86 -7.24 14.13
CA ARG A 15 -13.11 -6.03 14.37
C ARG A 15 -12.21 -5.71 13.17
N GLU A 16 -11.81 -4.45 13.09
CA GLU A 16 -10.95 -4.01 12.00
C GLU A 16 -9.79 -4.99 11.81
N SER A 17 -9.17 -5.35 12.92
CA SER A 17 -8.05 -6.27 12.89
C SER A 17 -8.57 -7.72 12.89
N SER A 18 -9.31 -8.04 11.85
CA SER A 18 -9.87 -9.36 11.70
C SER A 18 -8.88 -10.28 10.98
N ASN A 19 -8.59 -9.91 9.74
CA ASN A 19 -7.65 -10.67 8.92
C ASN A 19 -7.16 -9.80 7.76
N SER A 20 -6.14 -10.32 7.08
CA SER A 20 -5.57 -9.60 5.95
C SER A 20 -6.68 -9.15 5.00
N LEU A 21 -7.63 -10.05 4.78
CA LEU A 21 -8.75 -9.75 3.90
C LEU A 21 -9.40 -8.45 4.33
N LEU A 22 -9.69 -8.37 5.63
CA LEU A 22 -10.32 -7.18 6.19
C LEU A 22 -9.33 -6.01 6.12
N ASN A 23 -8.20 -6.19 6.79
CA ASN A 23 -7.18 -5.16 6.83
C ASN A 23 -6.98 -4.61 5.41
N HIS A 24 -6.91 -5.52 4.45
CA HIS A 24 -6.72 -5.14 3.07
C HIS A 24 -7.71 -4.04 2.70
N GLN A 25 -8.98 -4.34 2.90
CA GLN A 25 -10.04 -3.38 2.60
C GLN A 25 -9.73 -2.03 3.23
N LEU A 26 -8.93 -2.08 4.30
CA LEU A 26 -8.56 -0.86 5.00
C LEU A 26 -9.82 -0.04 5.32
N SER A 27 -9.59 1.17 5.80
CA SER A 27 -10.68 2.05 6.14
C SER A 27 -10.78 3.19 5.12
N GLU A 28 -12.01 3.61 4.88
CA GLU A 28 -12.26 4.68 3.93
C GLU A 28 -11.19 5.76 4.06
N ILE A 29 -11.08 6.30 5.27
CA ILE A 29 -10.10 7.34 5.54
C ILE A 29 -8.73 6.88 5.06
N ASP A 30 -8.27 5.77 5.63
CA ASP A 30 -6.98 5.22 5.27
C ASP A 30 -6.89 5.10 3.74
N GLN A 31 -7.84 4.37 3.18
CA GLN A 31 -7.88 4.17 1.74
C GLN A 31 -7.49 5.46 1.02
N ALA A 32 -8.23 6.52 1.31
CA ALA A 32 -7.96 7.81 0.69
C ALA A 32 -6.46 8.08 0.70
N ARG A 33 -5.92 8.16 1.91
CA ARG A 33 -4.49 8.41 2.08
C ARG A 33 -3.68 7.49 1.15
N LEU A 34 -4.02 6.21 1.20
CA LEU A 34 -3.33 5.23 0.37
C LEU A 34 -3.41 5.65 -1.09
N TYR A 35 -4.61 5.57 -1.64
CA TYR A 35 -4.83 5.94 -3.02
C TYR A 35 -4.16 7.27 -3.35
N SER A 36 -4.22 8.19 -2.39
CA SER A 36 -3.63 9.50 -2.56
C SER A 36 -2.15 9.36 -2.92
N CYS A 37 -1.57 8.25 -2.49
CA CYS A 37 -0.16 7.99 -2.76
C CYS A 37 -0.07 7.14 -4.03
N LEU A 38 -0.82 6.04 -4.03
CA LEU A 38 -0.83 5.15 -5.18
C LEU A 38 -0.93 5.98 -6.46
N ASP A 39 -1.89 6.89 -6.48
CA ASP A 39 -2.09 7.74 -7.63
C ASP A 39 -0.73 8.17 -8.19
N HIS A 40 0.24 8.25 -7.29
CA HIS A 40 1.59 8.64 -7.69
C HIS A 40 2.36 7.42 -8.18
N MET A 41 2.79 6.60 -7.23
CA MET A 41 3.53 5.41 -7.56
C MET A 41 2.85 4.62 -8.67
N ARG A 42 1.55 4.86 -8.81
CA ARG A 42 0.77 4.18 -9.83
C ARG A 42 1.23 4.61 -11.22
N GLU A 43 1.78 5.81 -11.29
CA GLU A 43 2.26 6.35 -12.55
C GLU A 43 3.75 6.02 -12.73
N VAL A 44 4.36 5.58 -11.63
CA VAL A 44 5.78 5.24 -11.66
C VAL A 44 5.93 3.76 -12.02
N LEU A 45 5.60 2.91 -11.05
CA LEU A 45 5.69 1.47 -11.25
C LEU A 45 4.32 0.92 -11.64
N GLY A 46 3.29 1.56 -11.11
CA GLY A 46 1.92 1.15 -11.38
C GLY A 46 1.77 0.69 -12.84
N ASP A 47 2.59 1.29 -13.70
CA ASP A 47 2.55 0.95 -15.11
C ASP A 47 2.39 -0.56 -15.27
N ALA A 48 3.28 -1.29 -14.62
CA ALA A 48 3.25 -2.74 -14.67
C ALA A 48 2.84 -3.30 -13.30
N VAL A 49 3.46 -2.75 -12.27
CA VAL A 49 3.17 -3.16 -10.92
C VAL A 49 1.71 -2.85 -10.58
N PRO A 50 1.06 -3.81 -9.87
CA PRO A 50 -0.33 -3.64 -9.49
C PRO A 50 -0.46 -2.66 -8.33
N ASP A 51 -1.61 -2.72 -7.67
CA ASP A 51 -1.87 -1.84 -6.54
C ASP A 51 -1.29 -2.46 -5.27
N ASP A 52 -1.70 -3.69 -5.01
CA ASP A 52 -1.23 -4.40 -3.83
C ASP A 52 0.25 -4.09 -3.62
N ILE A 53 1.06 -4.50 -4.59
CA ILE A 53 2.49 -4.27 -4.52
C ILE A 53 2.76 -2.88 -3.94
N LEU A 54 2.12 -1.88 -4.54
CA LEU A 54 2.28 -0.51 -4.10
C LEU A 54 1.72 -0.37 -2.68
N THR A 55 0.44 -0.70 -2.55
CA THR A 55 -0.22 -0.63 -1.26
C THR A 55 0.69 -1.15 -0.15
N GLU A 56 1.27 -2.31 -0.42
CA GLU A 56 2.17 -2.94 0.54
C GLU A 56 3.29 -1.97 0.94
N ALA A 57 4.08 -1.61 -0.06
CA ALA A 57 5.19 -0.70 0.15
C ALA A 57 4.75 0.42 1.11
N ILE A 58 3.58 0.97 0.82
CA ILE A 58 3.02 2.03 1.64
C ILE A 58 2.92 1.56 3.09
N LEU A 59 2.31 0.39 3.26
CA LEU A 59 2.14 -0.18 4.58
C LEU A 59 3.51 -0.65 5.10
N LYS A 60 4.46 -0.74 4.18
CA LYS A 60 5.79 -1.17 4.53
C LYS A 60 6.53 -0.04 5.26
N HIS A 61 6.05 1.17 5.03
CA HIS A 61 6.65 2.35 5.65
C HIS A 61 5.54 3.27 6.18
N LYS A 62 4.44 2.65 6.58
CA LYS A 62 3.31 3.38 7.10
C LYS A 62 3.12 4.67 6.29
N PHE A 63 2.76 4.47 5.03
CA PHE A 63 2.55 5.60 4.13
C PHE A 63 3.80 6.47 4.04
N ASP A 64 4.65 6.15 3.09
CA ASP A 64 5.89 6.90 2.90
C ASP A 64 6.38 6.71 1.47
N VAL A 65 5.57 7.20 0.53
CA VAL A 65 5.91 7.09 -0.88
C VAL A 65 7.41 7.31 -1.06
N GLN A 66 7.86 8.47 -0.61
CA GLN A 66 9.27 8.82 -0.71
C GLN A 66 10.15 7.60 -0.43
N LYS A 67 9.78 6.87 0.61
CA LYS A 67 10.51 5.68 0.98
C LYS A 67 10.02 4.49 0.15
N ALA A 68 8.72 4.26 0.22
CA ALA A 68 8.11 3.16 -0.52
C ALA A 68 8.71 3.12 -1.93
N LEU A 69 8.94 4.30 -2.48
CA LEU A 69 9.51 4.40 -3.82
C LEU A 69 10.99 4.02 -3.76
N SER A 70 11.67 4.56 -2.76
CA SER A 70 13.09 4.30 -2.58
C SER A 70 13.32 2.80 -2.39
N VAL A 71 12.30 2.14 -1.85
CA VAL A 71 12.38 0.71 -1.59
C VAL A 71 11.82 -0.04 -2.80
N VAL A 72 10.66 0.42 -3.25
CA VAL A 72 10.01 -0.20 -4.40
C VAL A 72 10.94 -0.15 -5.61
N LEU A 73 11.51 1.03 -5.82
CA LEU A 73 12.42 1.24 -6.94
C LEU A 73 13.55 0.21 -6.86
N GLU A 74 14.27 0.26 -5.75
CA GLU A 74 15.38 -0.66 -5.54
C GLU A 74 14.91 -2.11 -5.69
N GLN A 75 13.80 -2.40 -5.01
CA GLN A 75 13.24 -3.74 -5.05
C GLN A 75 12.99 -4.16 -6.50
N ASP A 76 12.31 -3.29 -7.22
CA ASP A 76 11.99 -3.56 -8.62
C ASP A 76 13.26 -4.03 -9.34
N GLY A 77 14.37 -3.39 -9.00
CA GLY A 77 15.64 -3.74 -9.61
C GLY A 77 16.27 -4.95 -8.90
N SER A 78 15.90 -5.11 -7.64
CA SER A 78 16.42 -6.21 -6.84
C SER A 78 16.15 -7.54 -7.54
N GLY A 79 14.87 -7.78 -7.79
CA GLY A 79 14.46 -9.01 -8.44
C GLY A 79 15.44 -9.39 -9.56
N PRO A 80 15.40 -8.58 -10.65
CA PRO A 80 16.28 -8.83 -11.79
C PRO A 80 17.72 -8.40 -11.47
N SER A 81 18.51 -9.38 -11.09
CA SER A 81 19.91 -9.12 -10.75
C SER A 81 20.82 -9.77 -11.79
N SER A 82 21.23 -8.97 -12.76
CA SER A 82 22.10 -9.45 -13.82
C SER A 82 21.42 -10.59 -14.58
N GLY A 83 20.57 -10.21 -15.53
CA GLY A 83 19.86 -11.18 -16.33
C GLY A 83 19.84 -10.77 -17.80
N GLY A 1 -16.37 17.11 12.45
CA GLY A 1 -15.46 16.44 13.36
C GLY A 1 -15.08 17.37 14.52
N SER A 2 -13.89 17.11 15.06
CA SER A 2 -13.39 17.91 16.17
C SER A 2 -11.96 18.37 15.87
N SER A 3 -11.56 19.42 16.58
CA SER A 3 -10.22 19.97 16.40
C SER A 3 -9.47 19.92 17.73
N GLY A 4 -8.14 19.97 17.62
CA GLY A 4 -7.29 19.94 18.80
C GLY A 4 -7.87 20.81 19.92
N SER A 5 -7.65 20.36 21.15
CA SER A 5 -8.14 21.07 22.31
C SER A 5 -7.57 20.46 23.59
N SER A 6 -7.82 19.17 23.76
CA SER A 6 -7.33 18.45 24.92
C SER A 6 -6.28 17.42 24.51
N GLY A 7 -6.69 16.56 23.58
CA GLY A 7 -5.80 15.52 23.09
C GLY A 7 -6.53 14.56 22.16
N GLU A 8 -6.38 14.81 20.86
CA GLU A 8 -7.01 13.97 19.86
C GLU A 8 -6.21 12.69 19.64
N TYR A 9 -4.95 12.88 19.30
CA TYR A 9 -4.06 11.74 19.06
C TYR A 9 -4.32 10.63 20.07
N GLY A 10 -4.34 11.01 21.34
CA GLY A 10 -4.57 10.06 22.41
C GLY A 10 -5.96 9.41 22.28
N TYR A 11 -6.98 10.25 22.39
CA TYR A 11 -8.34 9.78 22.28
C TYR A 11 -8.50 8.78 21.13
N GLU A 12 -7.82 9.08 20.03
CA GLU A 12 -7.87 8.22 18.87
C GLU A 12 -7.02 6.97 19.09
N ASP A 13 -5.76 7.20 19.43
CA ASP A 13 -4.84 6.11 19.67
C ASP A 13 -5.51 5.08 20.59
N LEU A 14 -6.45 5.57 21.38
CA LEU A 14 -7.17 4.71 22.30
C LEU A 14 -7.57 3.42 21.59
N ARG A 15 -7.95 3.58 20.33
CA ARG A 15 -8.36 2.44 19.53
C ARG A 15 -7.38 1.28 19.70
N GLU A 16 -7.78 0.13 19.18
CA GLU A 16 -6.96 -1.06 19.28
C GLU A 16 -7.35 -2.07 18.19
N SER A 17 -6.46 -2.20 17.21
CA SER A 17 -6.71 -3.12 16.11
C SER A 17 -7.01 -4.51 16.65
N SER A 18 -7.97 -5.17 16.01
CA SER A 18 -8.37 -6.51 16.42
C SER A 18 -7.41 -7.54 15.81
N ASN A 19 -7.27 -7.47 14.50
CA ASN A 19 -6.40 -8.40 13.79
C ASN A 19 -5.88 -7.73 12.53
N SER A 20 -4.82 -8.30 11.98
CA SER A 20 -4.21 -7.78 10.77
C SER A 20 -5.30 -7.43 9.75
N LEU A 21 -6.23 -8.36 9.57
CA LEU A 21 -7.32 -8.16 8.64
C LEU A 21 -7.94 -6.79 8.87
N LEU A 22 -8.55 -6.64 10.04
CA LEU A 22 -9.19 -5.38 10.40
C LEU A 22 -8.30 -4.22 9.96
N ASN A 23 -7.07 -4.23 10.44
CA ASN A 23 -6.12 -3.18 10.10
C ASN A 23 -6.10 -2.99 8.58
N HIS A 24 -5.92 -4.11 7.88
CA HIS A 24 -5.88 -4.09 6.43
C HIS A 24 -6.99 -3.18 5.90
N GLN A 25 -8.21 -3.54 6.25
CA GLN A 25 -9.37 -2.79 5.82
C GLN A 25 -9.11 -1.28 5.96
N LEU A 26 -8.36 -0.94 7.01
CA LEU A 26 -8.03 0.44 7.27
C LEU A 26 -9.30 1.29 7.29
N SER A 27 -9.14 2.57 7.53
CA SER A 27 -10.26 3.48 7.58
C SER A 27 -10.31 4.33 6.31
N GLU A 28 -11.50 4.81 6.00
CA GLU A 28 -11.69 5.64 4.82
C GLU A 28 -10.54 6.63 4.66
N ILE A 29 -10.46 7.55 5.61
CA ILE A 29 -9.42 8.55 5.59
C ILE A 29 -8.09 7.90 5.20
N ASP A 30 -7.61 7.03 6.07
CA ASP A 30 -6.36 6.33 5.83
C ASP A 30 -6.30 5.91 4.37
N GLN A 31 -7.21 5.04 3.99
CA GLN A 31 -7.26 4.55 2.63
C GLN A 31 -7.04 5.69 1.64
N ALA A 32 -7.90 6.69 1.72
CA ALA A 32 -7.81 7.85 0.85
C ALA A 32 -6.34 8.28 0.75
N ARG A 33 -5.64 8.16 1.87
CA ARG A 33 -4.25 8.54 1.93
C ARG A 33 -3.39 7.53 1.17
N LEU A 34 -3.68 6.26 1.41
CA LEU A 34 -2.95 5.19 0.74
C LEU A 34 -3.06 5.36 -0.77
N TYR A 35 -4.30 5.32 -1.24
CA TYR A 35 -4.56 5.46 -2.66
C TYR A 35 -3.82 6.68 -3.23
N SER A 36 -3.72 7.71 -2.41
CA SER A 36 -3.04 8.93 -2.82
C SER A 36 -1.62 8.61 -3.28
N CYS A 37 -1.08 7.53 -2.73
CA CYS A 37 0.27 7.10 -3.07
C CYS A 37 0.20 6.29 -4.36
N LEU A 38 -0.91 5.56 -4.50
CA LEU A 38 -1.10 4.73 -5.68
C LEU A 38 -1.10 5.61 -6.92
N ASP A 39 -2.19 6.34 -7.11
CA ASP A 39 -2.31 7.22 -8.26
C ASP A 39 -0.95 7.85 -8.57
N HIS A 40 -0.17 8.04 -7.51
CA HIS A 40 1.15 8.63 -7.65
C HIS A 40 2.14 7.55 -8.10
N MET A 41 2.53 6.72 -7.15
CA MET A 41 3.46 5.64 -7.42
C MET A 41 3.05 4.85 -8.66
N ARG A 42 1.80 4.39 -8.63
CA ARG A 42 1.27 3.61 -9.75
C ARG A 42 1.66 4.27 -11.08
N GLU A 43 1.25 5.51 -11.23
CA GLU A 43 1.55 6.26 -12.44
C GLU A 43 3.05 6.17 -12.77
N VAL A 44 3.83 5.88 -11.74
CA VAL A 44 5.27 5.75 -11.90
C VAL A 44 5.62 4.30 -12.20
N LEU A 45 5.57 3.48 -11.16
CA LEU A 45 5.89 2.07 -11.30
C LEU A 45 4.64 1.32 -11.78
N GLY A 46 3.51 1.70 -11.20
CA GLY A 46 2.25 1.07 -11.56
C GLY A 46 2.20 0.73 -13.05
N ASP A 47 2.88 1.57 -13.83
CA ASP A 47 2.93 1.38 -15.27
C ASP A 47 3.25 -0.09 -15.57
N ALA A 48 4.18 -0.62 -14.81
CA ALA A 48 4.59 -2.02 -14.99
C ALA A 48 4.12 -2.83 -13.78
N VAL A 49 4.49 -2.35 -12.60
CA VAL A 49 4.12 -3.03 -11.37
C VAL A 49 2.63 -2.83 -11.12
N PRO A 50 2.05 -3.76 -10.30
CA PRO A 50 0.64 -3.70 -9.98
C PRO A 50 0.36 -2.59 -8.95
N ASP A 51 -0.82 -2.66 -8.37
CA ASP A 51 -1.22 -1.67 -7.38
C ASP A 51 -0.86 -2.19 -5.98
N ASP A 52 -1.17 -3.45 -5.75
CA ASP A 52 -0.89 -4.08 -4.48
C ASP A 52 0.60 -3.91 -4.13
N ILE A 53 1.43 -4.45 -5.02
CA ILE A 53 2.86 -4.37 -4.82
C ILE A 53 3.22 -2.98 -4.28
N LEU A 54 2.52 -1.98 -4.81
CA LEU A 54 2.75 -0.60 -4.39
C LEU A 54 2.10 -0.37 -3.03
N THR A 55 0.81 -0.70 -2.96
CA THR A 55 0.06 -0.53 -1.73
C THR A 55 0.84 -1.09 -0.55
N GLU A 56 1.41 -2.27 -0.76
CA GLU A 56 2.19 -2.93 0.28
C GLU A 56 3.31 -2.01 0.77
N ALA A 57 4.01 -1.42 -0.19
CA ALA A 57 5.11 -0.52 0.12
C ALA A 57 4.61 0.55 1.09
N ILE A 58 3.44 1.10 0.79
CA ILE A 58 2.85 2.13 1.63
C ILE A 58 2.77 1.62 3.07
N LEU A 59 2.10 0.50 3.23
CA LEU A 59 1.94 -0.09 4.55
C LEU A 59 3.29 -0.57 5.06
N LYS A 60 4.24 -0.63 4.14
CA LYS A 60 5.59 -1.08 4.47
C LYS A 60 6.29 0.02 5.28
N HIS A 61 5.82 1.25 5.09
CA HIS A 61 6.38 2.38 5.79
C HIS A 61 5.25 3.29 6.30
N LYS A 62 4.15 2.66 6.67
CA LYS A 62 3.00 3.39 7.17
C LYS A 62 2.82 4.67 6.36
N PHE A 63 2.36 4.51 5.13
CA PHE A 63 2.14 5.64 4.25
C PHE A 63 3.38 6.54 4.21
N ASP A 64 4.26 6.25 3.26
CA ASP A 64 5.48 7.02 3.10
C ASP A 64 6.05 6.80 1.70
N VAL A 65 5.35 7.38 0.72
CA VAL A 65 5.77 7.25 -0.66
C VAL A 65 7.30 7.39 -0.75
N GLN A 66 7.78 8.52 -0.25
CA GLN A 66 9.20 8.79 -0.26
C GLN A 66 9.99 7.51 0.03
N LYS A 67 9.47 6.73 0.95
CA LYS A 67 10.11 5.48 1.33
C LYS A 67 9.59 4.36 0.42
N ALA A 68 8.28 4.22 0.40
CA ALA A 68 7.64 3.20 -0.41
C ALA A 68 8.29 3.18 -1.80
N LEU A 69 8.57 4.37 -2.29
CA LEU A 69 9.19 4.51 -3.61
C LEU A 69 10.64 4.03 -3.53
N SER A 70 11.42 4.71 -2.68
CA SER A 70 12.81 4.36 -2.51
C SER A 70 12.97 2.85 -2.37
N VAL A 71 11.95 2.23 -1.78
CA VAL A 71 11.96 0.80 -1.58
C VAL A 71 11.41 0.11 -2.83
N VAL A 72 10.24 0.57 -3.26
CA VAL A 72 9.60 0.00 -4.44
C VAL A 72 10.59 0.01 -5.60
N LEU A 73 11.23 1.16 -5.78
CA LEU A 73 12.20 1.31 -6.86
C LEU A 73 13.28 0.24 -6.72
N GLU A 74 14.01 0.31 -5.62
CA GLU A 74 15.07 -0.64 -5.35
C GLU A 74 14.57 -2.06 -5.56
N GLN A 75 13.52 -2.41 -4.82
CA GLN A 75 12.94 -3.74 -4.91
C GLN A 75 12.89 -4.19 -6.37
N ASP A 76 12.16 -3.42 -7.17
CA ASP A 76 12.02 -3.74 -8.58
C ASP A 76 13.37 -4.20 -9.13
N GLY A 77 14.42 -3.50 -8.73
CA GLY A 77 15.76 -3.83 -9.16
C GLY A 77 16.31 -5.03 -8.39
N SER A 78 16.07 -5.03 -7.09
CA SER A 78 16.53 -6.11 -6.24
C SER A 78 16.35 -7.45 -6.95
N GLY A 79 15.10 -7.81 -7.17
CA GLY A 79 14.78 -9.06 -7.84
C GLY A 79 14.73 -8.87 -9.35
N PRO A 80 13.66 -8.18 -9.82
CA PRO A 80 13.49 -7.93 -11.23
C PRO A 80 14.45 -6.84 -11.72
N SER A 81 14.30 -6.50 -12.99
CA SER A 81 15.14 -5.47 -13.59
C SER A 81 14.87 -5.38 -15.09
N SER A 82 14.34 -4.23 -15.49
CA SER A 82 14.03 -4.00 -16.89
C SER A 82 12.91 -4.94 -17.34
N GLY A 83 12.39 -4.67 -18.53
CA GLY A 83 11.31 -5.48 -19.07
C GLY A 83 9.96 -4.81 -18.85
N GLY A 1 -30.02 -7.74 -1.11
CA GLY A 1 -29.36 -8.97 -0.74
C GLY A 1 -28.49 -8.80 0.49
N SER A 2 -27.60 -9.76 0.71
CA SER A 2 -26.70 -9.71 1.85
C SER A 2 -27.50 -9.76 3.15
N SER A 3 -26.82 -10.17 4.21
CA SER A 3 -27.45 -10.27 5.52
C SER A 3 -27.61 -8.88 6.12
N GLY A 4 -28.48 -8.79 7.13
CA GLY A 4 -28.72 -7.53 7.80
C GLY A 4 -28.11 -7.54 9.20
N SER A 5 -26.80 -7.37 9.24
CA SER A 5 -26.08 -7.36 10.50
C SER A 5 -24.63 -6.91 10.29
N SER A 6 -24.28 -5.81 10.93
CA SER A 6 -22.94 -5.27 10.81
C SER A 6 -22.59 -4.47 12.07
N GLY A 7 -21.72 -5.06 12.89
CA GLY A 7 -21.29 -4.42 14.11
C GLY A 7 -19.99 -3.66 13.90
N GLU A 8 -20.06 -2.64 13.07
CA GLU A 8 -18.90 -1.81 12.78
C GLU A 8 -18.41 -1.11 14.04
N TYR A 9 -19.30 -0.32 14.63
CA TYR A 9 -18.98 0.41 15.84
C TYR A 9 -18.43 -0.53 16.92
N GLY A 10 -19.19 -1.59 17.17
CA GLY A 10 -18.81 -2.57 18.17
C GLY A 10 -17.30 -2.82 18.14
N TYR A 11 -16.83 -3.29 16.99
CA TYR A 11 -15.42 -3.58 16.82
C TYR A 11 -14.56 -2.45 17.40
N GLU A 12 -14.87 -1.24 16.96
CA GLU A 12 -14.14 -0.07 17.42
C GLU A 12 -13.84 -0.18 18.92
N ASP A 13 -14.91 -0.32 19.69
CA ASP A 13 -14.77 -0.44 21.13
C ASP A 13 -13.63 -1.41 21.46
N LEU A 14 -13.70 -2.58 20.84
CA LEU A 14 -12.68 -3.59 21.06
C LEU A 14 -11.31 -3.01 20.73
N ARG A 15 -11.21 -2.43 19.54
CA ARG A 15 -9.96 -1.83 19.10
C ARG A 15 -8.78 -2.70 19.52
N GLU A 16 -8.41 -3.62 18.64
CA GLU A 16 -7.30 -4.51 18.90
C GLU A 16 -7.01 -5.38 17.68
N SER A 17 -6.50 -4.74 16.64
CA SER A 17 -6.18 -5.44 15.41
C SER A 17 -7.27 -6.46 15.09
N SER A 18 -8.27 -6.00 14.37
CA SER A 18 -9.38 -6.86 13.98
C SER A 18 -8.85 -8.17 13.40
N ASN A 19 -8.09 -8.03 12.32
CA ASN A 19 -7.51 -9.19 11.65
C ASN A 19 -6.77 -8.74 10.40
N SER A 20 -5.99 -9.66 9.85
CA SER A 20 -5.22 -9.37 8.65
C SER A 20 -6.11 -8.71 7.60
N LEU A 21 -7.20 -9.40 7.26
CA LEU A 21 -8.13 -8.90 6.28
C LEU A 21 -8.36 -7.40 6.51
N LEU A 22 -8.91 -7.09 7.68
CA LEU A 22 -9.18 -5.71 8.04
C LEU A 22 -7.99 -4.84 7.61
N ASN A 23 -6.83 -5.17 8.17
CA ASN A 23 -5.63 -4.43 7.87
C ASN A 23 -5.59 -4.10 6.38
N HIS A 24 -5.78 -5.14 5.58
CA HIS A 24 -5.78 -4.99 4.13
C HIS A 24 -6.92 -4.05 3.71
N GLN A 25 -8.13 -4.43 4.12
CA GLN A 25 -9.31 -3.64 3.79
C GLN A 25 -9.01 -2.15 3.96
N LEU A 26 -8.26 -1.84 5.02
CA LEU A 26 -7.89 -0.46 5.30
C LEU A 26 -9.17 0.36 5.54
N SER A 27 -9.03 1.37 6.37
CA SER A 27 -10.16 2.24 6.68
C SER A 27 -10.25 3.37 5.66
N GLU A 28 -11.49 3.74 5.36
CA GLU A 28 -11.74 4.81 4.40
C GLU A 28 -10.71 5.92 4.57
N ILE A 29 -10.69 6.48 5.78
CA ILE A 29 -9.77 7.56 6.08
C ILE A 29 -8.40 7.26 5.46
N ASP A 30 -7.88 6.09 5.79
CA ASP A 30 -6.60 5.67 5.27
C ASP A 30 -6.71 5.45 3.76
N GLN A 31 -7.63 4.58 3.38
CA GLN A 31 -7.85 4.27 1.98
C GLN A 31 -7.72 5.55 1.14
N ALA A 32 -8.06 6.66 1.75
CA ALA A 32 -8.00 7.95 1.08
C ALA A 32 -6.53 8.37 0.94
N ARG A 33 -5.90 8.59 2.09
CA ARG A 33 -4.51 9.00 2.11
C ARG A 33 -3.65 7.99 1.35
N LEU A 34 -4.21 6.81 1.14
CA LEU A 34 -3.51 5.75 0.43
C LEU A 34 -3.65 5.98 -1.07
N TYR A 35 -4.82 6.45 -1.47
CA TYR A 35 -5.09 6.72 -2.87
C TYR A 35 -4.21 7.84 -3.39
N SER A 36 -3.51 8.49 -2.46
CA SER A 36 -2.63 9.59 -2.80
C SER A 36 -1.20 9.07 -2.98
N CYS A 37 -0.94 7.92 -2.38
CA CYS A 37 0.37 7.31 -2.46
C CYS A 37 0.35 6.27 -3.59
N LEU A 38 -0.76 5.55 -3.68
CA LEU A 38 -0.91 4.54 -4.70
C LEU A 38 -0.85 5.20 -6.09
N ASP A 39 -1.92 5.90 -6.42
CA ASP A 39 -2.00 6.58 -7.70
C ASP A 39 -0.62 7.12 -8.07
N HIS A 40 0.06 7.66 -7.07
CA HIS A 40 1.39 8.22 -7.28
C HIS A 40 2.32 7.14 -7.84
N MET A 41 2.65 6.19 -6.98
CA MET A 41 3.52 5.09 -7.38
C MET A 41 2.93 4.32 -8.57
N ARG A 42 1.61 4.23 -8.57
CA ARG A 42 0.91 3.53 -9.63
C ARG A 42 1.26 4.14 -11.00
N GLU A 43 0.96 5.42 -11.12
CA GLU A 43 1.22 6.14 -12.36
C GLU A 43 2.69 6.01 -12.74
N VAL A 44 3.50 5.63 -11.75
CA VAL A 44 4.92 5.45 -11.97
C VAL A 44 5.20 3.99 -12.37
N LEU A 45 5.14 3.11 -11.38
CA LEU A 45 5.37 1.71 -11.61
C LEU A 45 4.05 1.02 -11.99
N GLY A 46 3.00 1.43 -11.31
CA GLY A 46 1.68 0.88 -11.56
C GLY A 46 1.48 0.59 -13.05
N ASP A 47 2.11 1.41 -13.87
CA ASP A 47 2.02 1.26 -15.31
C ASP A 47 2.24 -0.21 -15.68
N ALA A 48 3.20 -0.82 -15.01
CA ALA A 48 3.53 -2.21 -15.26
C ALA A 48 3.11 -3.04 -14.04
N VAL A 49 3.60 -2.63 -12.89
CA VAL A 49 3.30 -3.32 -11.65
C VAL A 49 1.85 -3.05 -11.26
N PRO A 50 1.30 -3.96 -10.40
CA PRO A 50 -0.08 -3.82 -9.95
C PRO A 50 -0.20 -2.71 -8.91
N ASP A 51 -1.35 -2.69 -8.25
CA ASP A 51 -1.61 -1.69 -7.23
C ASP A 51 -1.23 -2.26 -5.85
N ASP A 52 -1.81 -3.40 -5.54
CA ASP A 52 -1.54 -4.06 -4.28
C ASP A 52 -0.05 -3.93 -3.94
N ILE A 53 0.76 -4.56 -4.79
CA ILE A 53 2.20 -4.52 -4.61
C ILE A 53 2.62 -3.14 -4.10
N LEU A 54 2.30 -2.14 -4.91
CA LEU A 54 2.63 -0.76 -4.57
C LEU A 54 2.01 -0.42 -3.20
N THR A 55 0.72 -0.67 -3.09
CA THR A 55 0.01 -0.39 -1.85
C THR A 55 0.81 -0.90 -0.65
N GLU A 56 1.04 -2.21 -0.65
CA GLU A 56 1.78 -2.83 0.43
C GLU A 56 3.00 -1.98 0.79
N ALA A 57 3.82 -1.72 -0.21
CA ALA A 57 5.02 -0.92 -0.01
C ALA A 57 4.69 0.27 0.90
N ILE A 58 3.59 0.93 0.58
CA ILE A 58 3.16 2.09 1.36
C ILE A 58 2.82 1.63 2.78
N LEU A 59 2.15 0.49 2.86
CA LEU A 59 1.76 -0.07 4.14
C LEU A 59 3.01 -0.58 4.87
N LYS A 60 4.10 -0.69 4.12
CA LYS A 60 5.35 -1.16 4.67
C LYS A 60 6.08 0.00 5.36
N HIS A 61 5.61 1.21 5.05
CA HIS A 61 6.20 2.41 5.62
C HIS A 61 5.09 3.33 6.13
N LYS A 62 3.96 2.73 6.45
CA LYS A 62 2.82 3.48 6.95
C LYS A 62 2.72 4.80 6.19
N PHE A 63 2.44 4.68 4.90
CA PHE A 63 2.32 5.86 4.05
C PHE A 63 3.63 6.65 4.01
N ASP A 64 4.45 6.34 3.02
CA ASP A 64 5.72 7.02 2.87
C ASP A 64 6.24 6.79 1.44
N VAL A 65 5.50 7.31 0.49
CA VAL A 65 5.88 7.17 -0.92
C VAL A 65 7.39 7.34 -1.04
N GLN A 66 7.87 8.47 -0.57
CA GLN A 66 9.30 8.77 -0.63
C GLN A 66 10.11 7.51 -0.34
N LYS A 67 9.74 6.83 0.73
CA LYS A 67 10.44 5.62 1.12
C LYS A 67 9.96 4.46 0.24
N ALA A 68 8.65 4.22 0.28
CA ALA A 68 8.06 3.16 -0.51
C ALA A 68 8.71 3.14 -1.89
N LEU A 69 8.96 4.32 -2.42
CA LEU A 69 9.58 4.44 -3.73
C LEU A 69 11.05 4.07 -3.63
N SER A 70 11.72 4.68 -2.65
CA SER A 70 13.13 4.41 -2.44
C SER A 70 13.37 2.91 -2.30
N VAL A 71 12.36 2.22 -1.80
CA VAL A 71 12.45 0.78 -1.61
C VAL A 71 11.90 0.08 -2.86
N VAL A 72 10.73 0.53 -3.29
CA VAL A 72 10.10 -0.05 -4.47
C VAL A 72 11.08 -0.02 -5.64
N LEU A 73 11.80 1.09 -5.75
CA LEU A 73 12.77 1.26 -6.82
C LEU A 73 13.85 0.19 -6.68
N GLU A 74 14.53 0.21 -5.54
CA GLU A 74 15.59 -0.75 -5.28
C GLU A 74 15.07 -2.18 -5.46
N GLN A 75 13.99 -2.47 -4.75
CA GLN A 75 13.39 -3.79 -4.83
C GLN A 75 13.26 -4.24 -6.28
N ASP A 76 12.55 -3.42 -7.05
CA ASP A 76 12.35 -3.72 -8.46
C ASP A 76 13.71 -3.79 -9.16
N GLY A 77 14.57 -2.84 -8.84
CA GLY A 77 15.90 -2.79 -9.43
C GLY A 77 16.59 -4.15 -9.33
N SER A 78 16.20 -4.90 -8.31
CA SER A 78 16.77 -6.22 -8.09
C SER A 78 16.68 -7.06 -9.38
N GLY A 79 15.50 -7.03 -9.97
CA GLY A 79 15.26 -7.77 -11.20
C GLY A 79 16.39 -7.55 -12.20
N PRO A 80 16.42 -6.31 -12.77
CA PRO A 80 17.45 -5.96 -13.74
C PRO A 80 18.79 -5.72 -13.05
N SER A 81 19.81 -6.43 -13.53
CA SER A 81 21.14 -6.31 -12.96
C SER A 81 21.91 -5.21 -13.70
N SER A 82 22.07 -4.09 -13.01
CA SER A 82 22.78 -2.95 -13.58
C SER A 82 24.08 -2.72 -12.82
N GLY A 83 25.14 -3.36 -13.32
CA GLY A 83 26.45 -3.23 -12.70
C GLY A 83 27.16 -4.58 -12.64
N GLY A 1 -11.37 13.78 -7.92
CA GLY A 1 -12.52 14.63 -7.68
C GLY A 1 -12.11 15.95 -7.04
N SER A 2 -12.05 15.92 -5.71
CA SER A 2 -11.68 17.12 -4.96
C SER A 2 -11.33 16.73 -3.51
N SER A 3 -10.56 17.59 -2.87
CA SER A 3 -10.15 17.35 -1.50
C SER A 3 -10.46 18.59 -0.64
N GLY A 4 -10.46 18.37 0.66
CA GLY A 4 -10.73 19.46 1.59
C GLY A 4 -9.44 20.00 2.20
N SER A 5 -9.55 20.44 3.45
CA SER A 5 -8.40 20.98 4.15
C SER A 5 -8.52 20.69 5.66
N SER A 6 -7.38 20.43 6.27
CA SER A 6 -7.35 20.15 7.70
C SER A 6 -8.12 18.86 7.99
N GLY A 7 -7.73 18.20 9.07
CA GLY A 7 -8.37 16.96 9.47
C GLY A 7 -7.73 16.40 10.75
N GLU A 8 -7.83 17.17 11.81
CA GLU A 8 -7.28 16.76 13.09
C GLU A 8 -7.97 15.49 13.58
N TYR A 9 -9.27 15.58 13.73
CA TYR A 9 -10.06 14.45 14.20
C TYR A 9 -9.55 13.14 13.59
N GLY A 10 -9.42 13.16 12.27
CA GLY A 10 -8.95 11.99 11.54
C GLY A 10 -7.78 11.33 12.29
N TYR A 11 -6.68 12.06 12.38
CA TYR A 11 -5.51 11.55 13.06
C TYR A 11 -5.88 10.76 14.31
N GLU A 12 -6.67 11.41 15.16
CA GLU A 12 -7.11 10.78 16.39
C GLU A 12 -7.73 9.41 16.11
N ASP A 13 -8.76 9.43 15.28
CA ASP A 13 -9.45 8.19 14.92
C ASP A 13 -8.42 7.17 14.42
N LEU A 14 -7.65 7.59 13.42
CA LEU A 14 -6.62 6.73 12.85
C LEU A 14 -5.85 6.05 13.98
N ARG A 15 -5.39 6.87 14.91
CA ARG A 15 -4.63 6.36 16.05
C ARG A 15 -5.27 5.07 16.58
N GLU A 16 -4.47 4.29 17.28
CA GLU A 16 -4.94 3.03 17.83
C GLU A 16 -5.37 2.08 16.72
N SER A 17 -4.98 0.81 16.88
CA SER A 17 -5.32 -0.20 15.90
C SER A 17 -6.08 -1.34 16.57
N SER A 18 -6.99 -1.94 15.81
CA SER A 18 -7.79 -3.04 16.32
C SER A 18 -7.10 -4.37 16.02
N ASN A 19 -6.85 -4.59 14.73
CA ASN A 19 -6.19 -5.82 14.30
C ASN A 19 -5.70 -5.64 12.86
N SER A 20 -4.83 -6.55 12.46
CA SER A 20 -4.26 -6.51 11.12
C SER A 20 -5.38 -6.30 10.09
N LEU A 21 -6.41 -7.12 10.20
CA LEU A 21 -7.54 -7.02 9.29
C LEU A 21 -7.96 -5.55 9.15
N LEU A 22 -8.44 -5.01 10.25
CA LEU A 22 -8.89 -3.62 10.27
C LEU A 22 -7.84 -2.75 9.57
N ASN A 23 -6.62 -2.81 10.09
CA ASN A 23 -5.52 -2.05 9.52
C ASN A 23 -5.51 -2.22 8.01
N HIS A 24 -5.76 -3.45 7.58
CA HIS A 24 -5.78 -3.76 6.15
C HIS A 24 -7.00 -3.11 5.51
N GLN A 25 -8.15 -3.32 6.14
CA GLN A 25 -9.40 -2.76 5.64
C GLN A 25 -9.17 -1.33 5.15
N LEU A 26 -8.23 -0.66 5.80
CA LEU A 26 -7.92 0.72 5.45
C LEU A 26 -9.21 1.54 5.41
N SER A 27 -9.53 2.13 6.55
CA SER A 27 -10.74 2.94 6.66
C SER A 27 -10.81 3.92 5.50
N GLU A 28 -12.01 4.45 5.28
CA GLU A 28 -12.22 5.41 4.21
C GLU A 28 -11.22 6.55 4.30
N ILE A 29 -10.76 6.78 5.53
CA ILE A 29 -9.79 7.85 5.77
C ILE A 29 -8.43 7.44 5.21
N ASP A 30 -7.84 6.44 5.85
CA ASP A 30 -6.54 5.95 5.44
C ASP A 30 -6.53 5.77 3.91
N GLN A 31 -7.54 5.04 3.44
CA GLN A 31 -7.66 4.80 2.01
C GLN A 31 -7.39 6.07 1.22
N ALA A 32 -8.17 7.10 1.53
CA ALA A 32 -8.02 8.37 0.86
C ALA A 32 -6.54 8.70 0.68
N ARG A 33 -5.85 8.77 1.82
CA ARG A 33 -4.43 9.06 1.80
C ARG A 33 -3.67 8.03 0.96
N LEU A 34 -3.95 6.77 1.24
CA LEU A 34 -3.32 5.69 0.52
C LEU A 34 -3.43 5.94 -0.98
N TYR A 35 -4.67 5.96 -1.46
CA TYR A 35 -4.92 6.19 -2.87
C TYR A 35 -4.13 7.40 -3.37
N SER A 36 -4.26 8.50 -2.64
CA SER A 36 -3.56 9.72 -3.01
C SER A 36 -2.07 9.44 -3.20
N CYS A 37 -1.61 8.39 -2.54
CA CYS A 37 -0.21 8.00 -2.62
C CYS A 37 -0.07 6.94 -3.72
N LEU A 38 -0.75 5.83 -3.51
CA LEU A 38 -0.72 4.74 -4.47
C LEU A 38 -0.80 5.31 -5.89
N ASP A 39 -1.90 5.98 -6.16
CA ASP A 39 -2.10 6.58 -7.47
C ASP A 39 -0.77 7.11 -8.00
N HIS A 40 0.05 7.58 -7.08
CA HIS A 40 1.34 8.13 -7.43
C HIS A 40 2.26 6.99 -7.91
N MET A 41 2.74 6.22 -6.95
CA MET A 41 3.62 5.10 -7.27
C MET A 41 3.04 4.23 -8.37
N ARG A 42 1.73 4.37 -8.56
CA ARG A 42 1.03 3.60 -9.58
C ARG A 42 1.24 4.24 -10.96
N GLU A 43 1.15 5.55 -10.98
CA GLU A 43 1.33 6.30 -12.22
C GLU A 43 2.74 6.06 -12.78
N VAL A 44 3.65 5.75 -11.87
CA VAL A 44 5.03 5.51 -12.25
C VAL A 44 5.23 4.00 -12.48
N LEU A 45 5.30 3.28 -11.38
CA LEU A 45 5.48 1.84 -11.43
C LEU A 45 4.19 1.17 -11.86
N GLY A 46 3.11 1.55 -11.17
CA GLY A 46 1.80 1.00 -11.47
C GLY A 46 1.63 0.78 -12.98
N ASP A 47 2.26 1.65 -13.74
CA ASP A 47 2.19 1.56 -15.20
C ASP A 47 2.45 0.11 -15.63
N ALA A 48 3.47 -0.48 -15.03
CA ALA A 48 3.82 -1.85 -15.35
C ALA A 48 3.51 -2.75 -14.15
N VAL A 49 3.95 -2.30 -12.98
CA VAL A 49 3.72 -3.04 -11.76
C VAL A 49 2.25 -2.90 -11.35
N PRO A 50 1.79 -3.89 -10.52
CA PRO A 50 0.42 -3.88 -10.05
C PRO A 50 0.21 -2.82 -8.98
N ASP A 51 -0.94 -2.91 -8.31
CA ASP A 51 -1.27 -1.96 -7.25
C ASP A 51 -0.84 -2.54 -5.90
N ASP A 52 -1.33 -3.74 -5.62
CA ASP A 52 -1.01 -4.40 -4.38
C ASP A 52 0.47 -4.19 -4.06
N ILE A 53 1.31 -4.72 -4.93
CA ILE A 53 2.75 -4.60 -4.76
C ILE A 53 3.07 -3.21 -4.19
N LEU A 54 2.54 -2.20 -4.86
CA LEU A 54 2.76 -0.83 -4.45
C LEU A 54 2.11 -0.59 -3.09
N THR A 55 0.82 -0.92 -3.02
CA THR A 55 0.07 -0.76 -1.78
C THR A 55 0.89 -1.27 -0.59
N GLU A 56 1.37 -2.49 -0.73
CA GLU A 56 2.17 -3.11 0.32
C GLU A 56 3.29 -2.17 0.76
N ALA A 57 4.00 -1.65 -0.24
CA ALA A 57 5.10 -0.74 0.03
C ALA A 57 4.63 0.34 1.01
N ILE A 58 3.47 0.91 0.72
CA ILE A 58 2.91 1.95 1.56
C ILE A 58 2.80 1.43 2.99
N LEU A 59 2.07 0.32 3.13
CA LEU A 59 1.88 -0.29 4.44
C LEU A 59 3.22 -0.79 4.97
N LYS A 60 4.19 -0.85 4.07
CA LYS A 60 5.52 -1.31 4.43
C LYS A 60 6.23 -0.21 5.23
N HIS A 61 5.71 0.99 5.11
CA HIS A 61 6.29 2.14 5.80
C HIS A 61 5.17 3.04 6.32
N LYS A 62 4.05 2.42 6.65
CA LYS A 62 2.90 3.15 7.15
C LYS A 62 2.76 4.47 6.38
N PHE A 63 2.44 4.34 5.10
CA PHE A 63 2.27 5.50 4.25
C PHE A 63 3.53 6.36 4.25
N ASP A 64 4.38 6.10 3.25
CA ASP A 64 5.63 6.85 3.13
C ASP A 64 6.18 6.66 1.71
N VAL A 65 5.44 7.17 0.75
CA VAL A 65 5.84 7.06 -0.65
C VAL A 65 7.34 7.33 -0.76
N GLN A 66 7.73 8.50 -0.26
CA GLN A 66 9.13 8.89 -0.30
C GLN A 66 10.03 7.68 0.00
N LYS A 67 9.55 6.82 0.88
CA LYS A 67 10.28 5.63 1.26
C LYS A 67 9.84 4.46 0.39
N ALA A 68 8.53 4.27 0.34
CA ALA A 68 7.95 3.19 -0.44
C ALA A 68 8.57 3.19 -1.84
N LEU A 69 8.81 4.41 -2.34
CA LEU A 69 9.39 4.57 -3.66
C LEU A 69 10.85 4.11 -3.62
N SER A 70 11.61 4.75 -2.74
CA SER A 70 13.03 4.41 -2.60
C SER A 70 13.19 2.91 -2.43
N VAL A 71 12.16 2.28 -1.88
CA VAL A 71 12.18 0.85 -1.65
C VAL A 71 11.61 0.13 -2.88
N VAL A 72 10.58 0.73 -3.46
CA VAL A 72 9.95 0.16 -4.64
C VAL A 72 10.91 0.28 -5.82
N LEU A 73 11.93 1.10 -5.65
CA LEU A 73 12.92 1.30 -6.69
C LEU A 73 14.07 0.31 -6.51
N GLU A 74 14.36 0.03 -5.24
CA GLU A 74 15.43 -0.90 -4.91
C GLU A 74 14.92 -2.34 -4.96
N GLN A 75 13.60 -2.46 -5.03
CA GLN A 75 12.98 -3.78 -5.09
C GLN A 75 12.71 -4.17 -6.54
N ASP A 76 12.56 -3.16 -7.38
CA ASP A 76 12.31 -3.39 -8.80
C ASP A 76 13.57 -3.93 -9.46
N GLY A 77 14.66 -3.22 -9.23
CA GLY A 77 15.94 -3.61 -9.80
C GLY A 77 16.24 -5.09 -9.52
N SER A 78 15.59 -5.60 -8.48
CA SER A 78 15.78 -6.99 -8.09
C SER A 78 15.40 -7.91 -9.25
N GLY A 79 14.31 -7.55 -9.91
CA GLY A 79 13.83 -8.34 -11.04
C GLY A 79 14.97 -8.67 -12.00
N PRO A 80 15.45 -7.62 -12.71
CA PRO A 80 16.54 -7.80 -13.65
C PRO A 80 17.88 -7.96 -12.93
N SER A 81 18.94 -7.91 -13.72
CA SER A 81 20.28 -8.07 -13.17
C SER A 81 20.33 -9.27 -12.22
N SER A 82 20.44 -10.45 -12.80
CA SER A 82 20.50 -11.67 -12.02
C SER A 82 21.90 -12.26 -12.07
N GLY A 83 22.35 -12.55 -13.30
CA GLY A 83 23.67 -13.11 -13.49
C GLY A 83 24.75 -12.20 -12.91
N GLY A 1 -16.36 11.75 -10.18
CA GLY A 1 -17.47 11.85 -9.24
C GLY A 1 -17.80 10.48 -8.66
N SER A 2 -16.83 9.92 -7.96
CA SER A 2 -17.01 8.62 -7.33
C SER A 2 -17.76 8.77 -6.01
N SER A 3 -18.78 7.93 -5.85
CA SER A 3 -19.59 7.97 -4.64
C SER A 3 -20.31 6.63 -4.46
N GLY A 4 -20.31 6.15 -3.22
CA GLY A 4 -20.95 4.89 -2.90
C GLY A 4 -21.50 4.90 -1.47
N SER A 5 -21.83 3.71 -1.00
CA SER A 5 -22.35 3.56 0.36
C SER A 5 -21.26 3.04 1.29
N SER A 6 -21.46 3.27 2.58
CA SER A 6 -20.51 2.84 3.57
C SER A 6 -21.13 2.92 4.97
N GLY A 7 -21.53 4.13 5.32
CA GLY A 7 -22.14 4.36 6.62
C GLY A 7 -21.08 4.57 7.71
N GLU A 8 -20.37 5.69 7.59
CA GLU A 8 -19.33 6.00 8.56
C GLU A 8 -19.93 6.29 9.93
N TYR A 9 -20.96 7.11 9.93
CA TYR A 9 -21.64 7.47 11.16
C TYR A 9 -21.73 6.27 12.10
N GLY A 10 -22.29 5.19 11.58
CA GLY A 10 -22.44 3.98 12.35
C GLY A 10 -21.09 3.35 12.69
N TYR A 11 -20.35 3.01 11.64
CA TYR A 11 -19.04 2.41 11.81
C TYR A 11 -18.28 3.07 12.96
N GLU A 12 -18.24 4.40 12.92
CA GLU A 12 -17.55 5.15 13.95
C GLU A 12 -18.27 4.99 15.30
N ASP A 13 -19.53 5.35 15.32
CA ASP A 13 -20.33 5.25 16.52
C ASP A 13 -20.03 3.92 17.22
N LEU A 14 -19.98 2.87 16.42
CA LEU A 14 -19.69 1.54 16.95
C LEU A 14 -18.32 1.55 17.63
N ARG A 15 -17.33 2.04 16.88
CA ARG A 15 -15.98 2.11 17.41
C ARG A 15 -15.62 0.81 18.12
N GLU A 16 -14.49 0.86 18.83
CA GLU A 16 -14.02 -0.31 19.56
C GLU A 16 -14.26 -1.58 18.75
N SER A 17 -13.50 -1.71 17.67
CA SER A 17 -13.62 -2.86 16.80
C SER A 17 -12.70 -2.71 15.58
N SER A 18 -11.71 -3.58 15.51
CA SER A 18 -10.76 -3.55 14.41
C SER A 18 -11.35 -4.23 13.18
N ASN A 19 -11.72 -5.49 13.36
CA ASN A 19 -12.30 -6.27 12.28
C ASN A 19 -11.34 -6.27 11.08
N SER A 20 -10.68 -7.40 10.90
CA SER A 20 -9.74 -7.53 9.80
C SER A 20 -10.31 -6.90 8.53
N LEU A 21 -11.52 -7.32 8.19
CA LEU A 21 -12.19 -6.82 7.01
C LEU A 21 -11.99 -5.29 6.94
N LEU A 22 -12.47 -4.63 7.99
CA LEU A 22 -12.36 -3.18 8.06
C LEU A 22 -10.95 -2.76 7.64
N ASN A 23 -9.96 -3.34 8.30
CA ASN A 23 -8.57 -3.04 8.01
C ASN A 23 -8.29 -3.38 6.55
N HIS A 24 -8.76 -4.54 6.14
CA HIS A 24 -8.56 -5.00 4.77
C HIS A 24 -8.99 -3.91 3.79
N GLN A 25 -10.30 -3.67 3.76
CA GLN A 25 -10.86 -2.67 2.88
C GLN A 25 -10.23 -1.30 3.17
N LEU A 26 -9.74 -1.17 4.40
CA LEU A 26 -9.11 0.07 4.81
C LEU A 26 -10.16 1.20 4.79
N SER A 27 -10.49 1.68 5.98
CA SER A 27 -11.47 2.75 6.12
C SER A 27 -11.25 3.79 5.02
N GLU A 28 -12.35 4.37 4.58
CA GLU A 28 -12.30 5.39 3.54
C GLU A 28 -11.21 6.42 3.85
N ILE A 29 -11.21 6.86 5.10
CA ILE A 29 -10.24 7.85 5.54
C ILE A 29 -8.84 7.42 5.07
N ASP A 30 -8.35 6.35 5.68
CA ASP A 30 -7.04 5.84 5.33
C ASP A 30 -6.94 5.67 3.81
N GLN A 31 -7.84 4.86 3.28
CA GLN A 31 -7.87 4.61 1.85
C GLN A 31 -7.58 5.90 1.08
N ALA A 32 -8.42 6.90 1.32
CA ALA A 32 -8.26 8.18 0.66
C ALA A 32 -6.77 8.54 0.60
N ARG A 33 -6.15 8.53 1.76
CA ARG A 33 -4.74 8.86 1.86
C ARG A 33 -3.91 7.90 1.00
N LEU A 34 -4.09 6.61 1.27
CA LEU A 34 -3.37 5.59 0.53
C LEU A 34 -3.37 5.94 -0.95
N TYR A 35 -4.57 6.07 -1.50
CA TYR A 35 -4.72 6.41 -2.90
C TYR A 35 -3.76 7.53 -3.31
N SER A 36 -3.88 8.64 -2.60
CA SER A 36 -3.03 9.79 -2.87
C SER A 36 -1.57 9.35 -2.97
N CYS A 37 -1.28 8.23 -2.33
CA CYS A 37 0.07 7.69 -2.35
C CYS A 37 0.17 6.68 -3.49
N LEU A 38 -0.75 5.73 -3.47
CA LEU A 38 -0.78 4.69 -4.49
C LEU A 38 -0.75 5.35 -5.88
N ASP A 39 -1.77 6.16 -6.14
CA ASP A 39 -1.87 6.86 -7.41
C ASP A 39 -0.48 7.25 -7.88
N HIS A 40 0.18 8.08 -7.07
CA HIS A 40 1.52 8.54 -7.40
C HIS A 40 2.32 7.40 -8.00
N MET A 41 2.72 6.47 -7.15
CA MET A 41 3.49 5.32 -7.60
C MET A 41 2.81 4.61 -8.76
N ARG A 42 1.49 4.53 -8.67
CA ARG A 42 0.70 3.89 -9.71
C ARG A 42 0.80 4.68 -11.01
N GLU A 43 1.37 5.87 -10.91
CA GLU A 43 1.52 6.74 -12.06
C GLU A 43 2.77 6.35 -12.86
N VAL A 44 3.87 6.18 -12.14
CA VAL A 44 5.13 5.80 -12.75
C VAL A 44 5.30 4.28 -12.68
N LEU A 45 5.18 3.77 -11.46
CA LEU A 45 5.31 2.34 -11.23
C LEU A 45 4.08 1.62 -11.78
N GLY A 46 2.92 2.11 -11.37
CA GLY A 46 1.67 1.51 -11.82
C GLY A 46 1.75 1.09 -13.28
N ASP A 47 2.48 1.88 -14.05
CA ASP A 47 2.64 1.62 -15.47
C ASP A 47 2.84 0.11 -15.67
N ALA A 48 3.85 -0.42 -15.01
CA ALA A 48 4.15 -1.84 -15.10
C ALA A 48 3.82 -2.52 -13.77
N VAL A 49 4.38 -1.97 -12.71
CA VAL A 49 4.15 -2.51 -11.38
C VAL A 49 2.65 -2.46 -11.07
N PRO A 50 2.17 -3.52 -10.35
CA PRO A 50 0.77 -3.60 -9.98
C PRO A 50 0.44 -2.63 -8.83
N ASP A 51 -0.70 -2.87 -8.22
CA ASP A 51 -1.15 -2.03 -7.11
C ASP A 51 -0.66 -2.65 -5.79
N ASP A 52 -1.09 -3.88 -5.56
CA ASP A 52 -0.72 -4.59 -4.35
C ASP A 52 0.74 -4.28 -4.01
N ILE A 53 1.63 -4.75 -4.88
CA ILE A 53 3.06 -4.53 -4.69
C ILE A 53 3.28 -3.11 -4.17
N LEU A 54 2.62 -2.17 -4.82
CA LEU A 54 2.73 -0.77 -4.43
C LEU A 54 2.13 -0.57 -3.04
N THR A 55 0.88 -0.99 -2.90
CA THR A 55 0.18 -0.88 -1.64
C THR A 55 1.07 -1.39 -0.49
N GLU A 56 1.56 -2.61 -0.67
CA GLU A 56 2.40 -3.21 0.34
C GLU A 56 3.49 -2.23 0.78
N ALA A 57 4.22 -1.72 -0.19
CA ALA A 57 5.28 -0.76 0.09
C ALA A 57 4.77 0.29 1.07
N ILE A 58 3.62 0.85 0.75
CA ILE A 58 3.01 1.87 1.59
C ILE A 58 2.92 1.34 3.03
N LEU A 59 2.19 0.25 3.18
CA LEU A 59 2.02 -0.36 4.49
C LEU A 59 3.38 -0.83 5.01
N LYS A 60 4.34 -0.88 4.11
CA LYS A 60 5.69 -1.31 4.46
C LYS A 60 6.36 -0.20 5.28
N HIS A 61 5.88 1.01 5.10
CA HIS A 61 6.43 2.15 5.81
C HIS A 61 5.28 3.04 6.31
N LYS A 62 4.18 2.40 6.66
CA LYS A 62 3.02 3.12 7.16
C LYS A 62 2.85 4.42 6.35
N PHE A 63 2.51 4.24 5.08
CA PHE A 63 2.31 5.38 4.20
C PHE A 63 3.56 6.27 4.16
N ASP A 64 4.43 5.98 3.19
CA ASP A 64 5.65 6.74 3.04
C ASP A 64 6.18 6.57 1.61
N VAL A 65 5.36 6.97 0.66
CA VAL A 65 5.72 6.87 -0.74
C VAL A 65 7.20 7.23 -0.90
N GLN A 66 7.53 8.45 -0.50
CA GLN A 66 8.90 8.94 -0.59
C GLN A 66 9.88 7.80 -0.28
N LYS A 67 9.48 6.96 0.67
CA LYS A 67 10.32 5.83 1.06
C LYS A 67 9.91 4.60 0.26
N ALA A 68 8.63 4.29 0.31
CA ALA A 68 8.10 3.14 -0.40
C ALA A 68 8.64 3.14 -1.83
N LEU A 69 8.80 4.33 -2.38
CA LEU A 69 9.32 4.48 -3.72
C LEU A 69 10.76 4.01 -3.77
N SER A 70 11.64 4.82 -3.21
CA SER A 70 13.06 4.50 -3.18
C SER A 70 13.26 3.03 -2.77
N VAL A 71 12.37 2.58 -1.89
CA VAL A 71 12.43 1.21 -1.41
C VAL A 71 11.91 0.27 -2.50
N VAL A 72 10.84 0.71 -3.16
CA VAL A 72 10.24 -0.08 -4.22
C VAL A 72 11.19 -0.13 -5.42
N LEU A 73 11.73 1.04 -5.75
CA LEU A 73 12.65 1.14 -6.87
C LEU A 73 13.68 0.02 -6.78
N GLU A 74 14.35 -0.04 -5.63
CA GLU A 74 15.36 -1.06 -5.40
C GLU A 74 14.72 -2.46 -5.42
N GLN A 75 13.63 -2.59 -4.68
CA GLN A 75 12.93 -3.86 -4.60
C GLN A 75 12.62 -4.38 -6.01
N ASP A 76 11.98 -3.52 -6.80
CA ASP A 76 11.62 -3.88 -8.15
C ASP A 76 12.89 -4.17 -8.95
N GLY A 77 13.84 -3.26 -8.85
CA GLY A 77 15.10 -3.41 -9.56
C GLY A 77 15.61 -4.85 -9.47
N SER A 78 15.24 -5.51 -8.38
CA SER A 78 15.65 -6.89 -8.16
C SER A 78 15.14 -7.77 -9.30
N GLY A 79 13.88 -7.54 -9.68
CA GLY A 79 13.27 -8.30 -10.75
C GLY A 79 14.21 -8.44 -11.94
N PRO A 80 14.42 -7.28 -12.63
CA PRO A 80 15.29 -7.25 -13.79
C PRO A 80 16.76 -7.30 -13.38
N SER A 81 17.63 -7.25 -14.37
CA SER A 81 19.06 -7.29 -14.13
C SER A 81 19.83 -6.70 -15.32
N SER A 82 19.56 -7.27 -16.49
CA SER A 82 20.20 -6.82 -17.71
C SER A 82 19.24 -5.95 -18.51
N GLY A 83 18.09 -6.52 -18.83
CA GLY A 83 17.09 -5.80 -19.60
C GLY A 83 15.70 -5.96 -18.97
N GLY A 1 -3.69 25.80 16.64
CA GLY A 1 -3.74 24.35 16.67
C GLY A 1 -2.44 23.74 16.15
N SER A 2 -2.59 22.82 15.22
CA SER A 2 -1.44 22.16 14.62
C SER A 2 -0.51 21.67 15.72
N SER A 3 -0.78 20.46 16.21
CA SER A 3 0.04 19.87 17.25
C SER A 3 1.11 18.98 16.64
N GLY A 4 2.17 18.77 17.40
CA GLY A 4 3.28 17.94 16.95
C GLY A 4 4.31 17.74 18.06
N SER A 5 5.54 17.47 17.64
CA SER A 5 6.62 17.25 18.59
C SER A 5 6.14 16.35 19.73
N SER A 6 6.21 15.04 19.48
CA SER A 6 5.79 14.08 20.48
C SER A 6 6.23 12.67 20.06
N GLY A 7 6.10 11.75 20.99
CA GLY A 7 6.48 10.36 20.73
C GLY A 7 5.24 9.47 20.65
N GLU A 8 4.31 9.89 19.80
CA GLU A 8 3.09 9.13 19.61
C GLU A 8 3.37 7.82 18.86
N TYR A 9 4.46 7.85 18.11
CA TYR A 9 4.86 6.67 17.34
C TYR A 9 5.19 5.50 18.26
N GLY A 10 6.10 5.76 19.19
CA GLY A 10 6.52 4.73 20.13
C GLY A 10 5.32 3.88 20.57
N TYR A 11 4.38 4.54 21.24
CA TYR A 11 3.18 3.86 21.72
C TYR A 11 2.65 2.88 20.68
N GLU A 12 2.19 3.44 19.57
CA GLU A 12 1.66 2.63 18.49
C GLU A 12 2.60 1.47 18.17
N ASP A 13 3.83 1.82 17.85
CA ASP A 13 4.85 0.83 17.52
C ASP A 13 4.78 -0.30 18.56
N LEU A 14 4.59 0.09 19.81
CA LEU A 14 4.51 -0.87 20.89
C LEU A 14 3.47 -1.94 20.55
N ARG A 15 2.29 -1.48 20.20
CA ARG A 15 1.20 -2.38 19.84
C ARG A 15 -0.05 -1.58 19.48
N GLU A 16 -0.59 -1.89 18.31
CA GLU A 16 -1.79 -1.20 17.84
C GLU A 16 -2.47 -2.03 16.74
N SER A 17 -3.38 -2.89 17.18
CA SER A 17 -4.10 -3.75 16.25
C SER A 17 -5.21 -4.51 16.99
N SER A 18 -6.43 -4.04 16.82
CA SER A 18 -7.57 -4.66 17.46
C SER A 18 -8.01 -5.89 16.66
N ASN A 19 -8.31 -5.66 15.40
CA ASN A 19 -8.75 -6.73 14.52
C ASN A 19 -8.05 -6.59 13.16
N SER A 20 -7.97 -7.70 12.46
CA SER A 20 -7.35 -7.71 11.15
C SER A 20 -8.26 -7.04 10.12
N LEU A 21 -9.49 -7.52 10.07
CA LEU A 21 -10.46 -6.99 9.13
C LEU A 21 -10.59 -5.47 9.35
N LEU A 22 -11.03 -5.11 10.54
CA LEU A 22 -11.19 -3.71 10.88
C LEU A 22 -10.01 -2.91 10.34
N ASN A 23 -8.83 -3.22 10.88
CA ASN A 23 -7.61 -2.55 10.46
C ASN A 23 -7.57 -2.49 8.93
N HIS A 24 -7.65 -3.66 8.32
CA HIS A 24 -7.62 -3.76 6.87
C HIS A 24 -8.53 -2.69 6.27
N GLN A 25 -9.79 -2.72 6.71
CA GLN A 25 -10.77 -1.77 6.22
C GLN A 25 -10.16 -0.37 6.14
N LEU A 26 -9.27 -0.08 7.08
CA LEU A 26 -8.61 1.21 7.13
C LEU A 26 -9.66 2.31 7.30
N SER A 27 -9.24 3.41 7.90
CA SER A 27 -10.12 4.54 8.12
C SER A 27 -10.20 5.40 6.87
N GLU A 28 -11.30 6.12 6.75
CA GLU A 28 -11.50 6.99 5.60
C GLU A 28 -10.19 7.71 5.24
N ILE A 29 -9.63 8.39 6.23
CA ILE A 29 -8.38 9.10 6.02
C ILE A 29 -7.33 8.15 5.45
N ASP A 30 -7.01 7.13 6.23
CA ASP A 30 -6.02 6.15 5.82
C ASP A 30 -6.26 5.80 4.35
N GLN A 31 -7.52 5.49 4.04
CA GLN A 31 -7.89 5.12 2.68
C GLN A 31 -7.43 6.21 1.70
N ALA A 32 -8.00 7.39 1.88
CA ALA A 32 -7.67 8.52 1.03
C ALA A 32 -6.15 8.55 0.78
N ARG A 33 -5.41 8.50 1.88
CA ARG A 33 -3.96 8.51 1.81
C ARG A 33 -3.47 7.41 0.87
N LEU A 34 -3.80 6.18 1.23
CA LEU A 34 -3.40 5.03 0.44
C LEU A 34 -3.53 5.37 -1.05
N TYR A 35 -4.75 5.76 -1.42
CA TYR A 35 -5.02 6.10 -2.81
C TYR A 35 -4.20 7.32 -3.24
N SER A 36 -4.15 8.31 -2.36
CA SER A 36 -3.40 9.52 -2.64
C SER A 36 -1.92 9.19 -2.84
N CYS A 37 -1.52 8.05 -2.28
CA CYS A 37 -0.14 7.61 -2.39
C CYS A 37 -0.04 6.66 -3.58
N LEU A 38 -0.78 5.57 -3.49
CA LEU A 38 -0.79 4.57 -4.54
C LEU A 38 -0.79 5.27 -5.90
N ASP A 39 -1.88 5.96 -6.17
CA ASP A 39 -2.02 6.68 -7.43
C ASP A 39 -0.65 7.23 -7.85
N HIS A 40 0.12 7.62 -6.85
CA HIS A 40 1.45 8.17 -7.10
C HIS A 40 2.33 7.10 -7.75
N MET A 41 2.67 6.09 -6.95
CA MET A 41 3.50 5.01 -7.43
C MET A 41 2.78 4.21 -8.52
N ARG A 42 1.46 4.32 -8.52
CA ARG A 42 0.65 3.62 -9.51
C ARG A 42 0.75 4.31 -10.87
N GLU A 43 1.16 5.57 -10.83
CA GLU A 43 1.29 6.35 -12.05
C GLU A 43 2.72 6.24 -12.58
N VAL A 44 3.66 6.06 -11.67
CA VAL A 44 5.06 5.94 -12.03
C VAL A 44 5.42 4.46 -12.18
N LEU A 45 5.07 3.69 -11.17
CA LEU A 45 5.36 2.27 -11.19
C LEU A 45 4.14 1.51 -11.74
N GLY A 46 3.00 1.77 -11.14
CA GLY A 46 1.77 1.13 -11.58
C GLY A 46 1.73 0.99 -13.10
N ASP A 47 2.37 1.92 -13.77
CA ASP A 47 2.43 1.91 -15.22
C ASP A 47 2.72 0.49 -15.70
N ALA A 48 3.69 -0.14 -15.06
CA ALA A 48 4.07 -1.50 -15.42
C ALA A 48 3.67 -2.44 -14.29
N VAL A 49 4.12 -2.10 -13.08
CA VAL A 49 3.82 -2.91 -11.91
C VAL A 49 2.33 -2.78 -11.58
N PRO A 50 1.83 -3.78 -10.80
CA PRO A 50 0.43 -3.78 -10.40
C PRO A 50 0.17 -2.74 -9.31
N ASP A 51 -0.97 -2.90 -8.66
CA ASP A 51 -1.36 -1.98 -7.59
C ASP A 51 -0.93 -2.55 -6.25
N ASP A 52 -1.44 -3.75 -5.96
CA ASP A 52 -1.12 -4.41 -4.71
C ASP A 52 0.37 -4.20 -4.39
N ILE A 53 1.20 -4.76 -5.26
CA ILE A 53 2.64 -4.63 -5.09
C ILE A 53 2.97 -3.25 -4.53
N LEU A 54 2.34 -2.25 -5.12
CA LEU A 54 2.56 -0.87 -4.70
C LEU A 54 1.86 -0.64 -3.36
N THR A 55 0.55 -0.94 -3.36
CA THR A 55 -0.23 -0.77 -2.15
C THR A 55 0.52 -1.26 -0.92
N GLU A 56 1.17 -2.42 -1.09
CA GLU A 56 1.93 -3.00 -0.01
C GLU A 56 3.06 -2.07 0.41
N ALA A 57 3.87 -1.68 -0.57
CA ALA A 57 4.99 -0.79 -0.31
C ALA A 57 4.53 0.34 0.61
N ILE A 58 3.37 0.89 0.30
CA ILE A 58 2.81 1.97 1.09
C ILE A 58 2.67 1.51 2.55
N LEU A 59 1.96 0.40 2.72
CA LEU A 59 1.74 -0.15 4.04
C LEU A 59 3.07 -0.63 4.62
N LYS A 60 4.06 -0.72 3.74
CA LYS A 60 5.38 -1.15 4.15
C LYS A 60 6.06 -0.05 4.95
N HIS A 61 5.53 1.16 4.79
CA HIS A 61 6.07 2.31 5.48
C HIS A 61 4.92 3.20 5.98
N LYS A 62 3.82 2.56 6.31
CA LYS A 62 2.65 3.27 6.79
C LYS A 62 2.48 4.57 5.99
N PHE A 63 2.23 4.38 4.70
CA PHE A 63 2.04 5.52 3.81
C PHE A 63 3.29 6.40 3.77
N ASP A 64 4.17 6.08 2.83
CA ASP A 64 5.41 6.83 2.67
C ASP A 64 5.94 6.64 1.25
N VAL A 65 5.14 7.08 0.29
CA VAL A 65 5.52 6.97 -1.10
C VAL A 65 7.00 7.29 -1.25
N GLN A 66 7.37 8.47 -0.77
CA GLN A 66 8.76 8.91 -0.85
C GLN A 66 9.70 7.74 -0.56
N LYS A 67 9.45 7.08 0.57
CA LYS A 67 10.26 5.95 0.97
C LYS A 67 9.88 4.73 0.14
N ALA A 68 8.61 4.37 0.21
CA ALA A 68 8.11 3.23 -0.54
C ALA A 68 8.73 3.22 -1.93
N LEU A 69 8.90 4.42 -2.48
CA LEU A 69 9.48 4.56 -3.80
C LEU A 69 10.95 4.13 -3.75
N SER A 70 11.74 4.92 -3.03
CA SER A 70 13.15 4.64 -2.89
C SER A 70 13.36 3.18 -2.48
N VAL A 71 12.42 2.67 -1.70
CA VAL A 71 12.48 1.30 -1.23
C VAL A 71 12.05 0.36 -2.36
N VAL A 72 11.02 0.77 -3.07
CA VAL A 72 10.51 -0.02 -4.18
C VAL A 72 11.53 -0.03 -5.31
N LEU A 73 12.01 1.16 -5.64
CA LEU A 73 13.00 1.29 -6.70
C LEU A 73 14.06 0.20 -6.56
N GLU A 74 14.65 0.15 -5.36
CA GLU A 74 15.67 -0.85 -5.08
C GLU A 74 15.08 -2.25 -5.14
N GLN A 75 13.96 -2.42 -4.45
CA GLN A 75 13.29 -3.72 -4.42
C GLN A 75 13.10 -4.24 -5.84
N ASP A 76 12.30 -3.52 -6.60
CA ASP A 76 12.02 -3.90 -7.97
C ASP A 76 13.33 -4.23 -8.69
N GLY A 77 14.33 -3.39 -8.42
CA GLY A 77 15.64 -3.58 -9.02
C GLY A 77 16.06 -5.05 -9.00
N SER A 78 15.51 -5.77 -8.02
CA SER A 78 15.82 -7.19 -7.87
C SER A 78 15.42 -7.94 -9.14
N GLY A 79 14.25 -7.58 -9.65
CA GLY A 79 13.74 -8.22 -10.86
C GLY A 79 14.82 -8.30 -11.94
N PRO A 80 15.15 -7.11 -12.50
CA PRO A 80 16.16 -7.02 -13.54
C PRO A 80 17.57 -7.18 -12.96
N SER A 81 18.30 -8.14 -13.49
CA SER A 81 19.65 -8.41 -13.03
C SER A 81 19.63 -8.89 -11.58
N SER A 82 20.21 -10.06 -11.37
CA SER A 82 20.26 -10.64 -10.04
C SER A 82 21.67 -10.50 -9.46
N GLY A 83 21.77 -10.75 -8.17
CA GLY A 83 23.05 -10.66 -7.48
C GLY A 83 23.40 -9.21 -7.16
N GLY A 1 -11.34 16.16 -6.54
CA GLY A 1 -12.28 16.68 -5.58
C GLY A 1 -11.57 17.49 -4.49
N SER A 2 -12.19 17.51 -3.32
CA SER A 2 -11.63 18.24 -2.19
C SER A 2 -12.55 18.12 -0.98
N SER A 3 -12.09 17.37 0.01
CA SER A 3 -12.85 17.18 1.22
C SER A 3 -11.99 17.47 2.45
N GLY A 4 -12.41 18.46 3.22
CA GLY A 4 -11.69 18.86 4.41
C GLY A 4 -12.54 18.64 5.67
N SER A 5 -12.77 17.38 5.98
CA SER A 5 -13.57 17.03 7.14
C SER A 5 -12.73 16.21 8.13
N SER A 6 -12.68 16.70 9.36
CA SER A 6 -11.91 16.03 10.40
C SER A 6 -12.80 15.83 11.63
N GLY A 7 -13.13 14.56 11.87
CA GLY A 7 -13.96 14.22 13.01
C GLY A 7 -13.16 13.42 14.05
N GLU A 8 -13.02 14.01 15.22
CA GLU A 8 -12.28 13.38 16.30
C GLU A 8 -12.59 11.88 16.35
N TYR A 9 -13.81 11.55 15.93
CA TYR A 9 -14.24 10.16 15.92
C TYR A 9 -13.16 9.26 15.32
N GLY A 10 -12.78 9.57 14.09
CA GLY A 10 -11.76 8.80 13.40
C GLY A 10 -10.65 8.36 14.36
N TYR A 11 -10.14 9.34 15.10
CA TYR A 11 -9.09 9.07 16.06
C TYR A 11 -9.32 7.76 16.79
N GLU A 12 -10.53 7.59 17.28
CA GLU A 12 -10.91 6.39 18.00
C GLU A 12 -11.49 5.35 17.04
N ASP A 13 -12.19 5.86 16.03
CA ASP A 13 -12.80 4.99 15.04
C ASP A 13 -11.80 3.91 14.61
N LEU A 14 -10.54 4.32 14.53
CA LEU A 14 -9.48 3.41 14.14
C LEU A 14 -9.20 2.45 15.30
N ARG A 15 -9.00 3.03 16.47
CA ARG A 15 -8.72 2.25 17.66
C ARG A 15 -7.46 1.39 17.45
N GLU A 16 -6.92 0.92 18.56
CA GLU A 16 -5.73 0.08 18.51
C GLU A 16 -5.85 -0.96 17.39
N SER A 17 -4.72 -1.29 16.80
CA SER A 17 -4.69 -2.28 15.72
C SER A 17 -5.53 -3.49 16.12
N SER A 18 -6.51 -3.79 15.28
CA SER A 18 -7.39 -4.93 15.52
C SER A 18 -6.75 -6.21 14.98
N ASN A 19 -6.43 -6.18 13.70
CA ASN A 19 -5.82 -7.33 13.05
C ASN A 19 -5.37 -6.94 11.64
N SER A 20 -4.54 -7.80 11.06
CA SER A 20 -4.03 -7.55 9.72
C SER A 20 -5.20 -7.37 8.75
N LEU A 21 -6.04 -8.39 8.68
CA LEU A 21 -7.19 -8.35 7.79
C LEU A 21 -7.88 -7.00 7.93
N LEU A 22 -8.40 -6.74 9.13
CA LEU A 22 -9.09 -5.49 9.40
C LEU A 22 -8.30 -4.33 8.77
N ASN A 23 -7.10 -4.13 9.27
CA ASN A 23 -6.24 -3.07 8.76
C ASN A 23 -6.31 -3.05 7.24
N HIS A 24 -6.09 -4.23 6.66
CA HIS A 24 -6.12 -4.37 5.21
C HIS A 24 -7.31 -3.59 4.65
N GLN A 25 -8.48 -3.85 5.22
CA GLN A 25 -9.69 -3.18 4.79
C GLN A 25 -9.45 -1.68 4.65
N LEU A 26 -8.72 -1.13 5.62
CA LEU A 26 -8.40 0.28 5.61
C LEU A 26 -9.71 1.08 5.72
N SER A 27 -9.63 2.20 6.44
CA SER A 27 -10.78 3.05 6.63
C SER A 27 -10.99 3.93 5.39
N GLU A 28 -12.21 4.43 5.26
CA GLU A 28 -12.55 5.29 4.13
C GLU A 28 -11.50 6.39 3.97
N ILE A 29 -11.15 7.01 5.08
CA ILE A 29 -10.17 8.07 5.07
C ILE A 29 -8.79 7.49 4.74
N ASP A 30 -8.35 6.58 5.60
CA ASP A 30 -7.06 5.94 5.40
C ASP A 30 -6.87 5.62 3.92
N GLN A 31 -7.79 4.84 3.39
CA GLN A 31 -7.73 4.46 1.98
C GLN A 31 -7.32 5.65 1.13
N ALA A 32 -8.11 6.71 1.21
CA ALA A 32 -7.83 7.91 0.45
C ALA A 32 -6.32 8.18 0.46
N ARG A 33 -5.83 8.55 1.64
CA ARG A 33 -4.42 8.84 1.80
C ARG A 33 -3.58 7.73 1.18
N LEU A 34 -3.97 6.50 1.46
CA LEU A 34 -3.26 5.34 0.94
C LEU A 34 -3.21 5.42 -0.59
N TYR A 35 -4.39 5.29 -1.18
CA TYR A 35 -4.50 5.35 -2.63
C TYR A 35 -3.86 6.63 -3.18
N SER A 36 -4.04 7.71 -2.44
CA SER A 36 -3.49 9.00 -2.84
C SER A 36 -1.97 8.91 -2.94
N CYS A 37 -1.42 7.96 -2.18
CA CYS A 37 0.02 7.77 -2.18
C CYS A 37 0.36 6.66 -3.19
N LEU A 38 -0.62 5.81 -3.42
CA LEU A 38 -0.45 4.71 -4.37
C LEU A 38 -0.57 5.24 -5.79
N ASP A 39 -1.71 5.87 -6.07
CA ASP A 39 -1.96 6.43 -7.38
C ASP A 39 -0.67 7.02 -7.94
N HIS A 40 0.15 7.53 -7.04
CA HIS A 40 1.42 8.13 -7.42
C HIS A 40 2.36 7.05 -7.96
N MET A 41 2.76 6.17 -7.06
CA MET A 41 3.65 5.08 -7.43
C MET A 41 3.02 4.19 -8.50
N ARG A 42 1.72 4.38 -8.70
CA ARG A 42 0.99 3.60 -9.68
C ARG A 42 1.21 4.19 -11.08
N GLU A 43 1.31 5.51 -11.14
CA GLU A 43 1.52 6.20 -12.39
C GLU A 43 2.99 6.07 -12.83
N VAL A 44 3.84 5.85 -11.85
CA VAL A 44 5.27 5.70 -12.12
C VAL A 44 5.60 4.21 -12.26
N LEU A 45 5.23 3.46 -11.23
CA LEU A 45 5.49 2.03 -11.22
C LEU A 45 4.25 1.29 -11.74
N GLY A 46 3.12 1.58 -11.11
CA GLY A 46 1.87 0.96 -11.49
C GLY A 46 1.80 0.75 -13.00
N ASP A 47 2.44 1.66 -13.72
CA ASP A 47 2.46 1.60 -15.17
C ASP A 47 2.60 0.14 -15.61
N ALA A 48 3.51 -0.56 -14.95
CA ALA A 48 3.75 -1.96 -15.26
C ALA A 48 3.27 -2.82 -14.10
N VAL A 49 3.77 -2.50 -12.91
CA VAL A 49 3.40 -3.23 -11.71
C VAL A 49 1.94 -2.94 -11.37
N PRO A 50 1.35 -3.84 -10.53
CA PRO A 50 -0.03 -3.69 -10.12
C PRO A 50 -0.18 -2.57 -9.07
N ASP A 51 -1.31 -2.59 -8.40
CA ASP A 51 -1.58 -1.59 -7.37
C ASP A 51 -1.18 -2.14 -6.00
N ASP A 52 -1.79 -3.27 -5.66
CA ASP A 52 -1.51 -3.92 -4.39
C ASP A 52 -0.02 -3.82 -4.09
N ILE A 53 0.76 -4.49 -4.93
CA ILE A 53 2.20 -4.50 -4.78
C ILE A 53 2.67 -3.13 -4.28
N LEU A 54 2.14 -2.09 -4.92
CA LEU A 54 2.49 -0.73 -4.55
C LEU A 54 1.87 -0.41 -3.19
N THR A 55 0.56 -0.62 -3.09
CA THR A 55 -0.15 -0.36 -1.86
C THR A 55 0.62 -0.91 -0.66
N GLU A 56 1.05 -2.15 -0.80
CA GLU A 56 1.80 -2.81 0.26
C GLU A 56 3.02 -1.96 0.65
N ALA A 57 3.77 -1.56 -0.36
CA ALA A 57 4.96 -0.75 -0.15
C ALA A 57 4.62 0.39 0.82
N ILE A 58 3.49 1.03 0.56
CA ILE A 58 3.04 2.13 1.40
C ILE A 58 2.92 1.65 2.85
N LEU A 59 2.09 0.64 3.03
CA LEU A 59 1.88 0.08 4.37
C LEU A 59 3.20 -0.48 4.89
N LYS A 60 4.15 -0.63 3.97
CA LYS A 60 5.46 -1.16 4.32
C LYS A 60 6.26 -0.08 5.05
N HIS A 61 5.81 1.15 4.87
CA HIS A 61 6.48 2.29 5.50
C HIS A 61 5.44 3.25 6.07
N LYS A 62 4.31 2.68 6.46
CA LYS A 62 3.22 3.48 7.02
C LYS A 62 3.10 4.78 6.23
N PHE A 63 2.68 4.65 4.98
CA PHE A 63 2.51 5.80 4.12
C PHE A 63 3.80 6.63 4.06
N ASP A 64 4.62 6.32 3.07
CA ASP A 64 5.88 7.01 2.89
C ASP A 64 6.39 6.80 1.46
N VAL A 65 5.57 7.23 0.51
CA VAL A 65 5.92 7.09 -0.89
C VAL A 65 7.40 7.42 -1.08
N GLN A 66 7.78 8.60 -0.61
CA GLN A 66 9.15 9.05 -0.72
C GLN A 66 10.12 7.91 -0.37
N LYS A 67 9.72 7.14 0.63
CA LYS A 67 10.52 6.01 1.07
C LYS A 67 10.16 4.77 0.27
N ALA A 68 8.86 4.50 0.21
CA ALA A 68 8.37 3.34 -0.53
C ALA A 68 8.99 3.33 -1.93
N LEU A 69 9.18 4.53 -2.46
CA LEU A 69 9.75 4.69 -3.78
C LEU A 69 11.26 4.38 -3.72
N SER A 70 11.85 4.73 -2.59
CA SER A 70 13.28 4.50 -2.39
C SER A 70 13.52 3.01 -2.14
N VAL A 71 12.51 2.34 -1.62
CA VAL A 71 12.60 0.93 -1.33
C VAL A 71 12.10 0.13 -2.53
N VAL A 72 10.94 0.53 -3.01
CA VAL A 72 10.33 -0.13 -4.15
C VAL A 72 11.30 -0.09 -5.34
N LEU A 73 11.88 1.09 -5.54
CA LEU A 73 12.82 1.27 -6.63
C LEU A 73 13.83 0.13 -6.63
N GLU A 74 14.51 -0.02 -5.50
CA GLU A 74 15.51 -1.07 -5.36
C GLU A 74 14.86 -2.45 -5.55
N GLN A 75 13.77 -2.66 -4.82
CA GLN A 75 13.05 -3.91 -4.88
C GLN A 75 12.73 -4.26 -6.34
N ASP A 76 12.00 -3.37 -6.99
CA ASP A 76 11.63 -3.57 -8.37
C ASP A 76 12.88 -3.66 -9.23
N GLY A 77 13.94 -3.02 -8.75
CA GLY A 77 15.21 -3.02 -9.45
C GLY A 77 15.58 -4.44 -9.91
N SER A 78 15.02 -5.42 -9.22
CA SER A 78 15.29 -6.81 -9.54
C SER A 78 14.71 -7.14 -10.92
N GLY A 79 13.49 -6.67 -11.14
CA GLY A 79 12.82 -6.90 -12.41
C GLY A 79 13.80 -6.74 -13.59
N PRO A 80 14.20 -5.47 -13.83
CA PRO A 80 15.11 -5.17 -14.91
C PRO A 80 16.54 -5.58 -14.56
N SER A 81 17.01 -6.63 -15.24
CA SER A 81 18.35 -7.13 -15.00
C SER A 81 19.33 -6.48 -15.96
N SER A 82 20.15 -5.58 -15.43
CA SER A 82 21.13 -4.89 -16.23
C SER A 82 22.43 -5.71 -16.30
N GLY A 83 22.42 -6.66 -17.21
CA GLY A 83 23.59 -7.52 -17.39
C GLY A 83 24.60 -6.89 -18.34
N GLY A 1 -15.79 1.18 -4.06
CA GLY A 1 -16.71 2.10 -3.43
C GLY A 1 -17.92 1.37 -2.85
N SER A 2 -18.42 1.90 -1.75
CA SER A 2 -19.56 1.31 -1.09
C SER A 2 -20.81 2.16 -1.33
N SER A 3 -21.69 1.63 -2.18
CA SER A 3 -22.92 2.33 -2.50
C SER A 3 -24.11 1.38 -2.41
N GLY A 4 -24.04 0.32 -3.20
CA GLY A 4 -25.10 -0.67 -3.23
C GLY A 4 -25.12 -1.48 -1.93
N SER A 5 -24.07 -2.25 -1.73
CA SER A 5 -23.95 -3.07 -0.54
C SER A 5 -25.24 -3.87 -0.33
N SER A 6 -25.20 -5.12 -0.78
CA SER A 6 -26.34 -5.99 -0.65
C SER A 6 -25.91 -7.46 -0.76
N GLY A 7 -25.84 -8.11 0.39
CA GLY A 7 -25.43 -9.50 0.45
C GLY A 7 -23.95 -9.63 0.77
N GLU A 8 -23.20 -10.15 -0.18
CA GLU A 8 -21.77 -10.33 -0.01
C GLU A 8 -21.17 -9.12 0.72
N TYR A 9 -21.55 -7.94 0.27
CA TYR A 9 -21.06 -6.71 0.87
C TYR A 9 -21.38 -6.67 2.37
N GLY A 10 -22.64 -6.90 2.67
CA GLY A 10 -23.08 -6.89 4.06
C GLY A 10 -22.31 -7.91 4.90
N TYR A 11 -22.39 -9.16 4.47
CA TYR A 11 -21.70 -10.24 5.17
C TYR A 11 -20.31 -9.78 5.63
N GLU A 12 -19.56 -9.25 4.68
CA GLU A 12 -18.22 -8.77 4.98
C GLU A 12 -18.21 -7.94 6.26
N ASP A 13 -19.00 -6.87 6.24
CA ASP A 13 -19.09 -5.99 7.38
C ASP A 13 -19.31 -6.82 8.65
N LEU A 14 -20.35 -7.64 8.61
CA LEU A 14 -20.67 -8.49 9.74
C LEU A 14 -19.42 -9.26 10.17
N ARG A 15 -18.81 -9.92 9.20
CA ARG A 15 -17.60 -10.69 9.47
C ARG A 15 -16.68 -9.92 10.41
N GLU A 16 -16.18 -10.63 11.42
CA GLU A 16 -15.29 -10.02 12.39
C GLU A 16 -13.99 -9.59 11.72
N SER A 17 -13.20 -8.83 12.46
CA SER A 17 -11.93 -8.34 11.95
C SER A 17 -10.78 -8.88 12.82
N SER A 18 -9.86 -9.56 12.16
CA SER A 18 -8.71 -10.13 12.86
C SER A 18 -7.60 -9.09 12.96
N ASN A 19 -7.10 -8.69 11.79
CA ASN A 19 -6.03 -7.70 11.73
C ASN A 19 -5.56 -7.56 10.28
N SER A 20 -5.25 -8.69 9.67
CA SER A 20 -4.79 -8.69 8.29
C SER A 20 -5.91 -8.18 7.37
N LEU A 21 -7.06 -8.81 7.48
CA LEU A 21 -8.20 -8.43 6.66
C LEU A 21 -8.44 -6.93 6.81
N LEU A 22 -8.79 -6.54 8.03
CA LEU A 22 -9.05 -5.13 8.31
C LEU A 22 -8.03 -4.27 7.57
N ASN A 23 -6.76 -4.58 7.79
CA ASN A 23 -5.69 -3.84 7.16
C ASN A 23 -5.95 -3.74 5.66
N HIS A 24 -6.00 -4.91 5.03
CA HIS A 24 -6.25 -4.96 3.59
C HIS A 24 -7.41 -4.03 3.23
N GLN A 25 -8.49 -4.17 3.97
CA GLN A 25 -9.67 -3.34 3.73
C GLN A 25 -9.28 -1.87 3.66
N LEU A 26 -8.58 -1.42 4.69
CA LEU A 26 -8.14 -0.03 4.74
C LEU A 26 -9.36 0.89 4.79
N SER A 27 -9.71 1.28 6.02
CA SER A 27 -10.85 2.15 6.22
C SER A 27 -10.88 3.24 5.15
N GLU A 28 -12.08 3.72 4.86
CA GLU A 28 -12.25 4.76 3.86
C GLU A 28 -11.12 5.80 3.97
N ILE A 29 -11.02 6.39 5.15
CA ILE A 29 -9.99 7.39 5.39
C ILE A 29 -8.63 6.81 5.02
N ASP A 30 -8.27 5.73 5.68
CA ASP A 30 -7.00 5.07 5.43
C ASP A 30 -6.78 4.97 3.91
N GLN A 31 -7.64 4.19 3.28
CA GLN A 31 -7.55 4.00 1.84
C GLN A 31 -7.17 5.31 1.15
N ALA A 32 -8.02 6.30 1.31
CA ALA A 32 -7.78 7.60 0.70
C ALA A 32 -6.29 7.94 0.80
N ARG A 33 -5.83 8.12 2.02
CA ARG A 33 -4.44 8.44 2.26
C ARG A 33 -3.54 7.57 1.37
N LEU A 34 -3.91 6.31 1.25
CA LEU A 34 -3.15 5.38 0.44
C LEU A 34 -3.37 5.70 -1.04
N TYR A 35 -4.63 5.91 -1.39
CA TYR A 35 -4.99 6.23 -2.76
C TYR A 35 -4.24 7.48 -3.25
N SER A 36 -4.07 8.42 -2.32
CA SER A 36 -3.38 9.66 -2.65
C SER A 36 -1.92 9.36 -3.04
N CYS A 37 -1.45 8.21 -2.58
CA CYS A 37 -0.08 7.80 -2.86
C CYS A 37 -0.11 6.90 -4.09
N LEU A 38 -1.05 5.96 -4.08
CA LEU A 38 -1.19 5.03 -5.20
C LEU A 38 -0.94 5.77 -6.51
N ASP A 39 -1.91 6.61 -6.86
CA ASP A 39 -1.82 7.38 -8.10
C ASP A 39 -0.36 7.76 -8.34
N HIS A 40 0.18 8.55 -7.42
CA HIS A 40 1.56 9.00 -7.52
C HIS A 40 2.44 7.82 -7.92
N MET A 41 2.61 6.90 -6.98
CA MET A 41 3.44 5.73 -7.22
C MET A 41 2.93 4.94 -8.43
N ARG A 42 1.70 5.25 -8.83
CA ARG A 42 1.11 4.59 -9.97
C ARG A 42 1.76 5.06 -11.28
N GLU A 43 1.76 6.38 -11.45
CA GLU A 43 2.35 6.96 -12.64
C GLU A 43 3.81 6.53 -12.79
N VAL A 44 4.34 6.00 -11.69
CA VAL A 44 5.73 5.54 -11.68
C VAL A 44 5.77 4.06 -12.05
N LEU A 45 5.35 3.23 -11.10
CA LEU A 45 5.34 1.80 -11.32
C LEU A 45 3.94 1.37 -11.76
N GLY A 46 2.95 2.08 -11.26
CA GLY A 46 1.57 1.78 -11.60
C GLY A 46 1.44 1.32 -13.06
N ASP A 47 2.30 1.88 -13.90
CA ASP A 47 2.31 1.53 -15.31
C ASP A 47 2.12 0.02 -15.46
N ALA A 48 3.05 -0.72 -14.87
CA ALA A 48 3.00 -2.17 -14.94
C ALA A 48 2.70 -2.73 -13.54
N VAL A 49 3.38 -2.16 -12.56
CA VAL A 49 3.20 -2.59 -11.18
C VAL A 49 1.75 -2.31 -10.75
N PRO A 50 1.17 -3.30 -10.03
CA PRO A 50 -0.20 -3.18 -9.56
C PRO A 50 -0.29 -2.23 -8.37
N ASP A 51 -1.40 -2.33 -7.65
CA ASP A 51 -1.61 -1.49 -6.49
C ASP A 51 -1.11 -2.21 -5.23
N ASP A 52 -1.54 -3.44 -5.09
CA ASP A 52 -1.14 -4.25 -3.94
C ASP A 52 0.33 -3.96 -3.61
N ILE A 53 1.20 -4.36 -4.53
CA ILE A 53 2.63 -4.15 -4.34
C ILE A 53 2.86 -2.78 -3.73
N LEU A 54 2.15 -1.79 -4.26
CA LEU A 54 2.26 -0.43 -3.77
C LEU A 54 1.67 -0.35 -2.37
N THR A 55 0.48 -0.90 -2.23
CA THR A 55 -0.22 -0.89 -0.96
C THR A 55 0.70 -1.41 0.15
N GLU A 56 1.18 -2.63 -0.05
CA GLU A 56 2.07 -3.25 0.92
C GLU A 56 3.22 -2.31 1.26
N ALA A 57 4.02 -2.03 0.25
CA ALA A 57 5.17 -1.15 0.42
C ALA A 57 4.74 0.10 1.21
N ILE A 58 3.60 0.64 0.81
CA ILE A 58 3.06 1.82 1.47
C ILE A 58 2.89 1.54 2.96
N LEU A 59 2.18 0.45 3.25
CA LEU A 59 1.94 0.05 4.62
C LEU A 59 3.26 -0.31 5.29
N LYS A 60 4.28 -0.46 4.46
CA LYS A 60 5.60 -0.81 4.96
C LYS A 60 6.33 0.48 5.38
N HIS A 61 5.77 1.60 4.97
CA HIS A 61 6.35 2.89 5.30
C HIS A 61 5.25 3.86 5.71
N LYS A 62 4.19 3.30 6.26
CA LYS A 62 3.05 4.10 6.70
C LYS A 62 2.83 5.24 5.70
N PHE A 63 2.18 4.90 4.60
CA PHE A 63 1.90 5.88 3.56
C PHE A 63 3.08 6.83 3.35
N ASP A 64 3.92 6.47 2.40
CA ASP A 64 5.10 7.27 2.10
C ASP A 64 5.73 6.78 0.79
N VAL A 65 4.95 6.89 -0.27
CA VAL A 65 5.41 6.46 -1.59
C VAL A 65 6.85 6.93 -1.79
N GLN A 66 7.13 8.13 -1.28
CA GLN A 66 8.45 8.71 -1.40
C GLN A 66 9.51 7.73 -0.86
N LYS A 67 9.16 7.08 0.23
CA LYS A 67 10.06 6.12 0.85
C LYS A 67 9.77 4.72 0.30
N ALA A 68 8.53 4.54 -0.13
CA ALA A 68 8.11 3.25 -0.67
C ALA A 68 8.68 3.10 -2.09
N LEU A 69 8.98 4.23 -2.70
CA LEU A 69 9.53 4.24 -4.04
C LEU A 69 11.00 3.80 -3.99
N SER A 70 11.72 4.37 -3.03
CA SER A 70 13.13 4.06 -2.86
C SER A 70 13.30 2.55 -2.65
N VAL A 71 12.28 1.95 -2.06
CA VAL A 71 12.30 0.52 -1.80
C VAL A 71 11.68 -0.23 -2.97
N VAL A 72 10.51 0.24 -3.37
CA VAL A 72 9.79 -0.38 -4.49
C VAL A 72 10.70 -0.41 -5.71
N LEU A 73 11.57 0.59 -5.79
CA LEU A 73 12.49 0.69 -6.91
C LEU A 73 13.71 -0.20 -6.64
N GLU A 74 14.28 -0.02 -5.45
CA GLU A 74 15.45 -0.79 -5.06
C GLU A 74 15.17 -2.29 -5.25
N GLN A 75 13.98 -2.69 -4.84
CA GLN A 75 13.59 -4.10 -4.94
C GLN A 75 13.45 -4.49 -6.41
N ASP A 76 12.54 -3.80 -7.09
CA ASP A 76 12.30 -4.07 -8.50
C ASP A 76 13.63 -4.05 -9.25
N GLY A 77 14.41 -3.00 -9.00
CA GLY A 77 15.70 -2.86 -9.64
C GLY A 77 16.52 -4.14 -9.54
N SER A 78 16.27 -4.87 -8.45
CA SER A 78 16.98 -6.12 -8.21
C SER A 78 16.81 -7.06 -9.42
N GLY A 79 15.59 -7.09 -9.93
CA GLY A 79 15.28 -7.93 -11.07
C GLY A 79 16.33 -7.76 -12.18
N PRO A 80 16.28 -6.58 -12.84
CA PRO A 80 17.21 -6.29 -13.92
C PRO A 80 18.60 -5.95 -13.36
N SER A 81 19.26 -6.98 -12.84
CA SER A 81 20.58 -6.81 -12.27
C SER A 81 21.57 -6.45 -13.38
N SER A 82 22.15 -5.27 -13.25
CA SER A 82 23.13 -4.81 -14.23
C SER A 82 23.93 -3.65 -13.66
N GLY A 83 25.07 -3.98 -13.08
CA GLY A 83 25.94 -2.98 -12.49
C GLY A 83 26.44 -1.99 -13.56
N GLY A 1 15.60 -7.19 -1.69
CA GLY A 1 16.44 -6.94 -0.54
C GLY A 1 16.59 -8.19 0.32
N SER A 2 16.21 -8.06 1.59
CA SER A 2 16.30 -9.16 2.53
C SER A 2 14.95 -9.37 3.21
N SER A 3 14.32 -10.50 2.87
CA SER A 3 13.03 -10.83 3.44
C SER A 3 12.95 -12.34 3.70
N GLY A 4 13.10 -13.10 2.62
CA GLY A 4 13.05 -14.55 2.71
C GLY A 4 11.79 -15.09 2.03
N SER A 5 11.93 -15.37 0.73
CA SER A 5 10.81 -15.89 -0.04
C SER A 5 11.17 -17.29 -0.58
N SER A 6 10.30 -18.24 -0.26
CA SER A 6 10.51 -19.61 -0.70
C SER A 6 10.11 -19.75 -2.17
N GLY A 7 8.84 -19.43 -2.43
CA GLY A 7 8.31 -19.52 -3.78
C GLY A 7 6.79 -19.38 -3.79
N GLU A 8 6.13 -20.47 -4.15
CA GLU A 8 4.68 -20.48 -4.20
C GLU A 8 4.09 -20.26 -2.80
N TYR A 9 4.40 -21.21 -1.92
CA TYR A 9 3.92 -21.13 -0.55
C TYR A 9 3.90 -19.68 -0.05
N GLY A 10 5.04 -19.03 -0.19
CA GLY A 10 5.17 -17.64 0.24
C GLY A 10 3.95 -16.82 -0.19
N TYR A 11 3.81 -16.64 -1.49
CA TYR A 11 2.70 -15.89 -2.04
C TYR A 11 1.41 -16.19 -1.27
N GLU A 12 1.15 -17.47 -1.09
CA GLU A 12 -0.04 -17.90 -0.38
C GLU A 12 -0.01 -17.39 1.06
N ASP A 13 1.07 -17.73 1.75
CA ASP A 13 1.24 -17.32 3.13
C ASP A 13 0.94 -15.83 3.26
N LEU A 14 1.67 -15.05 2.48
CA LEU A 14 1.50 -13.60 2.49
C LEU A 14 0.01 -13.27 2.52
N ARG A 15 -0.71 -13.86 1.58
CA ARG A 15 -2.14 -13.63 1.48
C ARG A 15 -2.44 -12.14 1.32
N GLU A 16 -2.83 -11.78 0.11
CA GLU A 16 -3.14 -10.39 -0.19
C GLU A 16 -4.38 -10.30 -1.08
N SER A 17 -4.84 -9.08 -1.29
CA SER A 17 -6.01 -8.85 -2.12
C SER A 17 -7.27 -9.35 -1.41
N SER A 18 -7.27 -10.65 -1.14
CA SER A 18 -8.40 -11.27 -0.47
C SER A 18 -8.91 -10.36 0.66
N ASN A 19 -8.01 -10.09 1.58
CA ASN A 19 -8.35 -9.23 2.72
C ASN A 19 -9.18 -8.05 2.23
N SER A 20 -10.48 -8.14 2.47
CA SER A 20 -11.40 -7.09 2.06
C SER A 20 -11.66 -6.15 3.23
N LEU A 21 -12.02 -6.74 4.36
CA LEU A 21 -12.31 -5.95 5.56
C LEU A 21 -11.27 -4.82 5.68
N LEU A 22 -10.00 -5.23 5.69
CA LEU A 22 -8.92 -4.27 5.80
C LEU A 22 -9.22 -3.06 4.92
N ASN A 23 -9.32 -3.32 3.62
CA ASN A 23 -9.61 -2.27 2.66
C ASN A 23 -10.67 -1.33 3.25
N HIS A 24 -11.77 -1.91 3.68
CA HIS A 24 -12.86 -1.15 4.26
C HIS A 24 -12.37 -0.45 5.53
N GLN A 25 -11.77 -1.25 6.41
CA GLN A 25 -11.26 -0.72 7.67
C GLN A 25 -10.56 0.62 7.44
N LEU A 26 -9.74 0.65 6.40
CA LEU A 26 -9.00 1.86 6.06
C LEU A 26 -9.98 3.04 6.02
N SER A 27 -9.92 3.85 7.08
CA SER A 27 -10.79 5.02 7.16
C SER A 27 -10.50 5.97 6.01
N GLU A 28 -11.53 6.70 5.62
CA GLU A 28 -11.41 7.65 4.52
C GLU A 28 -10.06 8.37 4.60
N ILE A 29 -9.73 8.82 5.80
CA ILE A 29 -8.48 9.52 6.03
C ILE A 29 -7.33 8.73 5.40
N ASP A 30 -7.07 7.57 5.98
CA ASP A 30 -6.01 6.70 5.49
C ASP A 30 -6.25 6.40 4.00
N GLN A 31 -7.43 5.88 3.73
CA GLN A 31 -7.80 5.54 2.36
C GLN A 31 -7.37 6.66 1.41
N ALA A 32 -7.79 7.87 1.75
CA ALA A 32 -7.46 9.03 0.94
C ALA A 32 -5.94 9.08 0.70
N ARG A 33 -5.21 8.71 1.74
CA ARG A 33 -3.76 8.70 1.66
C ARG A 33 -3.28 7.58 0.74
N LEU A 34 -3.65 6.36 1.11
CA LEU A 34 -3.27 5.19 0.33
C LEU A 34 -3.46 5.49 -1.16
N TYR A 35 -4.65 5.95 -1.49
CA TYR A 35 -4.97 6.28 -2.87
C TYR A 35 -4.04 7.37 -3.40
N SER A 36 -3.77 8.35 -2.55
CA SER A 36 -2.90 9.44 -2.92
C SER A 36 -1.50 8.91 -3.26
N CYS A 37 -1.21 7.74 -2.73
CA CYS A 37 0.08 7.11 -2.98
C CYS A 37 -0.06 6.16 -4.16
N LEU A 38 -0.93 5.18 -4.00
CA LEU A 38 -1.17 4.20 -5.03
C LEU A 38 -1.14 4.90 -6.40
N ASP A 39 -2.08 5.81 -6.57
CA ASP A 39 -2.18 6.55 -7.83
C ASP A 39 -0.80 7.10 -8.19
N HIS A 40 -0.19 7.76 -7.22
CA HIS A 40 1.12 8.35 -7.43
C HIS A 40 2.11 7.25 -7.84
N MET A 41 2.37 6.36 -6.89
CA MET A 41 3.28 5.26 -7.13
C MET A 41 2.82 4.39 -8.30
N ARG A 42 1.58 4.64 -8.72
CA ARG A 42 1.00 3.90 -9.82
C ARG A 42 1.41 4.52 -11.16
N GLU A 43 1.26 5.83 -11.24
CA GLU A 43 1.62 6.55 -12.45
C GLU A 43 3.05 6.21 -12.87
N VAL A 44 3.83 5.76 -11.89
CA VAL A 44 5.21 5.41 -12.14
C VAL A 44 5.31 3.90 -12.37
N LEU A 45 5.24 3.16 -11.28
CA LEU A 45 5.32 1.70 -11.35
C LEU A 45 3.97 1.14 -11.80
N GLY A 46 2.91 1.73 -11.26
CA GLY A 46 1.57 1.29 -11.60
C GLY A 46 1.48 0.91 -13.08
N ASP A 47 2.27 1.58 -13.89
CA ASP A 47 2.29 1.31 -15.32
C ASP A 47 2.21 -0.20 -15.55
N ALA A 48 3.14 -0.91 -14.93
CA ALA A 48 3.17 -2.36 -15.06
C ALA A 48 2.79 -3.00 -13.73
N VAL A 49 3.47 -2.55 -12.68
CA VAL A 49 3.20 -3.07 -11.35
C VAL A 49 1.76 -2.77 -10.97
N PRO A 50 1.13 -3.76 -10.27
CA PRO A 50 -0.24 -3.62 -9.83
C PRO A 50 -0.35 -2.66 -8.65
N ASP A 51 -1.49 -2.75 -7.96
CA ASP A 51 -1.72 -1.90 -6.81
C ASP A 51 -1.19 -2.59 -5.55
N ASP A 52 -1.68 -3.79 -5.33
CA ASP A 52 -1.25 -4.57 -4.17
C ASP A 52 0.24 -4.34 -3.92
N ILE A 53 1.04 -4.76 -4.89
CA ILE A 53 2.48 -4.60 -4.79
C ILE A 53 2.80 -3.24 -4.17
N LEU A 54 2.35 -2.20 -4.85
CA LEU A 54 2.58 -0.84 -4.38
C LEU A 54 2.00 -0.69 -2.97
N THR A 55 0.73 -1.04 -2.83
CA THR A 55 0.06 -0.95 -1.55
C THR A 55 0.96 -1.49 -0.43
N GLU A 56 1.36 -2.75 -0.61
CA GLU A 56 2.22 -3.39 0.37
C GLU A 56 3.32 -2.44 0.83
N ALA A 57 3.96 -1.82 -0.14
CA ALA A 57 5.04 -0.87 0.15
C ALA A 57 4.54 0.17 1.14
N ILE A 58 3.36 0.70 0.86
CA ILE A 58 2.77 1.70 1.72
C ILE A 58 2.66 1.15 3.15
N LEU A 59 2.08 -0.04 3.24
CA LEU A 59 1.91 -0.68 4.53
C LEU A 59 3.27 -1.15 5.04
N LYS A 60 4.25 -1.14 4.14
CA LYS A 60 5.59 -1.55 4.49
C LYS A 60 6.29 -0.41 5.23
N HIS A 61 5.75 0.79 5.05
CA HIS A 61 6.31 1.96 5.69
C HIS A 61 5.19 2.83 6.26
N LYS A 62 4.12 2.16 6.65
CA LYS A 62 2.97 2.87 7.20
C LYS A 62 2.74 4.17 6.43
N PHE A 63 2.39 4.01 5.16
CA PHE A 63 2.16 5.16 4.30
C PHE A 63 3.38 6.08 4.26
N ASP A 64 4.13 5.95 3.18
CA ASP A 64 5.33 6.76 3.00
C ASP A 64 5.84 6.60 1.57
N VAL A 65 5.11 7.23 0.65
CA VAL A 65 5.47 7.16 -0.75
C VAL A 65 6.99 7.29 -0.89
N GLN A 66 7.51 8.39 -0.36
CA GLN A 66 8.94 8.65 -0.41
C GLN A 66 9.71 7.34 -0.21
N LYS A 67 9.38 6.66 0.87
CA LYS A 67 10.04 5.40 1.21
C LYS A 67 9.51 4.30 0.28
N ALA A 68 8.21 4.12 0.31
CA ALA A 68 7.57 3.11 -0.51
C ALA A 68 8.23 3.09 -1.89
N LEU A 69 8.48 4.29 -2.41
CA LEU A 69 9.10 4.42 -3.72
C LEU A 69 10.58 4.04 -3.61
N SER A 70 11.26 4.67 -2.65
CA SER A 70 12.66 4.39 -2.44
C SER A 70 12.89 2.89 -2.29
N VAL A 71 11.89 2.22 -1.76
CA VAL A 71 11.96 0.78 -1.56
C VAL A 71 11.45 0.07 -2.81
N VAL A 72 10.32 0.56 -3.31
CA VAL A 72 9.72 -0.02 -4.50
C VAL A 72 10.66 0.18 -5.69
N LEU A 73 11.64 1.05 -5.50
CA LEU A 73 12.60 1.33 -6.54
C LEU A 73 13.81 0.39 -6.38
N GLU A 74 14.39 0.43 -5.19
CA GLU A 74 15.54 -0.41 -4.90
C GLU A 74 15.22 -1.88 -5.19
N GLN A 75 13.93 -2.19 -5.17
CA GLN A 75 13.48 -3.55 -5.41
C GLN A 75 13.39 -3.80 -6.93
N ASP A 76 12.95 -2.78 -7.64
CA ASP A 76 12.82 -2.87 -9.08
C ASP A 76 14.18 -3.22 -9.70
N GLY A 77 15.22 -2.80 -9.01
CA GLY A 77 16.58 -3.06 -9.47
C GLY A 77 17.13 -4.35 -8.86
N SER A 78 16.43 -4.83 -7.85
CA SER A 78 16.84 -6.05 -7.17
C SER A 78 16.60 -7.26 -8.08
N GLY A 79 15.39 -7.30 -8.64
CA GLY A 79 15.02 -8.40 -9.52
C GLY A 79 16.14 -8.69 -10.53
N PRO A 80 16.42 -7.67 -11.38
CA PRO A 80 17.47 -7.80 -12.38
C PRO A 80 18.86 -7.72 -11.76
N SER A 81 19.46 -8.88 -11.54
CA SER A 81 20.78 -8.95 -10.96
C SER A 81 21.39 -10.33 -11.20
N SER A 82 20.75 -11.34 -10.62
CA SER A 82 21.22 -12.71 -10.77
C SER A 82 20.42 -13.41 -11.87
N GLY A 83 21.13 -14.26 -12.60
CA GLY A 83 20.50 -15.00 -13.69
C GLY A 83 20.95 -16.47 -13.67
N GLY A 1 6.81 -15.79 -20.29
CA GLY A 1 7.72 -16.72 -19.64
C GLY A 1 7.05 -17.38 -18.43
N SER A 2 7.76 -17.35 -17.31
CA SER A 2 7.25 -17.94 -16.09
C SER A 2 5.91 -17.30 -15.71
N SER A 3 5.03 -18.13 -15.19
CA SER A 3 3.71 -17.66 -14.78
C SER A 3 2.91 -18.80 -14.17
N GLY A 4 2.91 -18.84 -12.84
CA GLY A 4 2.19 -19.88 -12.13
C GLY A 4 2.76 -20.07 -10.72
N SER A 5 1.89 -20.42 -9.80
CA SER A 5 2.30 -20.64 -8.42
C SER A 5 1.12 -21.16 -7.59
N SER A 6 1.44 -21.92 -6.56
CA SER A 6 0.42 -22.48 -5.69
C SER A 6 1.07 -23.06 -4.44
N GLY A 7 0.40 -22.87 -3.32
CA GLY A 7 0.89 -23.37 -2.05
C GLY A 7 0.22 -22.64 -0.87
N GLU A 8 1.00 -21.82 -0.19
CA GLU A 8 0.50 -21.07 0.95
C GLU A 8 -0.83 -20.39 0.59
N TYR A 9 -0.98 -20.10 -0.70
CA TYR A 9 -2.19 -19.46 -1.18
C TYR A 9 -3.42 -20.32 -0.88
N GLY A 10 -3.30 -21.60 -1.20
CA GLY A 10 -4.39 -22.53 -0.98
C GLY A 10 -4.99 -22.35 0.42
N TYR A 11 -4.16 -22.58 1.42
CA TYR A 11 -4.59 -22.45 2.80
C TYR A 11 -5.40 -21.16 3.00
N GLU A 12 -4.80 -20.06 2.57
CA GLU A 12 -5.45 -18.76 2.70
C GLU A 12 -6.86 -18.82 2.13
N ASP A 13 -6.94 -19.18 0.85
CA ASP A 13 -8.23 -19.28 0.18
C ASP A 13 -9.24 -19.95 1.11
N LEU A 14 -8.88 -21.13 1.58
CA LEU A 14 -9.74 -21.89 2.47
C LEU A 14 -10.22 -20.96 3.59
N ARG A 15 -9.28 -20.25 4.19
CA ARG A 15 -9.59 -19.34 5.27
C ARG A 15 -9.51 -17.89 4.78
N GLU A 16 -10.65 -17.38 4.32
CA GLU A 16 -10.71 -16.03 3.82
C GLU A 16 -10.93 -15.04 4.98
N SER A 17 -9.94 -14.97 5.84
CA SER A 17 -10.00 -14.08 7.00
C SER A 17 -8.77 -14.26 7.87
N SER A 18 -7.61 -13.98 7.28
CA SER A 18 -6.36 -14.11 8.00
C SER A 18 -5.99 -12.78 8.66
N ASN A 19 -5.87 -11.76 7.82
CA ASN A 19 -5.53 -10.43 8.32
C ASN A 19 -5.46 -9.45 7.14
N SER A 20 -4.70 -9.84 6.13
CA SER A 20 -4.55 -9.02 4.95
C SER A 20 -5.89 -8.42 4.55
N LEU A 21 -6.86 -9.31 4.35
CA LEU A 21 -8.20 -8.87 3.96
C LEU A 21 -8.59 -7.64 4.80
N LEU A 22 -8.70 -7.85 6.09
CA LEU A 22 -9.07 -6.78 7.00
C LEU A 22 -8.22 -5.55 6.70
N ASN A 23 -6.91 -5.76 6.73
CA ASN A 23 -5.98 -4.67 6.45
C ASN A 23 -6.38 -3.97 5.16
N HIS A 24 -6.47 -4.75 4.10
CA HIS A 24 -6.84 -4.22 2.80
C HIS A 24 -7.96 -3.19 2.98
N GLN A 25 -9.04 -3.63 3.60
CA GLN A 25 -10.18 -2.77 3.83
C GLN A 25 -9.71 -1.39 4.30
N LEU A 26 -8.76 -1.40 5.22
CA LEU A 26 -8.21 -0.17 5.75
C LEU A 26 -9.36 0.74 6.20
N SER A 27 -8.98 1.92 6.67
CA SER A 27 -9.98 2.88 7.13
C SER A 27 -10.41 3.78 5.97
N GLU A 28 -11.54 4.46 6.18
CA GLU A 28 -12.07 5.35 5.16
C GLU A 28 -11.06 6.45 4.84
N ILE A 29 -10.42 6.95 5.88
CA ILE A 29 -9.43 8.01 5.72
C ILE A 29 -8.13 7.40 5.16
N ASP A 30 -7.61 6.42 5.89
CA ASP A 30 -6.39 5.76 5.50
C ASP A 30 -6.41 5.52 3.99
N GLN A 31 -7.54 5.00 3.52
CA GLN A 31 -7.70 4.72 2.10
C GLN A 31 -7.42 5.98 1.28
N ALA A 32 -8.23 7.00 1.51
CA ALA A 32 -8.08 8.25 0.80
C ALA A 32 -6.60 8.62 0.74
N ARG A 33 -5.90 8.35 1.82
CA ARG A 33 -4.48 8.64 1.90
C ARG A 33 -3.70 7.71 0.99
N LEU A 34 -3.87 6.42 1.21
CA LEU A 34 -3.20 5.41 0.41
C LEU A 34 -3.28 5.79 -1.07
N TYR A 35 -4.51 5.83 -1.57
CA TYR A 35 -4.75 6.17 -2.96
C TYR A 35 -3.90 7.38 -3.37
N SER A 36 -4.08 8.47 -2.65
CA SER A 36 -3.33 9.69 -2.94
C SER A 36 -1.86 9.35 -3.12
N CYS A 37 -1.44 8.27 -2.49
CA CYS A 37 -0.05 7.83 -2.58
C CYS A 37 0.06 6.81 -3.71
N LEU A 38 -0.61 5.69 -3.51
CA LEU A 38 -0.59 4.62 -4.50
C LEU A 38 -0.63 5.23 -5.90
N ASP A 39 -1.72 5.93 -6.18
CA ASP A 39 -1.89 6.57 -7.47
C ASP A 39 -0.54 7.08 -7.97
N HIS A 40 0.12 7.86 -7.12
CA HIS A 40 1.41 8.42 -7.46
C HIS A 40 2.28 7.34 -8.10
N MET A 41 2.77 6.44 -7.26
CA MET A 41 3.61 5.35 -7.73
C MET A 41 2.91 4.55 -8.83
N ARG A 42 1.62 4.36 -8.66
CA ARG A 42 0.83 3.62 -9.63
C ARG A 42 0.74 4.39 -10.94
N GLU A 43 1.18 5.64 -10.89
CA GLU A 43 1.17 6.50 -12.06
C GLU A 43 2.39 6.21 -12.94
N VAL A 44 3.54 6.17 -12.30
CA VAL A 44 4.79 5.91 -13.01
C VAL A 44 5.12 4.42 -12.92
N LEU A 45 5.19 3.94 -11.68
CA LEU A 45 5.49 2.54 -11.45
C LEU A 45 4.31 1.68 -11.87
N GLY A 46 3.13 2.06 -11.38
CA GLY A 46 1.91 1.34 -11.70
C GLY A 46 1.93 0.86 -13.15
N ASP A 47 2.63 1.62 -13.98
CA ASP A 47 2.74 1.28 -15.39
C ASP A 47 2.88 -0.24 -15.55
N ALA A 48 3.81 -0.79 -14.79
CA ALA A 48 4.06 -2.22 -14.83
C ALA A 48 3.61 -2.84 -13.52
N VAL A 49 4.16 -2.32 -12.42
CA VAL A 49 3.82 -2.82 -11.10
C VAL A 49 2.32 -2.63 -10.86
N PRO A 50 1.72 -3.63 -10.17
CA PRO A 50 0.30 -3.57 -9.86
C PRO A 50 0.02 -2.58 -8.73
N ASP A 51 -1.15 -2.73 -8.13
CA ASP A 51 -1.55 -1.85 -7.04
C ASP A 51 -1.12 -2.47 -5.71
N ASP A 52 -1.27 -3.79 -5.62
CA ASP A 52 -0.90 -4.50 -4.41
C ASP A 52 0.54 -4.16 -4.04
N ILE A 53 1.46 -4.58 -4.91
CA ILE A 53 2.87 -4.32 -4.68
C ILE A 53 3.03 -2.90 -4.13
N LEU A 54 2.68 -1.92 -4.95
CA LEU A 54 2.79 -0.53 -4.55
C LEU A 54 2.14 -0.35 -3.18
N THR A 55 0.94 -0.87 -3.05
CA THR A 55 0.20 -0.77 -1.80
C THR A 55 1.05 -1.29 -0.64
N GLU A 56 1.37 -2.58 -0.71
CA GLU A 56 2.17 -3.20 0.32
C GLU A 56 3.32 -2.27 0.74
N ALA A 57 3.97 -1.70 -0.26
CA ALA A 57 5.08 -0.81 -0.01
C ALA A 57 4.62 0.32 0.92
N ILE A 58 3.48 0.89 0.57
CA ILE A 58 2.92 1.98 1.36
C ILE A 58 2.78 1.53 2.82
N LEU A 59 2.08 0.42 3.00
CA LEU A 59 1.86 -0.12 4.32
C LEU A 59 3.21 -0.56 4.92
N LYS A 60 4.20 -0.64 4.04
CA LYS A 60 5.53 -1.05 4.46
C LYS A 60 6.19 0.10 5.23
N HIS A 61 5.59 1.27 5.11
CA HIS A 61 6.10 2.45 5.78
C HIS A 61 4.94 3.32 6.24
N LYS A 62 3.82 2.67 6.54
CA LYS A 62 2.64 3.39 6.97
C LYS A 62 2.49 4.67 6.16
N PHE A 63 2.25 4.50 4.87
CA PHE A 63 2.08 5.64 3.99
C PHE A 63 3.34 6.50 3.96
N ASP A 64 4.22 6.18 3.01
CA ASP A 64 5.47 6.93 2.87
C ASP A 64 6.03 6.70 1.47
N VAL A 65 5.27 7.15 0.48
CA VAL A 65 5.69 7.00 -0.91
C VAL A 65 7.20 7.24 -1.01
N GLN A 66 7.62 8.40 -0.52
CA GLN A 66 9.02 8.76 -0.55
C GLN A 66 9.89 7.54 -0.20
N LYS A 67 9.48 6.85 0.84
CA LYS A 67 10.20 5.67 1.29
C LYS A 67 9.81 4.48 0.42
N ALA A 68 8.52 4.17 0.45
CA ALA A 68 8.00 3.06 -0.33
C ALA A 68 8.65 3.06 -1.72
N LEU A 69 8.93 4.26 -2.20
CA LEU A 69 9.55 4.40 -3.51
C LEU A 69 11.02 4.00 -3.42
N SER A 70 11.74 4.66 -2.54
CA SER A 70 13.15 4.37 -2.35
C SER A 70 13.36 2.87 -2.21
N VAL A 71 12.34 2.20 -1.70
CA VAL A 71 12.39 0.76 -1.51
C VAL A 71 11.85 0.06 -2.75
N VAL A 72 10.68 0.52 -3.19
CA VAL A 72 10.04 -0.05 -4.36
C VAL A 72 11.02 -0.01 -5.54
N LEU A 73 11.67 1.15 -5.68
CA LEU A 73 12.63 1.33 -6.76
C LEU A 73 13.74 0.28 -6.64
N GLU A 74 14.33 0.23 -5.46
CA GLU A 74 15.40 -0.71 -5.20
C GLU A 74 14.90 -2.15 -5.38
N GLN A 75 13.78 -2.43 -4.74
CA GLN A 75 13.19 -3.76 -4.82
C GLN A 75 12.99 -4.16 -6.28
N ASP A 76 12.17 -3.37 -6.97
CA ASP A 76 11.89 -3.64 -8.37
C ASP A 76 13.20 -3.98 -9.09
N GLY A 77 14.27 -3.35 -8.64
CA GLY A 77 15.58 -3.58 -9.23
C GLY A 77 15.85 -5.07 -9.41
N SER A 78 15.16 -5.87 -8.60
CA SER A 78 15.32 -7.31 -8.65
C SER A 78 14.94 -7.83 -10.04
N GLY A 79 13.85 -7.29 -10.55
CA GLY A 79 13.38 -7.69 -11.87
C GLY A 79 14.53 -7.74 -12.87
N PRO A 80 15.04 -6.53 -13.23
CA PRO A 80 16.14 -6.42 -14.17
C PRO A 80 17.46 -6.82 -13.52
N SER A 81 18.17 -7.71 -14.21
CA SER A 81 19.45 -8.19 -13.72
C SER A 81 20.35 -7.01 -13.35
N SER A 82 20.39 -6.05 -14.26
CA SER A 82 21.21 -4.86 -14.05
C SER A 82 20.34 -3.60 -14.15
N GLY A 83 20.34 -2.83 -13.06
CA GLY A 83 19.56 -1.61 -13.01
C GLY A 83 18.78 -1.52 -11.71
N GLY A 1 8.27 -13.46 -21.73
CA GLY A 1 8.27 -13.48 -20.27
C GLY A 1 7.57 -14.73 -19.74
N SER A 2 7.72 -14.94 -18.44
CA SER A 2 7.12 -16.10 -17.79
C SER A 2 5.74 -15.73 -17.24
N SER A 3 4.74 -16.48 -17.68
CA SER A 3 3.38 -16.24 -17.24
C SER A 3 3.33 -16.19 -15.71
N GLY A 4 2.30 -15.51 -15.20
CA GLY A 4 2.13 -15.38 -13.77
C GLY A 4 0.69 -15.73 -13.36
N SER A 5 0.52 -15.96 -12.07
CA SER A 5 -0.80 -16.30 -11.54
C SER A 5 -0.86 -15.97 -10.05
N SER A 6 -2.00 -15.42 -9.65
CA SER A 6 -2.20 -15.06 -8.26
C SER A 6 -3.56 -15.53 -7.78
N GLY A 7 -4.60 -15.01 -8.42
CA GLY A 7 -5.96 -15.38 -8.08
C GLY A 7 -6.56 -14.38 -7.09
N GLU A 8 -7.08 -13.30 -7.63
CA GLU A 8 -7.69 -12.26 -6.82
C GLU A 8 -9.08 -12.70 -6.36
N TYR A 9 -9.56 -13.78 -6.95
CA TYR A 9 -10.87 -14.32 -6.60
C TYR A 9 -10.87 -14.89 -5.18
N GLY A 10 -9.80 -15.62 -4.87
CA GLY A 10 -9.68 -16.22 -3.57
C GLY A 10 -9.91 -15.20 -2.45
N TYR A 11 -9.07 -14.17 -2.47
CA TYR A 11 -9.16 -13.12 -1.47
C TYR A 11 -10.62 -12.72 -1.23
N GLU A 12 -11.32 -12.47 -2.32
CA GLU A 12 -12.71 -12.08 -2.25
C GLU A 12 -13.49 -13.05 -1.34
N ASP A 13 -13.48 -14.30 -1.75
CA ASP A 13 -14.17 -15.34 -0.99
C ASP A 13 -13.93 -15.11 0.51
N LEU A 14 -12.65 -15.03 0.85
CA LEU A 14 -12.27 -14.82 2.24
C LEU A 14 -13.06 -13.63 2.81
N ARG A 15 -13.01 -12.53 2.07
CA ARG A 15 -13.71 -11.33 2.49
C ARG A 15 -13.10 -10.78 3.78
N GLU A 16 -13.63 -9.64 4.21
CA GLU A 16 -13.15 -9.01 5.42
C GLU A 16 -12.86 -10.06 6.49
N SER A 17 -11.77 -9.85 7.21
CA SER A 17 -11.38 -10.78 8.26
C SER A 17 -10.24 -10.18 9.08
N SER A 18 -10.15 -10.64 10.33
CA SER A 18 -9.11 -10.15 11.22
C SER A 18 -7.74 -10.28 10.55
N ASN A 19 -7.68 -11.17 9.57
CA ASN A 19 -6.44 -11.41 8.85
C ASN A 19 -5.93 -10.09 8.28
N SER A 20 -4.89 -10.19 7.46
CA SER A 20 -4.30 -9.02 6.85
C SER A 20 -5.36 -8.24 6.07
N LEU A 21 -6.43 -8.95 5.72
CA LEU A 21 -7.52 -8.35 4.98
C LEU A 21 -7.97 -7.06 5.68
N LEU A 22 -8.15 -7.19 6.99
CA LEU A 22 -8.58 -6.05 7.79
C LEU A 22 -7.78 -4.81 7.38
N ASN A 23 -6.47 -4.89 7.60
CA ASN A 23 -5.59 -3.79 7.25
C ASN A 23 -6.02 -3.20 5.91
N HIS A 24 -6.02 -4.06 4.90
CA HIS A 24 -6.41 -3.64 3.57
C HIS A 24 -7.59 -2.68 3.64
N GLN A 25 -8.57 -3.05 4.46
CA GLN A 25 -9.75 -2.23 4.64
C GLN A 25 -9.35 -0.78 4.97
N LEU A 26 -8.48 -0.65 5.97
CA LEU A 26 -8.02 0.66 6.39
C LEU A 26 -9.22 1.56 6.65
N SER A 27 -8.93 2.77 7.10
CA SER A 27 -9.97 3.74 7.39
C SER A 27 -10.30 4.55 6.14
N GLU A 28 -11.47 5.18 6.18
CA GLU A 28 -11.90 5.99 5.05
C GLU A 28 -10.83 7.02 4.68
N ILE A 29 -10.57 7.91 5.62
CA ILE A 29 -9.58 8.96 5.41
C ILE A 29 -8.26 8.31 4.98
N ASP A 30 -7.78 7.40 5.81
CA ASP A 30 -6.53 6.71 5.55
C ASP A 30 -6.49 6.30 4.06
N GLN A 31 -7.47 5.50 3.69
CA GLN A 31 -7.57 5.03 2.30
C GLN A 31 -7.29 6.18 1.34
N ALA A 32 -8.09 7.23 1.46
CA ALA A 32 -7.94 8.38 0.60
C ALA A 32 -6.46 8.70 0.43
N ARG A 33 -5.71 8.52 1.52
CA ARG A 33 -4.29 8.78 1.49
C ARG A 33 -3.56 7.69 0.69
N LEU A 34 -3.90 6.44 1.02
CA LEU A 34 -3.29 5.30 0.35
C LEU A 34 -3.43 5.48 -1.16
N TYR A 35 -4.66 5.64 -1.59
CA TYR A 35 -4.95 5.82 -3.01
C TYR A 35 -4.20 7.03 -3.58
N SER A 36 -4.26 8.12 -2.82
CA SER A 36 -3.60 9.35 -3.23
C SER A 36 -2.09 9.11 -3.37
N CYS A 37 -1.63 8.06 -2.69
CA CYS A 37 -0.22 7.72 -2.72
C CYS A 37 -0.01 6.67 -3.82
N LEU A 38 -0.75 5.59 -3.71
CA LEU A 38 -0.65 4.52 -4.69
C LEU A 38 -0.68 5.11 -6.10
N ASP A 39 -1.64 5.99 -6.32
CA ASP A 39 -1.77 6.64 -7.61
C ASP A 39 -0.39 7.05 -8.13
N HIS A 40 0.26 7.91 -7.35
CA HIS A 40 1.58 8.39 -7.71
C HIS A 40 2.44 7.22 -8.20
N MET A 41 2.89 6.42 -7.24
CA MET A 41 3.72 5.27 -7.56
C MET A 41 3.03 4.37 -8.60
N ARG A 42 1.72 4.57 -8.74
CA ARG A 42 0.95 3.79 -9.68
C ARG A 42 1.00 4.43 -11.08
N GLU A 43 1.52 5.65 -11.10
CA GLU A 43 1.63 6.39 -12.36
C GLU A 43 3.00 6.14 -12.99
N VAL A 44 4.00 6.01 -12.13
CA VAL A 44 5.36 5.78 -12.59
C VAL A 44 5.63 4.26 -12.63
N LEU A 45 5.42 3.63 -11.48
CA LEU A 45 5.63 2.20 -11.38
C LEU A 45 4.38 1.46 -11.83
N GLY A 46 3.24 1.87 -11.28
CA GLY A 46 1.97 1.26 -11.61
C GLY A 46 1.93 0.89 -13.10
N ASP A 47 2.63 1.68 -13.90
CA ASP A 47 2.68 1.44 -15.34
C ASP A 47 2.74 -0.07 -15.59
N ALA A 48 3.77 -0.69 -15.05
CA ALA A 48 3.96 -2.12 -15.21
C ALA A 48 3.71 -2.83 -13.87
N VAL A 49 4.18 -2.18 -12.82
CA VAL A 49 4.01 -2.72 -11.47
C VAL A 49 2.54 -2.69 -11.09
N PRO A 50 2.11 -3.73 -10.33
CA PRO A 50 0.74 -3.83 -9.89
C PRO A 50 0.46 -2.85 -8.75
N ASP A 51 -0.67 -3.07 -8.09
CA ASP A 51 -1.06 -2.21 -6.98
C ASP A 51 -0.56 -2.81 -5.67
N ASP A 52 -0.84 -4.10 -5.50
CA ASP A 52 -0.42 -4.81 -4.31
C ASP A 52 0.97 -4.34 -3.91
N ILE A 53 1.94 -4.69 -4.76
CA ILE A 53 3.32 -4.31 -4.51
C ILE A 53 3.37 -2.90 -3.92
N LEU A 54 2.81 -1.96 -4.68
CA LEU A 54 2.78 -0.58 -4.25
C LEU A 54 2.10 -0.49 -2.87
N THR A 55 0.89 -1.00 -2.82
CA THR A 55 0.12 -0.99 -1.58
C THR A 55 1.00 -1.47 -0.41
N GLU A 56 1.50 -2.68 -0.57
CA GLU A 56 2.35 -3.28 0.46
C GLU A 56 3.41 -2.27 0.92
N ALA A 57 4.16 -1.77 -0.06
CA ALA A 57 5.22 -0.81 0.22
C ALA A 57 4.68 0.25 1.18
N ILE A 58 3.54 0.81 0.82
CA ILE A 58 2.92 1.83 1.64
C ILE A 58 2.78 1.33 3.07
N LEU A 59 2.03 0.23 3.19
CA LEU A 59 1.80 -0.36 4.50
C LEU A 59 3.14 -0.82 5.09
N LYS A 60 4.14 -0.87 4.23
CA LYS A 60 5.47 -1.28 4.64
C LYS A 60 6.12 -0.15 5.44
N HIS A 61 5.63 1.05 5.21
CA HIS A 61 6.15 2.22 5.90
C HIS A 61 4.99 3.09 6.41
N LYS A 62 3.91 2.41 6.77
CA LYS A 62 2.73 3.10 7.27
C LYS A 62 2.52 4.38 6.46
N PHE A 63 2.16 4.20 5.20
CA PHE A 63 1.92 5.33 4.32
C PHE A 63 3.14 6.25 4.25
N ASP A 64 4.02 5.95 3.33
CA ASP A 64 5.23 6.74 3.16
C ASP A 64 5.83 6.45 1.78
N VAL A 65 5.31 7.14 0.79
CA VAL A 65 5.79 6.98 -0.58
C VAL A 65 7.30 7.25 -0.63
N GLN A 66 7.66 8.43 -0.16
CA GLN A 66 9.06 8.83 -0.14
C GLN A 66 9.95 7.63 0.22
N LYS A 67 9.42 6.78 1.08
CA LYS A 67 10.15 5.59 1.50
C LYS A 67 9.75 4.41 0.61
N ALA A 68 8.45 4.17 0.54
CA ALA A 68 7.93 3.07 -0.27
C ALA A 68 8.58 3.12 -1.65
N LEU A 69 8.85 4.33 -2.10
CA LEU A 69 9.47 4.52 -3.40
C LEU A 69 10.94 4.14 -3.33
N SER A 70 11.60 4.61 -2.28
CA SER A 70 13.01 4.32 -2.09
C SER A 70 13.23 2.80 -2.01
N VAL A 71 12.19 2.11 -1.56
CA VAL A 71 12.26 0.66 -1.44
C VAL A 71 11.71 0.03 -2.72
N VAL A 72 10.57 0.55 -3.17
CA VAL A 72 9.95 0.04 -4.38
C VAL A 72 10.93 0.15 -5.55
N LEU A 73 11.56 1.31 -5.64
CA LEU A 73 12.52 1.56 -6.70
C LEU A 73 13.48 0.37 -6.78
N GLU A 74 14.26 0.21 -5.72
CA GLU A 74 15.23 -0.87 -5.66
C GLU A 74 14.55 -2.21 -5.93
N GLN A 75 13.53 -2.49 -5.14
CA GLN A 75 12.78 -3.73 -5.28
C GLN A 75 12.42 -3.97 -6.75
N ASP A 76 11.69 -3.01 -7.31
CA ASP A 76 11.28 -3.11 -8.70
C ASP A 76 12.49 -3.47 -9.56
N GLY A 77 13.59 -2.77 -9.29
CA GLY A 77 14.82 -3.00 -10.04
C GLY A 77 15.20 -4.48 -10.03
N SER A 78 14.72 -5.18 -9.01
CA SER A 78 14.99 -6.60 -8.87
C SER A 78 14.54 -7.34 -10.12
N GLY A 79 13.35 -6.97 -10.60
CA GLY A 79 12.78 -7.59 -11.78
C GLY A 79 13.80 -7.60 -12.93
N PRO A 80 14.05 -6.38 -13.48
CA PRO A 80 14.99 -6.24 -14.59
C PRO A 80 16.43 -6.35 -14.09
N SER A 81 17.10 -7.40 -14.55
CA SER A 81 18.48 -7.64 -14.17
C SER A 81 19.37 -6.52 -14.73
N SER A 82 19.86 -5.70 -13.80
CA SER A 82 20.73 -4.59 -14.18
C SER A 82 21.98 -4.59 -13.30
N GLY A 83 23.09 -4.21 -13.91
CA GLY A 83 24.36 -4.16 -13.20
C GLY A 83 24.59 -5.44 -12.39
N GLY A 1 -15.53 -4.31 -18.07
CA GLY A 1 -16.81 -4.30 -17.37
C GLY A 1 -17.32 -5.73 -17.14
N SER A 2 -17.46 -6.06 -15.86
CA SER A 2 -17.93 -7.39 -15.49
C SER A 2 -17.94 -7.52 -13.96
N SER A 3 -18.97 -8.19 -13.46
CA SER A 3 -19.11 -8.41 -12.04
C SER A 3 -19.40 -7.08 -11.34
N GLY A 4 -19.94 -7.19 -10.14
CA GLY A 4 -20.27 -6.01 -9.36
C GLY A 4 -21.13 -6.37 -8.15
N SER A 5 -20.92 -5.63 -7.07
CA SER A 5 -21.67 -5.87 -5.83
C SER A 5 -22.04 -4.53 -5.19
N SER A 6 -22.87 -4.62 -4.17
CA SER A 6 -23.33 -3.44 -3.45
C SER A 6 -23.51 -3.76 -1.97
N GLY A 7 -23.60 -2.70 -1.18
CA GLY A 7 -23.79 -2.85 0.26
C GLY A 7 -23.49 -1.55 0.99
N GLU A 8 -24.53 -0.76 1.18
CA GLU A 8 -24.38 0.52 1.87
C GLU A 8 -24.61 0.34 3.37
N TYR A 9 -25.79 -0.19 3.71
CA TYR A 9 -26.13 -0.41 5.10
C TYR A 9 -25.52 -1.72 5.61
N GLY A 10 -25.67 -2.76 4.80
CA GLY A 10 -25.13 -4.07 5.15
C GLY A 10 -23.65 -3.96 5.52
N TYR A 11 -22.85 -3.64 4.52
CA TYR A 11 -21.41 -3.51 4.73
C TYR A 11 -21.11 -2.89 6.08
N GLU A 12 -21.71 -1.73 6.32
CA GLU A 12 -21.51 -1.02 7.57
C GLU A 12 -22.03 -1.86 8.75
N ASP A 13 -23.30 -2.22 8.66
CA ASP A 13 -23.92 -3.01 9.71
C ASP A 13 -22.95 -4.12 10.14
N LEU A 14 -22.49 -4.88 9.17
CA LEU A 14 -21.56 -5.96 9.43
C LEU A 14 -20.25 -5.39 9.95
N ARG A 15 -19.74 -4.40 9.23
CA ARG A 15 -18.50 -3.76 9.61
C ARG A 15 -18.45 -3.54 11.12
N GLU A 16 -17.49 -4.20 11.75
CA GLU A 16 -17.33 -4.09 13.19
C GLU A 16 -16.17 -4.98 13.67
N SER A 17 -14.99 -4.69 13.14
CA SER A 17 -13.82 -5.45 13.50
C SER A 17 -12.62 -4.98 12.67
N SER A 18 -11.44 -5.41 13.09
CA SER A 18 -10.21 -5.05 12.40
C SER A 18 -9.93 -6.04 11.26
N ASN A 19 -9.67 -7.28 11.67
CA ASN A 19 -9.38 -8.34 10.70
C ASN A 19 -8.14 -7.96 9.90
N SER A 20 -7.42 -8.99 9.47
CA SER A 20 -6.21 -8.79 8.70
C SER A 20 -6.56 -8.43 7.25
N LEU A 21 -7.74 -8.87 6.84
CA LEU A 21 -8.21 -8.59 5.49
C LEU A 21 -8.89 -7.23 5.45
N LEU A 22 -9.96 -7.11 6.22
CA LEU A 22 -10.71 -5.87 6.29
C LEU A 22 -9.74 -4.71 6.54
N ASN A 23 -8.94 -4.87 7.58
CA ASN A 23 -7.97 -3.84 7.93
C ASN A 23 -7.16 -3.46 6.69
N HIS A 24 -6.91 -4.45 5.86
CA HIS A 24 -6.15 -4.23 4.64
C HIS A 24 -6.85 -3.15 3.80
N GLN A 25 -8.15 -3.27 3.70
CA GLN A 25 -8.94 -2.30 2.93
C GLN A 25 -8.72 -0.89 3.47
N LEU A 26 -8.46 -0.81 4.77
CA LEU A 26 -8.23 0.46 5.42
C LEU A 26 -9.51 1.30 5.36
N SER A 27 -9.67 2.15 6.35
CA SER A 27 -10.84 3.01 6.42
C SER A 27 -10.85 3.97 5.23
N GLU A 28 -12.05 4.42 4.89
CA GLU A 28 -12.21 5.34 3.78
C GLU A 28 -11.14 6.41 3.81
N ILE A 29 -11.17 7.22 4.87
CA ILE A 29 -10.19 8.29 5.03
C ILE A 29 -8.81 7.76 4.68
N ASP A 30 -8.29 6.92 5.56
CA ASP A 30 -6.97 6.34 5.37
C ASP A 30 -6.79 5.97 3.89
N GLN A 31 -7.79 5.26 3.37
CA GLN A 31 -7.75 4.83 1.98
C GLN A 31 -7.36 6.01 1.08
N ALA A 32 -8.14 7.07 1.18
CA ALA A 32 -7.89 8.26 0.38
C ALA A 32 -6.38 8.53 0.33
N ARG A 33 -5.79 8.61 1.51
CA ARG A 33 -4.36 8.86 1.62
C ARG A 33 -3.57 7.73 0.98
N LEU A 34 -3.95 6.50 1.34
CA LEU A 34 -3.29 5.33 0.81
C LEU A 34 -3.31 5.39 -0.72
N TYR A 35 -4.51 5.36 -1.27
CA TYR A 35 -4.68 5.40 -2.71
C TYR A 35 -3.98 6.63 -3.30
N SER A 36 -4.17 7.76 -2.64
CA SER A 36 -3.57 9.01 -3.07
C SER A 36 -2.05 8.86 -3.13
N CYS A 37 -1.54 7.94 -2.33
CA CYS A 37 -0.12 7.69 -2.28
C CYS A 37 0.21 6.56 -3.24
N LEU A 38 -0.75 5.65 -3.39
CA LEU A 38 -0.57 4.51 -4.27
C LEU A 38 -0.63 4.98 -5.73
N ASP A 39 -1.76 5.59 -6.07
CA ASP A 39 -1.96 6.09 -7.42
C ASP A 39 -0.66 6.73 -7.91
N HIS A 40 -0.14 7.65 -7.11
CA HIS A 40 1.08 8.35 -7.45
C HIS A 40 2.12 7.33 -7.98
N MET A 41 2.69 6.59 -7.05
CA MET A 41 3.68 5.59 -7.41
C MET A 41 3.22 4.76 -8.61
N ARG A 42 1.92 4.53 -8.67
CA ARG A 42 1.34 3.76 -9.75
C ARG A 42 1.65 4.42 -11.10
N GLU A 43 1.19 5.65 -11.24
CA GLU A 43 1.41 6.40 -12.46
C GLU A 43 2.91 6.48 -12.77
N VAL A 44 3.70 6.14 -11.77
CA VAL A 44 5.15 6.17 -11.93
C VAL A 44 5.64 4.80 -12.39
N LEU A 45 5.65 3.86 -11.45
CA LEU A 45 6.09 2.51 -11.75
C LEU A 45 4.86 1.63 -12.03
N GLY A 46 3.76 2.01 -11.41
CA GLY A 46 2.53 1.27 -11.57
C GLY A 46 2.38 0.74 -13.00
N ASP A 47 2.95 1.50 -13.93
CA ASP A 47 2.89 1.13 -15.34
C ASP A 47 3.00 -0.39 -15.46
N ALA A 48 3.89 -0.96 -14.67
CA ALA A 48 4.11 -2.39 -14.68
C ALA A 48 3.59 -2.99 -13.36
N VAL A 49 4.11 -2.46 -12.27
CA VAL A 49 3.73 -2.92 -10.95
C VAL A 49 2.25 -2.62 -10.72
N PRO A 50 1.56 -3.58 -10.05
CA PRO A 50 0.14 -3.43 -9.76
C PRO A 50 -0.08 -2.43 -8.63
N ASP A 51 -1.27 -2.49 -8.04
CA ASP A 51 -1.62 -1.60 -6.95
C ASP A 51 -1.22 -2.25 -5.63
N ASP A 52 -1.47 -3.55 -5.54
CA ASP A 52 -1.13 -4.30 -4.33
C ASP A 52 0.32 -4.05 -3.96
N ILE A 53 1.21 -4.52 -4.82
CA ILE A 53 2.64 -4.35 -4.60
C ILE A 53 2.89 -2.96 -4.02
N LEU A 54 2.52 -1.94 -4.78
CA LEU A 54 2.70 -0.57 -4.36
C LEU A 54 2.06 -0.38 -2.98
N THR A 55 0.78 -0.74 -2.90
CA THR A 55 0.05 -0.62 -1.65
C THR A 55 0.87 -1.17 -0.49
N GLU A 56 1.21 -2.44 -0.60
CA GLU A 56 2.00 -3.10 0.43
C GLU A 56 3.19 -2.22 0.84
N ALA A 57 3.87 -1.69 -0.18
CA ALA A 57 5.01 -0.83 0.06
C ALA A 57 4.62 0.28 1.04
N ILE A 58 3.47 0.88 0.78
CA ILE A 58 2.98 1.96 1.63
C ILE A 58 2.87 1.45 3.06
N LEU A 59 2.11 0.37 3.22
CA LEU A 59 1.92 -0.22 4.53
C LEU A 59 3.26 -0.75 5.06
N LYS A 60 4.21 -0.86 4.15
CA LYS A 60 5.53 -1.34 4.50
C LYS A 60 6.31 -0.23 5.21
N HIS A 61 5.80 0.98 5.07
CA HIS A 61 6.44 2.14 5.68
C HIS A 61 5.37 3.07 6.26
N LYS A 62 4.25 2.46 6.64
CA LYS A 62 3.15 3.22 7.21
C LYS A 62 3.00 4.54 6.45
N PHE A 63 2.62 4.43 5.19
CA PHE A 63 2.44 5.60 4.35
C PHE A 63 3.71 6.45 4.32
N ASP A 64 4.56 6.18 3.33
CA ASP A 64 5.80 6.91 3.19
C ASP A 64 6.31 6.75 1.75
N VAL A 65 5.50 7.21 0.81
CA VAL A 65 5.86 7.12 -0.59
C VAL A 65 7.35 7.45 -0.75
N GLN A 66 7.71 8.64 -0.30
CA GLN A 66 9.09 9.09 -0.39
C GLN A 66 10.04 7.91 -0.13
N LYS A 67 9.63 7.05 0.79
CA LYS A 67 10.43 5.89 1.15
C LYS A 67 9.98 4.69 0.32
N ALA A 68 8.68 4.45 0.34
CA ALA A 68 8.11 3.34 -0.40
C ALA A 68 8.66 3.35 -1.83
N LEU A 69 8.95 4.56 -2.29
CA LEU A 69 9.47 4.72 -3.64
C LEU A 69 10.92 4.22 -3.69
N SER A 70 11.72 4.74 -2.77
CA SER A 70 13.12 4.36 -2.70
C SER A 70 13.24 2.83 -2.57
N VAL A 71 12.20 2.24 -2.02
CA VAL A 71 12.17 0.80 -1.84
C VAL A 71 11.51 0.14 -3.05
N VAL A 72 10.43 0.76 -3.52
CA VAL A 72 9.71 0.26 -4.66
C VAL A 72 10.62 0.31 -5.89
N LEU A 73 11.71 1.04 -5.76
CA LEU A 73 12.67 1.18 -6.84
C LEU A 73 13.75 0.10 -6.70
N GLU A 74 14.29 0.01 -5.50
CA GLU A 74 15.33 -0.96 -5.22
C GLU A 74 14.77 -2.38 -5.35
N GLN A 75 13.45 -2.48 -5.30
CA GLN A 75 12.79 -3.76 -5.41
C GLN A 75 12.78 -4.23 -6.87
N ASP A 76 12.44 -3.31 -7.76
CA ASP A 76 12.38 -3.62 -9.17
C ASP A 76 13.75 -4.15 -9.62
N GLY A 77 14.79 -3.68 -8.94
CA GLY A 77 16.14 -4.10 -9.26
C GLY A 77 16.51 -5.38 -8.52
N SER A 78 15.87 -5.57 -7.37
CA SER A 78 16.12 -6.75 -6.56
C SER A 78 15.70 -8.01 -7.33
N GLY A 79 14.40 -8.07 -7.62
CA GLY A 79 13.86 -9.21 -8.35
C GLY A 79 14.82 -9.68 -9.44
N PRO A 80 15.01 -8.80 -10.45
CA PRO A 80 15.90 -9.12 -11.56
C PRO A 80 17.37 -9.01 -11.12
N SER A 81 18.25 -9.41 -12.03
CA SER A 81 19.68 -9.35 -11.76
C SER A 81 20.45 -9.15 -13.07
N SER A 82 20.90 -7.92 -13.26
CA SER A 82 21.66 -7.57 -14.46
C SER A 82 20.74 -7.64 -15.68
N GLY A 83 21.26 -7.13 -16.79
CA GLY A 83 20.50 -7.12 -18.03
C GLY A 83 21.44 -7.15 -19.25
N GLY A 1 -2.79 -15.44 2.90
CA GLY A 1 -3.15 -14.94 1.58
C GLY A 1 -2.05 -15.20 0.57
N SER A 2 -2.38 -16.02 -0.43
CA SER A 2 -1.42 -16.36 -1.47
C SER A 2 -1.94 -15.89 -2.83
N SER A 3 -1.05 -15.28 -3.60
CA SER A 3 -1.41 -14.79 -4.92
C SER A 3 -0.65 -15.59 -6.00
N GLY A 4 -1.27 -15.68 -7.16
CA GLY A 4 -0.67 -16.40 -8.27
C GLY A 4 0.47 -15.59 -8.89
N SER A 5 0.13 -14.84 -9.92
CA SER A 5 1.11 -14.01 -10.61
C SER A 5 0.57 -12.59 -10.80
N SER A 6 -0.58 -12.52 -11.45
CA SER A 6 -1.21 -11.23 -11.72
C SER A 6 -1.87 -10.71 -10.44
N GLY A 7 -2.80 -11.50 -9.92
CA GLY A 7 -3.50 -11.13 -8.71
C GLY A 7 -5.02 -11.14 -8.93
N GLU A 8 -5.55 -12.33 -9.12
CA GLU A 8 -6.97 -12.50 -9.35
C GLU A 8 -7.73 -12.35 -8.03
N TYR A 9 -7.03 -12.64 -6.94
CA TYR A 9 -7.63 -12.55 -5.62
C TYR A 9 -7.69 -11.09 -5.14
N GLY A 10 -6.55 -10.41 -5.28
CA GLY A 10 -6.47 -9.02 -4.87
C GLY A 10 -7.55 -8.18 -5.56
N TYR A 11 -7.51 -8.21 -6.89
CA TYR A 11 -8.47 -7.46 -7.67
C TYR A 11 -9.89 -7.62 -7.12
N GLU A 12 -10.29 -8.87 -6.96
CA GLU A 12 -11.61 -9.18 -6.45
C GLU A 12 -11.89 -8.34 -5.19
N ASP A 13 -11.04 -8.52 -4.20
CA ASP A 13 -11.18 -7.78 -2.95
C ASP A 13 -11.40 -6.30 -3.24
N LEU A 14 -10.49 -5.75 -4.04
CA LEU A 14 -10.57 -4.35 -4.40
C LEU A 14 -11.98 -4.05 -4.92
N ARG A 15 -12.43 -4.88 -5.85
CA ARG A 15 -13.75 -4.70 -6.43
C ARG A 15 -14.83 -5.08 -5.41
N GLU A 16 -15.96 -4.40 -5.51
CA GLU A 16 -17.07 -4.65 -4.61
C GLU A 16 -16.72 -4.18 -3.19
N SER A 17 -15.69 -4.80 -2.63
CA SER A 17 -15.25 -4.46 -1.29
C SER A 17 -16.28 -4.95 -0.26
N SER A 18 -16.20 -6.24 0.02
CA SER A 18 -17.12 -6.85 0.98
C SER A 18 -16.52 -6.75 2.39
N ASN A 19 -15.31 -7.27 2.53
CA ASN A 19 -14.63 -7.25 3.82
C ASN A 19 -14.84 -5.88 4.47
N SER A 20 -15.61 -5.88 5.55
CA SER A 20 -15.89 -4.66 6.27
C SER A 20 -14.68 -4.28 7.14
N LEU A 21 -14.29 -5.22 7.98
CA LEU A 21 -13.16 -4.99 8.88
C LEU A 21 -12.04 -4.28 8.10
N LEU A 22 -11.53 -4.99 7.10
CA LEU A 22 -10.46 -4.44 6.28
C LEU A 22 -10.74 -2.96 6.00
N ASN A 23 -11.80 -2.73 5.25
CA ASN A 23 -12.19 -1.36 4.91
C ASN A 23 -12.20 -0.51 6.17
N HIS A 24 -12.88 -1.00 7.19
CA HIS A 24 -12.98 -0.30 8.46
C HIS A 24 -11.59 0.17 8.88
N GLN A 25 -10.68 -0.80 8.98
CA GLN A 25 -9.31 -0.50 9.38
C GLN A 25 -8.82 0.76 8.67
N LEU A 26 -9.13 0.85 7.38
CA LEU A 26 -8.73 1.99 6.59
C LEU A 26 -9.96 2.85 6.26
N SER A 27 -10.31 3.69 7.20
CA SER A 27 -11.46 4.57 7.02
C SER A 27 -11.40 5.24 5.65
N GLU A 28 -12.57 5.56 5.13
CA GLU A 28 -12.67 6.20 3.84
C GLU A 28 -11.57 7.26 3.69
N ILE A 29 -11.27 7.91 4.79
CA ILE A 29 -10.25 8.94 4.80
C ILE A 29 -8.88 8.30 4.55
N ASP A 30 -8.42 7.54 5.53
CA ASP A 30 -7.14 6.86 5.42
C ASP A 30 -6.99 6.28 4.02
N GLN A 31 -7.93 5.42 3.66
CA GLN A 31 -7.92 4.78 2.35
C GLN A 31 -7.47 5.79 1.28
N ALA A 32 -8.25 6.85 1.15
CA ALA A 32 -7.95 7.88 0.18
C ALA A 32 -6.44 8.13 0.16
N ARG A 33 -5.91 8.45 1.32
CA ARG A 33 -4.48 8.72 1.45
C ARG A 33 -3.68 7.59 0.80
N LEU A 34 -3.97 6.37 1.24
CA LEU A 34 -3.28 5.20 0.71
C LEU A 34 -3.24 5.28 -0.81
N TYR A 35 -4.42 5.29 -1.40
CA TYR A 35 -4.53 5.35 -2.85
C TYR A 35 -3.78 6.58 -3.40
N SER A 36 -3.86 7.67 -2.65
CA SER A 36 -3.19 8.89 -3.05
C SER A 36 -1.68 8.65 -3.17
N CYS A 37 -1.21 7.66 -2.43
CA CYS A 37 0.20 7.32 -2.43
C CYS A 37 0.42 6.19 -3.45
N LEU A 38 -0.67 5.47 -3.73
CA LEU A 38 -0.61 4.38 -4.68
C LEU A 38 -0.71 4.92 -6.10
N ASP A 39 -1.81 5.61 -6.36
CA ASP A 39 -2.05 6.18 -7.67
C ASP A 39 -0.77 6.88 -8.15
N HIS A 40 -0.09 7.52 -7.22
CA HIS A 40 1.14 8.22 -7.53
C HIS A 40 2.18 7.23 -8.05
N MET A 41 2.68 6.41 -7.13
CA MET A 41 3.67 5.41 -7.49
C MET A 41 3.14 4.45 -8.56
N ARG A 42 1.82 4.52 -8.76
CA ARG A 42 1.17 3.67 -9.75
C ARG A 42 1.43 4.21 -11.15
N GLU A 43 1.65 5.51 -11.22
CA GLU A 43 1.90 6.17 -12.49
C GLU A 43 3.40 6.25 -12.76
N VAL A 44 4.18 5.97 -11.72
CA VAL A 44 5.63 6.00 -11.84
C VAL A 44 6.14 4.61 -12.20
N LEU A 45 6.11 3.72 -11.21
CA LEU A 45 6.57 2.36 -11.41
C LEU A 45 5.36 1.46 -11.70
N GLY A 46 4.22 1.87 -11.16
CA GLY A 46 3.00 1.11 -11.35
C GLY A 46 2.94 0.50 -12.75
N ASP A 47 3.52 1.21 -13.69
CA ASP A 47 3.55 0.75 -15.07
C ASP A 47 3.75 -0.76 -15.10
N ALA A 48 4.59 -1.23 -14.19
CA ALA A 48 4.88 -2.65 -14.10
C ALA A 48 4.28 -3.21 -12.81
N VAL A 49 4.64 -2.58 -11.70
CA VAL A 49 4.14 -3.00 -10.40
C VAL A 49 2.64 -2.73 -10.32
N PRO A 50 1.91 -3.69 -9.68
CA PRO A 50 0.48 -3.55 -9.53
C PRO A 50 0.12 -2.52 -8.45
N ASP A 51 -1.11 -2.59 -8.00
CA ASP A 51 -1.58 -1.68 -6.97
C ASP A 51 -1.29 -2.26 -5.60
N ASP A 52 -1.35 -3.57 -5.51
CA ASP A 52 -1.09 -4.26 -4.25
C ASP A 52 0.32 -3.92 -3.78
N ILE A 53 1.30 -4.41 -4.52
CA ILE A 53 2.68 -4.17 -4.19
C ILE A 53 2.84 -2.74 -3.68
N LEU A 54 2.57 -1.79 -4.57
CA LEU A 54 2.67 -0.38 -4.22
C LEU A 54 1.98 -0.14 -2.88
N THR A 55 0.75 -0.63 -2.79
CA THR A 55 -0.03 -0.47 -1.57
C THR A 55 0.74 -1.02 -0.38
N GLU A 56 0.93 -2.33 -0.38
CA GLU A 56 1.64 -2.99 0.71
C GLU A 56 2.90 -2.20 1.07
N ALA A 57 3.56 -1.69 0.05
CA ALA A 57 4.77 -0.91 0.25
C ALA A 57 4.45 0.29 1.14
N ILE A 58 3.37 0.99 0.78
CA ILE A 58 2.95 2.15 1.54
C ILE A 58 2.84 1.79 3.02
N LEU A 59 2.11 0.72 3.29
CA LEU A 59 1.92 0.26 4.65
C LEU A 59 3.24 -0.26 5.19
N LYS A 60 4.09 -0.73 4.27
CA LYS A 60 5.39 -1.26 4.66
C LYS A 60 6.19 -0.16 5.38
N HIS A 61 5.73 1.07 5.21
CA HIS A 61 6.39 2.19 5.83
C HIS A 61 5.34 3.18 6.34
N LYS A 62 4.14 2.67 6.58
CA LYS A 62 3.05 3.48 7.06
C LYS A 62 3.04 4.81 6.31
N PHE A 63 2.49 4.76 5.10
CA PHE A 63 2.41 5.96 4.27
C PHE A 63 3.74 6.70 4.25
N ASP A 64 4.62 6.27 3.37
CA ASP A 64 5.92 6.89 3.24
C ASP A 64 6.45 6.68 1.82
N VAL A 65 5.66 7.16 0.86
CA VAL A 65 6.04 7.03 -0.54
C VAL A 65 7.54 7.29 -0.68
N GLN A 66 7.95 8.48 -0.26
CA GLN A 66 9.34 8.87 -0.34
C GLN A 66 10.24 7.67 -0.04
N LYS A 67 9.79 6.84 0.89
CA LYS A 67 10.54 5.66 1.27
C LYS A 67 10.07 4.47 0.45
N ALA A 68 8.77 4.24 0.49
CA ALA A 68 8.17 3.14 -0.24
C ALA A 68 8.71 3.14 -1.68
N LEU A 69 9.03 4.33 -2.15
CA LEU A 69 9.56 4.48 -3.50
C LEU A 69 11.00 3.97 -3.54
N SER A 70 11.78 4.43 -2.58
CA SER A 70 13.18 4.02 -2.50
C SER A 70 13.28 2.51 -2.46
N VAL A 71 12.25 1.88 -1.92
CA VAL A 71 12.21 0.43 -1.83
C VAL A 71 11.51 -0.14 -3.06
N VAL A 72 10.37 0.46 -3.39
CA VAL A 72 9.60 0.02 -4.54
C VAL A 72 10.48 0.06 -5.78
N LEU A 73 11.49 0.91 -5.73
CA LEU A 73 12.42 1.04 -6.85
C LEU A 73 13.61 0.11 -6.63
N GLU A 74 14.18 0.20 -5.43
CA GLU A 74 15.33 -0.63 -5.09
C GLU A 74 15.03 -2.09 -5.41
N GLN A 75 13.76 -2.45 -5.31
CA GLN A 75 13.33 -3.81 -5.58
C GLN A 75 13.10 -4.00 -7.08
N ASP A 76 12.17 -3.22 -7.62
CA ASP A 76 11.86 -3.30 -9.03
C ASP A 76 13.16 -3.36 -9.84
N GLY A 77 14.07 -2.46 -9.50
CA GLY A 77 15.35 -2.40 -10.19
C GLY A 77 15.90 -3.81 -10.44
N SER A 78 15.52 -4.73 -9.57
CA SER A 78 15.95 -6.11 -9.69
C SER A 78 15.66 -6.63 -11.10
N GLY A 79 14.41 -6.44 -11.51
CA GLY A 79 13.98 -6.89 -12.82
C GLY A 79 15.03 -6.55 -13.89
N PRO A 80 15.13 -5.23 -14.20
CA PRO A 80 16.07 -4.75 -15.19
C PRO A 80 17.50 -4.75 -14.63
N SER A 81 18.01 -5.95 -14.40
CA SER A 81 19.35 -6.10 -13.86
C SER A 81 19.98 -7.40 -14.39
N SER A 82 21.30 -7.43 -14.34
CA SER A 82 22.04 -8.60 -14.81
C SER A 82 21.56 -9.85 -14.07
N GLY A 83 21.23 -10.86 -14.85
CA GLY A 83 20.75 -12.12 -14.29
C GLY A 83 20.29 -13.07 -15.39
N GLY A 1 -11.19 -4.13 -5.31
CA GLY A 1 -12.51 -4.64 -4.96
C GLY A 1 -13.35 -3.57 -4.26
N SER A 2 -14.26 -3.00 -5.02
CA SER A 2 -15.12 -1.95 -4.50
C SER A 2 -16.34 -1.76 -5.41
N SER A 3 -17.42 -2.44 -5.05
CA SER A 3 -18.64 -2.36 -5.82
C SER A 3 -19.85 -2.72 -4.95
N GLY A 4 -20.89 -1.90 -5.05
CA GLY A 4 -22.09 -2.13 -4.28
C GLY A 4 -22.45 -0.90 -3.44
N SER A 5 -21.64 -0.66 -2.43
CA SER A 5 -21.85 0.48 -1.54
C SER A 5 -23.27 0.41 -0.95
N SER A 6 -23.37 -0.27 0.18
CA SER A 6 -24.64 -0.41 0.85
C SER A 6 -24.43 -1.02 2.24
N GLY A 7 -24.01 -0.16 3.17
CA GLY A 7 -23.77 -0.60 4.53
C GLY A 7 -22.32 -1.03 4.73
N GLU A 8 -21.93 -2.06 3.99
CA GLU A 8 -20.57 -2.57 4.06
C GLU A 8 -19.57 -1.42 4.10
N TYR A 9 -19.79 -0.45 3.22
CA TYR A 9 -18.91 0.70 3.15
C TYR A 9 -18.72 1.33 4.53
N GLY A 10 -19.84 1.59 5.19
CA GLY A 10 -19.80 2.18 6.51
C GLY A 10 -19.26 1.19 7.55
N TYR A 11 -19.96 0.07 7.66
CA TYR A 11 -19.57 -0.97 8.60
C TYR A 11 -18.05 -1.10 8.68
N GLU A 12 -17.45 -1.25 7.50
CA GLU A 12 -16.00 -1.38 7.42
C GLU A 12 -15.32 -0.38 8.35
N ASP A 13 -15.58 0.89 8.10
CA ASP A 13 -15.00 1.95 8.91
C ASP A 13 -15.28 1.67 10.39
N LEU A 14 -16.57 1.47 10.68
CA LEU A 14 -16.98 1.21 12.04
C LEU A 14 -16.03 0.18 12.68
N ARG A 15 -15.85 -0.92 11.96
CA ARG A 15 -14.97 -1.97 12.43
C ARG A 15 -13.56 -1.42 12.68
N GLU A 16 -13.15 -1.47 13.95
CA GLU A 16 -11.84 -1.00 14.33
C GLU A 16 -10.75 -1.80 13.63
N SER A 17 -9.51 -1.54 14.04
CA SER A 17 -8.37 -2.24 13.45
C SER A 17 -7.73 -3.16 14.49
N SER A 18 -8.29 -4.34 14.62
CA SER A 18 -7.78 -5.31 15.57
C SER A 18 -6.72 -6.20 14.90
N ASN A 19 -7.15 -6.92 13.87
CA ASN A 19 -6.26 -7.80 13.15
C ASN A 19 -5.84 -7.13 11.84
N SER A 20 -4.76 -7.64 11.27
CA SER A 20 -4.25 -7.10 10.01
C SER A 20 -5.39 -7.00 8.99
N LEU A 21 -6.01 -8.14 8.74
CA LEU A 21 -7.11 -8.18 7.78
C LEU A 21 -8.07 -7.02 8.05
N LEU A 22 -8.46 -6.89 9.30
CA LEU A 22 -9.38 -5.83 9.70
C LEU A 22 -8.70 -4.48 9.45
N ASN A 23 -7.48 -4.36 9.93
CA ASN A 23 -6.73 -3.13 9.77
C ASN A 23 -6.67 -2.76 8.29
N HIS A 24 -6.62 -3.80 7.46
CA HIS A 24 -6.56 -3.60 6.02
C HIS A 24 -7.69 -2.65 5.59
N GLN A 25 -8.86 -2.88 6.17
CA GLN A 25 -10.02 -2.07 5.85
C GLN A 25 -9.66 -0.59 5.93
N LEU A 26 -8.82 -0.26 6.90
CA LEU A 26 -8.39 1.11 7.09
C LEU A 26 -9.62 2.01 7.21
N SER A 27 -9.36 3.28 7.50
CA SER A 27 -10.43 4.25 7.65
C SER A 27 -10.61 5.03 6.35
N GLU A 28 -11.84 5.47 6.12
CA GLU A 28 -12.15 6.23 4.93
C GLU A 28 -11.05 7.24 4.63
N ILE A 29 -10.62 7.91 5.70
CA ILE A 29 -9.57 8.91 5.57
C ILE A 29 -8.27 8.23 5.10
N ASP A 30 -7.75 7.36 5.95
CA ASP A 30 -6.53 6.65 5.63
C ASP A 30 -6.58 6.19 4.18
N GLN A 31 -7.67 5.53 3.82
CA GLN A 31 -7.84 5.05 2.47
C GLN A 31 -7.48 6.14 1.45
N ALA A 32 -8.16 7.27 1.60
CA ALA A 32 -7.92 8.39 0.70
C ALA A 32 -6.41 8.57 0.51
N ARG A 33 -5.72 8.65 1.64
CA ARG A 33 -4.27 8.83 1.61
C ARG A 33 -3.61 7.63 0.93
N LEU A 34 -4.14 6.45 1.22
CA LEU A 34 -3.61 5.23 0.64
C LEU A 34 -3.87 5.22 -0.86
N TYR A 35 -4.94 5.89 -1.25
CA TYR A 35 -5.32 5.97 -2.65
C TYR A 35 -4.59 7.12 -3.35
N SER A 36 -4.00 7.98 -2.53
CA SER A 36 -3.27 9.14 -3.05
C SER A 36 -1.80 8.79 -3.22
N CYS A 37 -1.40 7.69 -2.60
CA CYS A 37 -0.02 7.24 -2.69
C CYS A 37 0.08 6.21 -3.81
N LEU A 38 -0.90 5.32 -3.84
CA LEU A 38 -0.93 4.28 -4.86
C LEU A 38 -0.85 4.93 -6.25
N ASP A 39 -1.93 5.58 -6.63
CA ASP A 39 -1.99 6.25 -7.92
C ASP A 39 -0.62 6.82 -8.26
N HIS A 40 -0.13 7.67 -7.37
CA HIS A 40 1.17 8.29 -7.57
C HIS A 40 2.14 7.26 -8.16
N MET A 41 2.59 6.36 -7.31
CA MET A 41 3.52 5.32 -7.73
C MET A 41 2.94 4.52 -8.90
N ARG A 42 1.64 4.32 -8.85
CA ARG A 42 0.96 3.57 -9.89
C ARG A 42 0.97 4.34 -11.21
N GLU A 43 1.44 5.59 -11.12
CA GLU A 43 1.52 6.43 -12.29
C GLU A 43 2.86 6.22 -13.01
N VAL A 44 3.92 6.18 -12.21
CA VAL A 44 5.26 5.99 -12.75
C VAL A 44 5.60 4.50 -12.72
N LEU A 45 5.48 3.92 -11.52
CA LEU A 45 5.78 2.52 -11.34
C LEU A 45 4.62 1.68 -11.86
N GLY A 46 3.42 2.07 -11.45
CA GLY A 46 2.22 1.37 -11.87
C GLY A 46 2.34 0.88 -13.31
N ASP A 47 3.08 1.64 -14.10
CA ASP A 47 3.29 1.30 -15.50
C ASP A 47 3.44 -0.22 -15.63
N ALA A 48 4.39 -0.75 -14.88
CA ALA A 48 4.64 -2.19 -14.90
C ALA A 48 4.21 -2.80 -13.56
N VAL A 49 4.72 -2.23 -12.49
CA VAL A 49 4.40 -2.70 -11.16
C VAL A 49 2.89 -2.60 -10.93
N PRO A 50 2.34 -3.61 -10.21
CA PRO A 50 0.91 -3.64 -9.92
C PRO A 50 0.56 -2.62 -8.85
N ASP A 51 -0.62 -2.81 -8.27
CA ASP A 51 -1.09 -1.91 -7.22
C ASP A 51 -0.69 -2.47 -5.85
N ASP A 52 -1.11 -3.70 -5.60
CA ASP A 52 -0.80 -4.36 -4.35
C ASP A 52 0.63 -4.01 -3.93
N ILE A 53 1.58 -4.51 -4.70
CA ILE A 53 2.99 -4.24 -4.43
C ILE A 53 3.15 -2.80 -3.97
N LEU A 54 2.82 -1.89 -4.87
CA LEU A 54 2.93 -0.47 -4.57
C LEU A 54 2.24 -0.17 -3.24
N THR A 55 1.02 -0.67 -3.12
CA THR A 55 0.25 -0.47 -1.89
C THR A 55 1.04 -0.97 -0.69
N GLU A 56 1.23 -2.28 -0.63
CA GLU A 56 1.97 -2.88 0.47
C GLU A 56 3.14 -2.00 0.88
N ALA A 57 3.95 -1.66 -0.11
CA ALA A 57 5.11 -0.81 0.12
C ALA A 57 4.73 0.31 1.08
N ILE A 58 3.60 0.93 0.79
CA ILE A 58 3.11 2.03 1.61
C ILE A 58 2.80 1.51 3.01
N LEU A 59 2.15 0.35 3.04
CA LEU A 59 1.79 -0.28 4.31
C LEU A 59 3.04 -0.79 5.00
N LYS A 60 4.13 -0.84 4.24
CA LYS A 60 5.40 -1.31 4.78
C LYS A 60 6.12 -0.15 5.47
N HIS A 61 5.62 1.05 5.21
CA HIS A 61 6.20 2.24 5.80
C HIS A 61 5.09 3.14 6.35
N LYS A 62 3.98 2.50 6.69
CA LYS A 62 2.84 3.23 7.22
C LYS A 62 2.71 4.57 6.50
N PHE A 63 2.39 4.48 5.21
CA PHE A 63 2.23 5.66 4.39
C PHE A 63 3.50 6.50 4.38
N ASP A 64 4.29 6.30 3.34
CA ASP A 64 5.54 7.02 3.19
C ASP A 64 6.16 6.69 1.83
N VAL A 65 5.46 7.10 0.78
CA VAL A 65 5.92 6.86 -0.57
C VAL A 65 7.44 7.11 -0.64
N GLN A 66 7.82 8.33 -0.31
CA GLN A 66 9.22 8.70 -0.32
C GLN A 66 10.10 7.53 0.14
N LYS A 67 9.52 6.74 1.03
CA LYS A 67 10.24 5.58 1.55
C LYS A 67 9.87 4.34 0.73
N ALA A 68 8.57 4.18 0.51
CA ALA A 68 8.08 3.05 -0.26
C ALA A 68 8.74 3.05 -1.64
N LEU A 69 8.87 4.24 -2.20
CA LEU A 69 9.48 4.39 -3.52
C LEU A 69 10.98 4.12 -3.41
N SER A 70 11.57 4.66 -2.35
CA SER A 70 13.00 4.49 -2.12
C SER A 70 13.33 3.00 -2.01
N VAL A 71 12.36 2.24 -1.53
CA VAL A 71 12.54 0.81 -1.38
C VAL A 71 12.04 0.10 -2.64
N VAL A 72 10.84 0.46 -3.05
CA VAL A 72 10.24 -0.13 -4.23
C VAL A 72 11.20 0.01 -5.41
N LEU A 73 11.81 1.19 -5.49
CA LEU A 73 12.76 1.47 -6.56
C LEU A 73 13.77 0.32 -6.65
N GLU A 74 14.44 0.09 -5.54
CA GLU A 74 15.44 -0.96 -5.48
C GLU A 74 14.80 -2.32 -5.78
N GLN A 75 13.73 -2.61 -5.05
CA GLN A 75 13.02 -3.86 -5.23
C GLN A 75 12.73 -4.11 -6.71
N ASP A 76 11.93 -3.21 -7.28
CA ASP A 76 11.58 -3.31 -8.68
C ASP A 76 12.83 -3.59 -9.51
N GLY A 77 13.90 -2.91 -9.15
CA GLY A 77 15.16 -3.08 -9.84
C GLY A 77 15.48 -4.57 -10.05
N SER A 78 14.99 -5.37 -9.11
CA SER A 78 15.21 -6.81 -9.17
C SER A 78 14.64 -7.38 -10.47
N GLY A 79 13.48 -6.85 -10.84
CA GLY A 79 12.81 -7.30 -12.05
C GLY A 79 13.78 -7.34 -13.23
N PRO A 80 14.22 -6.13 -13.67
CA PRO A 80 15.14 -6.02 -14.78
C PRO A 80 16.56 -6.40 -14.34
N SER A 81 16.74 -7.69 -14.10
CA SER A 81 18.03 -8.21 -13.68
C SER A 81 18.47 -7.53 -12.38
N SER A 82 19.52 -8.07 -11.79
CA SER A 82 20.05 -7.54 -10.55
C SER A 82 21.01 -6.38 -10.84
N GLY A 83 22.05 -6.70 -11.58
CA GLY A 83 23.04 -5.70 -11.93
C GLY A 83 23.94 -6.19 -13.07
#